data_6W9Z
# 
_entry.id   6W9Z 
# 
_audit_conform.dict_name       mmcif_pdbx.dic 
_audit_conform.dict_version    5.380 
_audit_conform.dict_location   http://mmcif.pdb.org/dictionaries/ascii/mmcif_pdbx.dic 
# 
loop_
_database_2.database_id 
_database_2.database_code 
_database_2.pdbx_database_accession 
_database_2.pdbx_DOI 
PDB   6W9Z         pdb_00006w9z 10.2210/pdb6w9z/pdb 
WWPDB D_1000247879 ?            ?                   
# 
_pdbx_database_status.status_code                     REL 
_pdbx_database_status.status_code_sf                  REL 
_pdbx_database_status.status_code_mr                  ? 
_pdbx_database_status.entry_id                        6W9Z 
_pdbx_database_status.recvd_initial_deposition_date   2020-03-24 
_pdbx_database_status.SG_entry                        N 
_pdbx_database_status.deposit_site                    RCSB 
_pdbx_database_status.process_site                    RCSB 
_pdbx_database_status.status_code_cs                  ? 
_pdbx_database_status.status_code_nmr_data            ? 
_pdbx_database_status.methods_development_category    ? 
_pdbx_database_status.pdb_format_compatible           Y 
# 
loop_
_audit_author.name 
_audit_author.pdbx_ordinal 
_audit_author.identifier_ORCID 
'Call, M.J.'     1 0000-0001-7684-5841 
'Call, M.E.'     2 0000-0001-5846-6469 
'Chandler, N.J.' 3 0000-0003-4093-7503 
'Nguyen, J.V.'   4 0000-0003-1855-1751 
'Trenker, R.'    5 0000-0003-1748-0517 
# 
_citation.abstract                  ? 
_citation.abstract_id_CAS           ? 
_citation.book_id_ISBN              ? 
_citation.book_publisher            ? 
_citation.book_publisher_city       ? 
_citation.book_title                ? 
_citation.coordinate_linkage        ? 
_citation.country                   ? 
_citation.database_id_Medline       ? 
_citation.details                   ? 
_citation.id                        primary 
_citation.journal_abbrev            'To Be Published' 
_citation.journal_id_ASTM           ? 
_citation.journal_id_CSD            0353 
_citation.journal_id_ISSN           ? 
_citation.journal_full              ? 
_citation.journal_issue             ? 
_citation.journal_volume            ? 
_citation.language                  ? 
_citation.page_first                ? 
_citation.page_last                 ? 
_citation.title                     
'De novo designed receptor transmembrane domains enhance CAR-T cytotoxicity and attenuate cytokine release' 
_citation.year                      ? 
_citation.database_id_CSD           ? 
_citation.pdbx_database_id_DOI      ? 
_citation.pdbx_database_id_PubMed   ? 
_citation.unpublished_flag          ? 
# 
loop_
_citation_author.citation_id 
_citation_author.name 
_citation_author.ordinal 
_citation_author.identifier_ORCID 
primary 'Elazar, A.'      1  0000-0002-5281-0908 
primary 'Chandler, N.J.'  2  0000-0003-4093-7503 
primary 'Davey, A.S.'     3  0000-0001-8372-7894 
primary 'Weinstein, J.Y.' 4  0000-0001-7581-965X 
primary 'Nguyen, J.V.'    5  0000-0003-1855-1751 
primary 'Trenker, R.'     6  0000-0003-1748-0517 
primary 'Jenkins, M.'     7  0000-0001-6564-2715 
primary 'Call, M.J.'      8  0000-0001-7684-5841 
primary 'Call, M.E.'      9  0000-0001-5846-6469 
primary 'Fleishman, S.J.' 10 0000-0002-6831-3770 
# 
_cell.angle_alpha                  90.000 
_cell.angle_alpha_esd              ? 
_cell.angle_beta                   90.000 
_cell.angle_beta_esd               ? 
_cell.angle_gamma                  90.000 
_cell.angle_gamma_esd              ? 
_cell.entry_id                     6W9Z 
_cell.details                      ? 
_cell.formula_units_Z              ? 
_cell.length_a                     44.100 
_cell.length_a_esd                 ? 
_cell.length_b                     56.205 
_cell.length_b_esd                 ? 
_cell.length_c                     91.637 
_cell.length_c_esd                 ? 
_cell.volume                       ? 
_cell.volume_esd                   ? 
_cell.Z_PDB                        24 
_cell.reciprocal_angle_alpha       ? 
_cell.reciprocal_angle_beta        ? 
_cell.reciprocal_angle_gamma       ? 
_cell.reciprocal_angle_alpha_esd   ? 
_cell.reciprocal_angle_beta_esd    ? 
_cell.reciprocal_angle_gamma_esd   ? 
_cell.reciprocal_length_a          ? 
_cell.reciprocal_length_b          ? 
_cell.reciprocal_length_c          ? 
_cell.reciprocal_length_a_esd      ? 
_cell.reciprocal_length_b_esd      ? 
_cell.reciprocal_length_c_esd      ? 
_cell.pdbx_unique_axis             ? 
# 
_symmetry.entry_id                         6W9Z 
_symmetry.cell_setting                     ? 
_symmetry.Int_Tables_number                18 
_symmetry.space_group_name_Hall            ? 
_symmetry.space_group_name_H-M             'P 2 21 21' 
_symmetry.pdbx_full_space_group_name_H-M   ? 
# 
loop_
_entity.id 
_entity.type 
_entity.src_method 
_entity.pdbx_description 
_entity.formula_weight 
_entity.pdbx_number_of_molecules 
_entity.pdbx_ec 
_entity.pdbx_mutation 
_entity.pdbx_fragment 
_entity.details 
1 polymer     man 'De novo designed receptor transmembrane domain ProMP C2.1' 3515.323 6 ? ? ? ? 
2 non-polymer syn '(2S)-2,3-dihydroxypropyl (9Z)-octadec-9-enoate'            356.540  2 ? ? ? ? 
3 water       nat water                                                       18.015   2 ? ? ? ? 
# 
_entity_poly.entity_id                      1 
_entity_poly.type                           'polypeptide(L)' 
_entity_poly.nstd_linkage                   no 
_entity_poly.nstd_monomer                   yes 
_entity_poly.pdbx_seq_one_letter_code       'EPELTVALILGIFLGTFIAFWVVYLLRRL(SCH)' 
_entity_poly.pdbx_seq_one_letter_code_can   EPELTVALILGIFLGTFIAFWVVYLLRRLC 
_entity_poly.pdbx_strand_id                 A,B,C,D,E,F 
_entity_poly.pdbx_target_identifier         ? 
# 
loop_
_entity_poly_seq.entity_id 
_entity_poly_seq.num 
_entity_poly_seq.mon_id 
_entity_poly_seq.hetero 
1 1  GLU n 
1 2  PRO n 
1 3  GLU n 
1 4  LEU n 
1 5  THR n 
1 6  VAL n 
1 7  ALA n 
1 8  LEU n 
1 9  ILE n 
1 10 LEU n 
1 11 GLY n 
1 12 ILE n 
1 13 PHE n 
1 14 LEU n 
1 15 GLY n 
1 16 THR n 
1 17 PHE n 
1 18 ILE n 
1 19 ALA n 
1 20 PHE n 
1 21 TRP n 
1 22 VAL n 
1 23 VAL n 
1 24 TYR n 
1 25 LEU n 
1 26 LEU n 
1 27 ARG n 
1 28 ARG n 
1 29 LEU n 
1 30 SCH n 
# 
_entity_src_gen.entity_id                          1 
_entity_src_gen.pdbx_src_id                        1 
_entity_src_gen.pdbx_alt_source_flag               sample 
_entity_src_gen.pdbx_seq_type                      'Biological sequence' 
_entity_src_gen.pdbx_beg_seq_num                   1 
_entity_src_gen.pdbx_end_seq_num                   30 
_entity_src_gen.gene_src_common_name               ? 
_entity_src_gen.gene_src_genus                     ? 
_entity_src_gen.pdbx_gene_src_gene                 ? 
_entity_src_gen.gene_src_species                   ? 
_entity_src_gen.gene_src_strain                    ? 
_entity_src_gen.gene_src_tissue                    ? 
_entity_src_gen.gene_src_tissue_fraction           ? 
_entity_src_gen.gene_src_details                   ? 
_entity_src_gen.pdbx_gene_src_fragment             ? 
_entity_src_gen.pdbx_gene_src_scientific_name      'synthetic construct' 
_entity_src_gen.pdbx_gene_src_ncbi_taxonomy_id     32630 
_entity_src_gen.pdbx_gene_src_variant              ? 
_entity_src_gen.pdbx_gene_src_cell_line            ? 
_entity_src_gen.pdbx_gene_src_atcc                 ? 
_entity_src_gen.pdbx_gene_src_organ                ? 
_entity_src_gen.pdbx_gene_src_organelle            ? 
_entity_src_gen.pdbx_gene_src_cell                 ? 
_entity_src_gen.pdbx_gene_src_cellular_location    ? 
_entity_src_gen.host_org_common_name               ? 
_entity_src_gen.pdbx_host_org_scientific_name      'Escherichia coli BL21(DE3)' 
_entity_src_gen.pdbx_host_org_ncbi_taxonomy_id     469008 
_entity_src_gen.host_org_genus                     ? 
_entity_src_gen.pdbx_host_org_gene                 ? 
_entity_src_gen.pdbx_host_org_organ                ? 
_entity_src_gen.host_org_species                   ? 
_entity_src_gen.pdbx_host_org_tissue               ? 
_entity_src_gen.pdbx_host_org_tissue_fraction      ? 
_entity_src_gen.pdbx_host_org_strain               'BL21(DE3)' 
_entity_src_gen.pdbx_host_org_variant              ? 
_entity_src_gen.pdbx_host_org_cell_line            ? 
_entity_src_gen.pdbx_host_org_atcc                 ? 
_entity_src_gen.pdbx_host_org_culture_collection   ? 
_entity_src_gen.pdbx_host_org_cell                 ? 
_entity_src_gen.pdbx_host_org_organelle            ? 
_entity_src_gen.pdbx_host_org_cellular_location    ? 
_entity_src_gen.pdbx_host_org_vector_type          ? 
_entity_src_gen.pdbx_host_org_vector               ? 
_entity_src_gen.host_org_details                   ? 
_entity_src_gen.expression_system_id               ? 
_entity_src_gen.plasmid_name                       'pMM-TrpLE fusion' 
_entity_src_gen.plasmid_details                    ? 
_entity_src_gen.pdbx_description                   ? 
# 
_struct_ref.id                         1 
_struct_ref.db_name                    PDB 
_struct_ref.db_code                    6W9Z 
_struct_ref.pdbx_db_accession          6W9Z 
_struct_ref.pdbx_db_isoform            ? 
_struct_ref.entity_id                  1 
_struct_ref.pdbx_seq_one_letter_code   ? 
_struct_ref.pdbx_align_begin           1 
# 
loop_
_struct_ref_seq.align_id 
_struct_ref_seq.ref_id 
_struct_ref_seq.pdbx_PDB_id_code 
_struct_ref_seq.pdbx_strand_id 
_struct_ref_seq.seq_align_beg 
_struct_ref_seq.pdbx_seq_align_beg_ins_code 
_struct_ref_seq.seq_align_end 
_struct_ref_seq.pdbx_seq_align_end_ins_code 
_struct_ref_seq.pdbx_db_accession 
_struct_ref_seq.db_align_beg 
_struct_ref_seq.pdbx_db_align_beg_ins_code 
_struct_ref_seq.db_align_end 
_struct_ref_seq.pdbx_db_align_end_ins_code 
_struct_ref_seq.pdbx_auth_seq_align_beg 
_struct_ref_seq.pdbx_auth_seq_align_end 
1 1 6W9Z A 1 ? 30 ? 6W9Z 69 ? 98 ? 69 98 
2 1 6W9Z B 1 ? 30 ? 6W9Z 69 ? 98 ? 69 98 
3 1 6W9Z C 1 ? 30 ? 6W9Z 69 ? 98 ? 69 98 
4 1 6W9Z D 1 ? 30 ? 6W9Z 69 ? 98 ? 69 98 
5 1 6W9Z E 1 ? 30 ? 6W9Z 69 ? 98 ? 69 98 
6 1 6W9Z F 1 ? 30 ? 6W9Z 69 ? 98 ? 69 98 
# 
loop_
_chem_comp.id 
_chem_comp.type 
_chem_comp.mon_nstd_flag 
_chem_comp.name 
_chem_comp.pdbx_synonyms 
_chem_comp.formula 
_chem_comp.formula_weight 
ALA 'L-peptide linking' y ALANINE                                          ? 'C3 H7 N O2'     89.093  
ARG 'L-peptide linking' y ARGININE                                         ? 'C6 H15 N4 O2 1' 175.209 
GLU 'L-peptide linking' y 'GLUTAMIC ACID'                                  ? 'C5 H9 N O4'     147.129 
GLY 'peptide linking'   y GLYCINE                                          ? 'C2 H5 N O2'     75.067  
HOH non-polymer         . WATER                                            ? 'H2 O'           18.015  
ILE 'L-peptide linking' y ISOLEUCINE                                       ? 'C6 H13 N O2'    131.173 
LEU 'L-peptide linking' y LEUCINE                                          ? 'C6 H13 N O2'    131.173 
OLB non-polymer         . '(2S)-2,3-dihydroxypropyl (9Z)-octadec-9-enoate' ? 'C21 H40 O4'     356.540 
PHE 'L-peptide linking' y PHENYLALANINE                                    ? 'C9 H11 N O2'    165.189 
PRO 'L-peptide linking' y PROLINE                                          ? 'C5 H9 N O2'     115.130 
SCH 'L-peptide linking' n S-METHYL-THIO-CYSTEINE                           ? 'C4 H9 N O2 S2'  167.250 
THR 'L-peptide linking' y THREONINE                                        ? 'C4 H9 N O3'     119.119 
TRP 'L-peptide linking' y TRYPTOPHAN                                       ? 'C11 H12 N2 O2'  204.225 
TYR 'L-peptide linking' y TYROSINE                                         ? 'C9 H11 N O3'    181.189 
VAL 'L-peptide linking' y VALINE                                           ? 'C5 H11 N O2'    117.146 
# 
_exptl.absorpt_coefficient_mu     ? 
_exptl.absorpt_correction_T_max   ? 
_exptl.absorpt_correction_T_min   ? 
_exptl.absorpt_correction_type    ? 
_exptl.absorpt_process_details    ? 
_exptl.entry_id                   6W9Z 
_exptl.crystals_number            1 
_exptl.details                    ? 
_exptl.method                     'X-RAY DIFFRACTION' 
_exptl.method_details             ? 
# 
_exptl_crystal.colour                      ? 
_exptl_crystal.density_diffrn              ? 
_exptl_crystal.density_Matthews            2.8 
_exptl_crystal.density_method              ? 
_exptl_crystal.density_percent_sol         56.2 
_exptl_crystal.description                 'Rhomboid Plates' 
_exptl_crystal.F_000                       ? 
_exptl_crystal.id                          1 
_exptl_crystal.preparation                 ? 
_exptl_crystal.size_max                    ? 
_exptl_crystal.size_mid                    ? 
_exptl_crystal.size_min                    ? 
_exptl_crystal.size_rad                    ? 
_exptl_crystal.colour_lustre               ? 
_exptl_crystal.colour_modifier             ? 
_exptl_crystal.colour_primary              ? 
_exptl_crystal.density_meas                ? 
_exptl_crystal.density_meas_esd            ? 
_exptl_crystal.density_meas_gt             ? 
_exptl_crystal.density_meas_lt             ? 
_exptl_crystal.density_meas_temp           ? 
_exptl_crystal.density_meas_temp_esd       ? 
_exptl_crystal.density_meas_temp_gt        ? 
_exptl_crystal.density_meas_temp_lt        ? 
_exptl_crystal.pdbx_crystal_image_url      ? 
_exptl_crystal.pdbx_crystal_image_format   ? 
_exptl_crystal.pdbx_mosaicity              ? 
_exptl_crystal.pdbx_mosaicity_esd          ? 
# 
_exptl_crystal_grow.apparatus       ? 
_exptl_crystal_grow.atmosphere      ? 
_exptl_crystal_grow.crystal_id      1 
_exptl_crystal_grow.details         ? 
_exptl_crystal_grow.method          'LIPIDIC CUBIC PHASE' 
_exptl_crystal_grow.method_ref      ? 
_exptl_crystal_grow.pH              6.7 
_exptl_crystal_grow.pressure        ? 
_exptl_crystal_grow.pressure_esd    ? 
_exptl_crystal_grow.seeding         ? 
_exptl_crystal_grow.seeding_ref     ? 
_exptl_crystal_grow.temp            293 
_exptl_crystal_grow.temp_details    ? 
_exptl_crystal_grow.temp_esd        ? 
_exptl_crystal_grow.time            ? 
_exptl_crystal_grow.pdbx_details    
;40 mg/ml peptide in LCP
8 v/v 2-methyl-2,4-pentanediol
0.1 M ADA pH 6.7
0.4 M potassium nitrate
0.1 M tripotassium citrate
;
_exptl_crystal_grow.pdbx_pH_range   ? 
# 
_diffrn.ambient_environment              ? 
_diffrn.ambient_temp                     100 
_diffrn.ambient_temp_details             ? 
_diffrn.ambient_temp_esd                 ? 
_diffrn.crystal_id                       1 
_diffrn.crystal_support                  ? 
_diffrn.crystal_treatment                ? 
_diffrn.details                          ? 
_diffrn.id                               1 
_diffrn.ambient_pressure                 ? 
_diffrn.ambient_pressure_esd             ? 
_diffrn.ambient_pressure_gt              ? 
_diffrn.ambient_pressure_lt              ? 
_diffrn.ambient_temp_gt                  ? 
_diffrn.ambient_temp_lt                  ? 
_diffrn.pdbx_serial_crystal_experiment   N 
# 
_diffrn_detector.details                      ? 
_diffrn_detector.detector                     PIXEL 
_diffrn_detector.diffrn_id                    1 
_diffrn_detector.type                         'DECTRIS EIGER X 16M' 
_diffrn_detector.area_resol_mean              ? 
_diffrn_detector.dtime                        ? 
_diffrn_detector.pdbx_frames_total            ? 
_diffrn_detector.pdbx_collection_time_total   ? 
_diffrn_detector.pdbx_collection_date         2018-11-19 
_diffrn_detector.pdbx_frequency               ? 
# 
_diffrn_radiation.collimation                      ? 
_diffrn_radiation.diffrn_id                        1 
_diffrn_radiation.filter_edge                      ? 
_diffrn_radiation.inhomogeneity                    ? 
_diffrn_radiation.monochromator                    ? 
_diffrn_radiation.polarisn_norm                    ? 
_diffrn_radiation.polarisn_ratio                   ? 
_diffrn_radiation.probe                            ? 
_diffrn_radiation.type                             ? 
_diffrn_radiation.xray_symbol                      ? 
_diffrn_radiation.wavelength_id                    1 
_diffrn_radiation.pdbx_monochromatic_or_laue_m_l   M 
_diffrn_radiation.pdbx_wavelength_list             ? 
_diffrn_radiation.pdbx_wavelength                  ? 
_diffrn_radiation.pdbx_diffrn_protocol             'SINGLE WAVELENGTH' 
_diffrn_radiation.pdbx_analyzer                    ? 
_diffrn_radiation.pdbx_scattering_type             x-ray 
# 
_diffrn_radiation_wavelength.id           1 
_diffrn_radiation_wavelength.wavelength   0.95366 
_diffrn_radiation_wavelength.wt           1.0 
# 
_diffrn_source.current                     ? 
_diffrn_source.details                     ? 
_diffrn_source.diffrn_id                   1 
_diffrn_source.power                       ? 
_diffrn_source.size                        ? 
_diffrn_source.source                      SYNCHROTRON 
_diffrn_source.target                      ? 
_diffrn_source.type                        'AUSTRALIAN SYNCHROTRON BEAMLINE MX2' 
_diffrn_source.voltage                     ? 
_diffrn_source.take-off_angle              ? 
_diffrn_source.pdbx_wavelength_list        0.95366 
_diffrn_source.pdbx_wavelength             ? 
_diffrn_source.pdbx_synchrotron_beamline   MX2 
_diffrn_source.pdbx_synchrotron_site       'Australian Synchrotron' 
# 
_reflns.B_iso_Wilson_estimate            ? 
_reflns.entry_id                         6W9Z 
_reflns.data_reduction_details           ? 
_reflns.data_reduction_method            ? 
_reflns.d_resolution_high                2.7 
_reflns.d_resolution_low                 39.74 
_reflns.details                          ? 
_reflns.limit_h_max                      ? 
_reflns.limit_h_min                      ? 
_reflns.limit_k_max                      ? 
_reflns.limit_k_min                      ? 
_reflns.limit_l_max                      ? 
_reflns.limit_l_min                      ? 
_reflns.number_all                       ? 
_reflns.number_obs                       6655 
_reflns.observed_criterion               ? 
_reflns.observed_criterion_F_max         ? 
_reflns.observed_criterion_F_min         ? 
_reflns.observed_criterion_I_max         ? 
_reflns.observed_criterion_I_min         ? 
_reflns.observed_criterion_sigma_F       ? 
_reflns.observed_criterion_sigma_I       ? 
_reflns.percent_possible_obs             96.14 
_reflns.R_free_details                   ? 
_reflns.Rmerge_F_all                     ? 
_reflns.Rmerge_F_obs                     ? 
_reflns.Friedel_coverage                 ? 
_reflns.number_gt                        ? 
_reflns.threshold_expression             ? 
_reflns.pdbx_redundancy                  4.4 
_reflns.pdbx_Rmerge_I_obs                0.07022 
_reflns.pdbx_Rmerge_I_all                ? 
_reflns.pdbx_Rsym_value                  ? 
_reflns.pdbx_netI_over_av_sigmaI         ? 
_reflns.pdbx_netI_over_sigmaI            13.26 
_reflns.pdbx_res_netI_over_av_sigmaI_2   ? 
_reflns.pdbx_res_netI_over_sigmaI_2      ? 
_reflns.pdbx_chi_squared                 ? 
_reflns.pdbx_scaling_rejects             ? 
_reflns.pdbx_d_res_high_opt              ? 
_reflns.pdbx_d_res_low_opt               ? 
_reflns.pdbx_d_res_opt_method            ? 
_reflns.phase_calculation_details        ? 
_reflns.pdbx_Rrim_I_all                  0.0798 
_reflns.pdbx_Rpim_I_all                  0.03716 
_reflns.pdbx_d_opt                       ? 
_reflns.pdbx_number_measured_all         ? 
_reflns.pdbx_diffrn_id                   1 
_reflns.pdbx_ordinal                     1 
_reflns.pdbx_CC_half                     0.999 
_reflns.pdbx_CC_star                     1.000 
_reflns.pdbx_R_split                     ? 
# 
_reflns_shell.d_res_high                  2.7 
_reflns_shell.d_res_low                   2.796 
_reflns_shell.meanI_over_sigI_all         ? 
_reflns_shell.meanI_over_sigI_obs         1.86 
_reflns_shell.number_measured_all         ? 
_reflns_shell.number_measured_obs         ? 
_reflns_shell.number_possible             ? 
_reflns_shell.number_unique_all           ? 
_reflns_shell.number_unique_obs           444 
_reflns_shell.percent_possible_all        68.62 
_reflns_shell.percent_possible_obs        ? 
_reflns_shell.Rmerge_F_all                ? 
_reflns_shell.Rmerge_F_obs                ? 
_reflns_shell.Rmerge_I_all                ? 
_reflns_shell.Rmerge_I_obs                0.8554 
_reflns_shell.meanI_over_sigI_gt          ? 
_reflns_shell.meanI_over_uI_all           ? 
_reflns_shell.meanI_over_uI_gt            ? 
_reflns_shell.number_measured_gt          ? 
_reflns_shell.number_unique_gt            ? 
_reflns_shell.percent_possible_gt         ? 
_reflns_shell.Rmerge_F_gt                 ? 
_reflns_shell.Rmerge_I_gt                 ? 
_reflns_shell.pdbx_redundancy             4.4 
_reflns_shell.pdbx_Rsym_value             ? 
_reflns_shell.pdbx_chi_squared            ? 
_reflns_shell.pdbx_netI_over_sigmaI_all   ? 
_reflns_shell.pdbx_netI_over_sigmaI_obs   ? 
_reflns_shell.pdbx_Rrim_I_all             0.9694 
_reflns_shell.pdbx_Rpim_I_all             0.4492 
_reflns_shell.pdbx_rejects                ? 
_reflns_shell.pdbx_ordinal                1 
_reflns_shell.pdbx_diffrn_id              1 
_reflns_shell.pdbx_CC_half                0.615 
_reflns_shell.pdbx_CC_star                0.4492 
_reflns_shell.pdbx_R_split                ? 
# 
_refine.aniso_B[1][1]                            ? 
_refine.aniso_B[1][2]                            ? 
_refine.aniso_B[1][3]                            ? 
_refine.aniso_B[2][2]                            ? 
_refine.aniso_B[2][3]                            ? 
_refine.aniso_B[3][3]                            ? 
_refine.B_iso_max                                102.320 
_refine.B_iso_mean                               38.0009 
_refine.B_iso_min                                9.380 
_refine.correlation_coeff_Fo_to_Fc               ? 
_refine.correlation_coeff_Fo_to_Fc_free          ? 
_refine.details                                  ? 
_refine.diff_density_max                         ? 
_refine.diff_density_max_esd                     ? 
_refine.diff_density_min                         ? 
_refine.diff_density_min_esd                     ? 
_refine.diff_density_rms                         ? 
_refine.diff_density_rms_esd                     ? 
_refine.entry_id                                 6W9Z 
_refine.pdbx_refine_id                           'X-RAY DIFFRACTION' 
_refine.ls_abs_structure_details                 ? 
_refine.ls_abs_structure_Flack                   ? 
_refine.ls_abs_structure_Flack_esd               ? 
_refine.ls_abs_structure_Rogers                  ? 
_refine.ls_abs_structure_Rogers_esd              ? 
_refine.ls_d_res_high                            2.7000 
_refine.ls_d_res_low                             39.7380 
_refine.ls_extinction_coef                       ? 
_refine.ls_extinction_coef_esd                   ? 
_refine.ls_extinction_expression                 ? 
_refine.ls_extinction_method                     ? 
_refine.ls_goodness_of_fit_all                   ? 
_refine.ls_goodness_of_fit_all_esd               ? 
_refine.ls_goodness_of_fit_obs                   ? 
_refine.ls_goodness_of_fit_obs_esd               ? 
_refine.ls_hydrogen_treatment                    ? 
_refine.ls_matrix_type                           ? 
_refine.ls_number_constraints                    ? 
_refine.ls_number_parameters                     ? 
_refine.ls_number_reflns_all                     ? 
_refine.ls_number_reflns_obs                     6409 
_refine.ls_number_reflns_R_free                  642 
_refine.ls_number_reflns_R_work                  ? 
_refine.ls_number_restraints                     ? 
_refine.ls_percent_reflns_obs                    96.1900 
_refine.ls_percent_reflns_R_free                 10.0200 
_refine.ls_R_factor_all                          ? 
_refine.ls_R_factor_obs                          0.2244 
_refine.ls_R_factor_R_free                       0.2755 
_refine.ls_R_factor_R_free_error                 ? 
_refine.ls_R_factor_R_free_error_details         ? 
_refine.ls_R_factor_R_work                       0.2189 
_refine.ls_R_Fsqd_factor_obs                     ? 
_refine.ls_R_I_factor_obs                        ? 
_refine.ls_redundancy_reflns_all                 ? 
_refine.ls_redundancy_reflns_obs                 ? 
_refine.ls_restrained_S_all                      ? 
_refine.ls_restrained_S_obs                      ? 
_refine.ls_shift_over_esd_max                    ? 
_refine.ls_shift_over_esd_mean                   ? 
_refine.ls_structure_factor_coef                 ? 
_refine.ls_weighting_details                     ? 
_refine.ls_weighting_scheme                      ? 
_refine.ls_wR_factor_all                         ? 
_refine.ls_wR_factor_obs                         ? 
_refine.ls_wR_factor_R_free                      ? 
_refine.ls_wR_factor_R_work                      ? 
_refine.occupancy_max                            ? 
_refine.occupancy_min                            ? 
_refine.solvent_model_details                    ? 
_refine.solvent_model_param_bsol                 ? 
_refine.solvent_model_param_ksol                 ? 
_refine.pdbx_R_complete                          ? 
_refine.ls_R_factor_gt                           ? 
_refine.ls_goodness_of_fit_gt                    ? 
_refine.ls_goodness_of_fit_ref                   ? 
_refine.ls_shift_over_su_max                     ? 
_refine.ls_shift_over_su_max_lt                  ? 
_refine.ls_shift_over_su_mean                    ? 
_refine.ls_shift_over_su_mean_lt                 ? 
_refine.pdbx_ls_sigma_I                          ? 
_refine.pdbx_ls_sigma_F                          1.460 
_refine.pdbx_ls_sigma_Fsqd                       ? 
_refine.pdbx_data_cutoff_high_absF               ? 
_refine.pdbx_data_cutoff_high_rms_absF           ? 
_refine.pdbx_data_cutoff_low_absF                ? 
_refine.pdbx_isotropic_thermal_model             ? 
_refine.pdbx_ls_cross_valid_method               THROUGHOUT 
_refine.pdbx_method_to_determine_struct          'MOLECULAR REPLACEMENT' 
_refine.pdbx_starting_model                      5EH6 
_refine.pdbx_stereochemistry_target_values       ? 
_refine.pdbx_R_Free_selection_details            ? 
_refine.pdbx_stereochem_target_val_spec_case     ? 
_refine.pdbx_overall_ESU_R                       ? 
_refine.pdbx_overall_ESU_R_Free                  ? 
_refine.pdbx_solvent_vdw_probe_radii             1.1100 
_refine.pdbx_solvent_ion_probe_radii             ? 
_refine.pdbx_solvent_shrinkage_radii             0.9000 
_refine.pdbx_real_space_R                        ? 
_refine.pdbx_density_correlation                 ? 
_refine.pdbx_pd_number_of_powder_patterns        ? 
_refine.pdbx_pd_number_of_points                 ? 
_refine.pdbx_pd_meas_number_of_points            ? 
_refine.pdbx_pd_proc_ls_prof_R_factor            ? 
_refine.pdbx_pd_proc_ls_prof_wR_factor           ? 
_refine.pdbx_pd_Marquardt_correlation_coeff      ? 
_refine.pdbx_pd_Fsqrd_R_factor                   ? 
_refine.pdbx_pd_ls_matrix_band_width             ? 
_refine.pdbx_overall_phase_error                 28.7800 
_refine.pdbx_overall_SU_R_free_Cruickshank_DPI   ? 
_refine.pdbx_overall_SU_R_free_Blow_DPI          ? 
_refine.pdbx_overall_SU_R_Blow_DPI               ? 
_refine.pdbx_TLS_residual_ADP_flag               ? 
_refine.pdbx_diffrn_id                           1 
_refine.overall_SU_B                             ? 
_refine.overall_SU_ML                            0.2400 
_refine.overall_SU_R_Cruickshank_DPI             ? 
_refine.overall_SU_R_free                        ? 
_refine.overall_FOM_free_R_set                   ? 
_refine.overall_FOM_work_R_set                   ? 
_refine.pdbx_average_fsc_overall                 ? 
_refine.pdbx_average_fsc_work                    ? 
_refine.pdbx_average_fsc_free                    ? 
# 
_refine_hist.pdbx_refine_id                   'X-RAY DIFFRACTION' 
_refine_hist.cycle_id                         final 
_refine_hist.details                          ? 
_refine_hist.d_res_high                       2.7000 
_refine_hist.d_res_low                        39.7380 
_refine_hist.number_atoms_solvent             2 
_refine_hist.number_atoms_total               1479 
_refine_hist.number_reflns_all                ? 
_refine_hist.number_reflns_obs                ? 
_refine_hist.number_reflns_R_free             ? 
_refine_hist.number_reflns_R_work             ? 
_refine_hist.R_factor_all                     ? 
_refine_hist.R_factor_obs                     ? 
_refine_hist.R_factor_R_free                  ? 
_refine_hist.R_factor_R_work                  ? 
_refine_hist.pdbx_number_residues_total       173 
_refine_hist.pdbx_B_iso_mean_ligand           44.66 
_refine_hist.pdbx_B_iso_mean_solvent          38.10 
_refine_hist.pdbx_number_atoms_protein        1427 
_refine_hist.pdbx_number_atoms_nucleic_acid   0 
_refine_hist.pdbx_number_atoms_ligand         50 
_refine_hist.pdbx_number_atoms_lipid          ? 
_refine_hist.pdbx_number_atoms_carb           ? 
_refine_hist.pdbx_pseudo_atom_details         ? 
# 
loop_
_refine_ls_shell.pdbx_refine_id 
_refine_ls_shell.d_res_high 
_refine_ls_shell.d_res_low 
_refine_ls_shell.number_reflns_all 
_refine_ls_shell.number_reflns_obs 
_refine_ls_shell.number_reflns_R_free 
_refine_ls_shell.number_reflns_R_work 
_refine_ls_shell.percent_reflns_obs 
_refine_ls_shell.percent_reflns_R_free 
_refine_ls_shell.R_factor_all 
_refine_ls_shell.R_factor_obs 
_refine_ls_shell.R_factor_R_free 
_refine_ls_shell.R_factor_R_free_error 
_refine_ls_shell.R_factor_R_work 
_refine_ls_shell.redundancy_reflns_all 
_refine_ls_shell.redundancy_reflns_obs 
_refine_ls_shell.wR_factor_all 
_refine_ls_shell.wR_factor_obs 
_refine_ls_shell.wR_factor_R_free 
_refine_ls_shell.wR_factor_R_work 
_refine_ls_shell.pdbx_R_complete 
_refine_ls_shell.pdbx_total_number_of_bins_used 
_refine_ls_shell.pdbx_phase_error 
_refine_ls_shell.pdbx_fsc_work 
_refine_ls_shell.pdbx_fsc_free 
'X-RAY DIFFRACTION' 2.7000 2.9084  . . 110 970  83.0000  . . . 0.3046 0.0000 0.1998 . . . . . . . . . . . 
'X-RAY DIFFRACTION' 2.9084 3.2010  . . 126 1156 100.0000 . . . 0.2865 0.0000 0.2075 . . . . . . . . . . . 
'X-RAY DIFFRACTION' 3.2010 3.6639  . . 132 1183 100.0000 . . . 0.2552 0.0000 0.2046 . . . . . . . . . . . 
'X-RAY DIFFRACTION' 3.6639 4.6150  . . 133 1197 100.0000 . . . 0.2955 0.0000 0.2169 . . . . . . . . . . . 
'X-RAY DIFFRACTION' 4.6150 39.7380 . . 141 1261 99.0000  . . . 0.2559 0.0000 0.2414 . . . . . . . . . . . 
# 
_struct.entry_id                     6W9Z 
_struct.title                        
'De novo designed receptor transmembrane domains enhance CAR-T cytotoxicity and attenuate cytokine release' 
_struct.pdbx_model_details           ? 
_struct.pdbx_formula_weight          ? 
_struct.pdbx_formula_weight_method   ? 
_struct.pdbx_model_type_details      ? 
_struct.pdbx_CASP_flag               N 
# 
_struct_keywords.entry_id        6W9Z 
_struct_keywords.text            'Transmembrane domain, de novo design, BIOSYNTHETIC PROTEIN' 
_struct_keywords.pdbx_keywords   'BIOSYNTHETIC PROTEIN' 
# 
loop_
_struct_asym.id 
_struct_asym.pdbx_blank_PDB_chainid_flag 
_struct_asym.pdbx_modified 
_struct_asym.entity_id 
_struct_asym.details 
A N N 1 ? 
B N N 1 ? 
C N N 1 ? 
D N N 1 ? 
E N N 1 ? 
F N N 1 ? 
G N N 2 ? 
H N N 2 ? 
I N N 3 ? 
J N N 3 ? 
# 
loop_
_struct_conf.conf_type_id 
_struct_conf.id 
_struct_conf.pdbx_PDB_helix_id 
_struct_conf.beg_label_comp_id 
_struct_conf.beg_label_asym_id 
_struct_conf.beg_label_seq_id 
_struct_conf.pdbx_beg_PDB_ins_code 
_struct_conf.end_label_comp_id 
_struct_conf.end_label_asym_id 
_struct_conf.end_label_seq_id 
_struct_conf.pdbx_end_PDB_ins_code 
_struct_conf.beg_auth_comp_id 
_struct_conf.beg_auth_asym_id 
_struct_conf.beg_auth_seq_id 
_struct_conf.end_auth_comp_id 
_struct_conf.end_auth_asym_id 
_struct_conf.end_auth_seq_id 
_struct_conf.pdbx_PDB_helix_class 
_struct_conf.details 
_struct_conf.pdbx_PDB_helix_length 
HELX_P HELX_P1 AA1 PRO A 2 ? SCH A 30 ? PRO A 70 SCH A 98 1 ? 29 
HELX_P HELX_P2 AA2 GLU B 3 ? SCH B 30 ? GLU B 71 SCH B 98 1 ? 28 
HELX_P HELX_P3 AA3 GLU C 3 ? LEU C 29 ? GLU C 71 LEU C 97 1 ? 27 
HELX_P HELX_P4 AA4 PRO D 2 ? SCH D 30 ? PRO D 70 SCH D 98 1 ? 29 
HELX_P HELX_P5 AA5 GLU E 3 ? SCH E 30 ? GLU E 71 SCH E 98 1 ? 28 
HELX_P HELX_P6 AA6 THR F 5 ? SCH F 30 ? THR F 73 SCH F 98 1 ? 26 
# 
_struct_conf_type.id          HELX_P 
_struct_conf_type.criteria    ? 
_struct_conf_type.reference   ? 
# 
loop_
_struct_conn.id 
_struct_conn.conn_type_id 
_struct_conn.pdbx_leaving_atom_flag 
_struct_conn.pdbx_PDB_id 
_struct_conn.ptnr1_label_asym_id 
_struct_conn.ptnr1_label_comp_id 
_struct_conn.ptnr1_label_seq_id 
_struct_conn.ptnr1_label_atom_id 
_struct_conn.pdbx_ptnr1_label_alt_id 
_struct_conn.pdbx_ptnr1_PDB_ins_code 
_struct_conn.pdbx_ptnr1_standard_comp_id 
_struct_conn.ptnr1_symmetry 
_struct_conn.ptnr2_label_asym_id 
_struct_conn.ptnr2_label_comp_id 
_struct_conn.ptnr2_label_seq_id 
_struct_conn.ptnr2_label_atom_id 
_struct_conn.pdbx_ptnr2_label_alt_id 
_struct_conn.pdbx_ptnr2_PDB_ins_code 
_struct_conn.ptnr1_auth_asym_id 
_struct_conn.ptnr1_auth_comp_id 
_struct_conn.ptnr1_auth_seq_id 
_struct_conn.ptnr2_auth_asym_id 
_struct_conn.ptnr2_auth_comp_id 
_struct_conn.ptnr2_auth_seq_id 
_struct_conn.ptnr2_symmetry 
_struct_conn.pdbx_ptnr3_label_atom_id 
_struct_conn.pdbx_ptnr3_label_seq_id 
_struct_conn.pdbx_ptnr3_label_comp_id 
_struct_conn.pdbx_ptnr3_label_asym_id 
_struct_conn.pdbx_ptnr3_label_alt_id 
_struct_conn.pdbx_ptnr3_PDB_ins_code 
_struct_conn.details 
_struct_conn.pdbx_dist_value 
_struct_conn.pdbx_value_order 
_struct_conn.pdbx_role 
covale1 covale both ? A LEU 29 C ? ? ? 1_555 A SCH 30 N ? ? A LEU 97 A SCH 98 1_555 ? ? ? ? ? ? ? 1.328 ? ? 
covale2 covale both ? B LEU 29 C ? ? ? 1_555 B SCH 30 N ? ? B LEU 97 B SCH 98 1_555 ? ? ? ? ? ? ? 1.329 ? ? 
covale3 covale both ? C LEU 29 C ? ? ? 1_555 C SCH 30 N ? ? C LEU 97 C SCH 98 1_555 ? ? ? ? ? ? ? 1.329 ? ? 
covale4 covale both ? D LEU 29 C ? ? ? 1_555 D SCH 30 N ? ? D LEU 97 D SCH 98 1_555 ? ? ? ? ? ? ? 1.329 ? ? 
covale5 covale both ? E LEU 29 C ? ? ? 1_555 E SCH 30 N ? ? E LEU 97 E SCH 98 1_555 ? ? ? ? ? ? ? 1.328 ? ? 
covale6 covale both ? F LEU 29 C ? ? ? 1_555 F SCH 30 N ? ? F LEU 97 F SCH 98 1_555 ? ? ? ? ? ? ? 1.329 ? ? 
# 
_struct_conn_type.id          covale 
_struct_conn_type.criteria    ? 
_struct_conn_type.reference   ? 
# 
loop_
_struct_site.id 
_struct_site.pdbx_evidence_code 
_struct_site.pdbx_auth_asym_id 
_struct_site.pdbx_auth_comp_id 
_struct_site.pdbx_auth_seq_id 
_struct_site.pdbx_auth_ins_code 
_struct_site.pdbx_num_residues 
_struct_site.details 
AC1 Software B OLB 101 ? 11 'binding site for residue OLB B 101'                
AC2 Software B LEU 97  ? 9  'binding site for Di-peptide LEU B 97 and SCH B 98' 
AC3 Software C LEU 97  ? 7  'binding site for Di-peptide LEU C 97 and SCH C 98' 
AC4 Software D LEU 97  ? 9  'binding site for Di-peptide LEU D 97 and SCH D 98' 
AC5 Software E LEU 97  ? 7  'binding site for Di-peptide LEU E 97 and SCH E 98' 
AC6 Software F LEU 97  ? 8  'binding site for Di-peptide LEU F 97 and SCH F 98' 
# 
loop_
_struct_site_gen.id 
_struct_site_gen.site_id 
_struct_site_gen.pdbx_num_res 
_struct_site_gen.label_comp_id 
_struct_site_gen.label_asym_id 
_struct_site_gen.label_seq_id 
_struct_site_gen.pdbx_auth_ins_code 
_struct_site_gen.auth_comp_id 
_struct_site_gen.auth_asym_id 
_struct_site_gen.auth_seq_id 
_struct_site_gen.label_atom_id 
_struct_site_gen.label_alt_id 
_struct_site_gen.symmetry 
_struct_site_gen.details 
1  AC1 11 LEU A 4  ? LEU A 72  . ? 3_454 ? 
2  AC1 11 LEU A 8  ? LEU A 76  . ? 1_555 ? 
3  AC1 11 PHE B 20 ? PHE B 88  . ? 1_555 ? 
4  AC1 11 TRP B 21 ? TRP B 89  . ? 1_555 ? 
5  AC1 11 TYR B 24 ? TYR B 92  . ? 1_555 ? 
6  AC1 11 LEU C 4  ? LEU C 72  . ? 3_444 ? 
7  AC1 11 THR C 5  ? THR C 73  . ? 1_555 ? 
8  AC1 11 THR C 5  ? THR C 73  . ? 3_444 ? 
9  AC1 11 TRP D 21 ? TRP D 89  . ? 1_555 ? 
10 AC1 11 TYR D 24 ? TYR D 92  . ? 1_555 ? 
11 AC1 11 LEU F 29 ? LEU F 97  . ? 1_555 ? 
12 AC2 9  LEU B 25 ? LEU B 93  . ? 1_555 ? 
13 AC2 9  LEU B 26 ? LEU B 94  . ? 1_555 ? 
14 AC2 9  ARG B 27 ? ARG B 95  . ? 1_555 ? 
15 AC2 9  ARG B 28 ? ARG B 96  . ? 1_555 ? 
16 AC2 9  HOH I .  ? HOH B 201 . ? 1_555 ? 
17 AC2 9  PHE C 20 ? PHE C 88  . ? 1_455 ? 
18 AC2 9  TYR C 24 ? TYR C 92  . ? 1_455 ? 
19 AC2 9  ARG C 27 ? ARG C 95  . ? 1_455 ? 
20 AC2 9  ARG D 27 ? ARG D 95  . ? 1_455 ? 
21 AC3 7  LEU C 25 ? LEU C 93  . ? 1_555 ? 
22 AC3 7  LEU C 26 ? LEU C 94  . ? 1_555 ? 
23 AC3 7  ARG C 28 ? ARG C 96  . ? 1_555 ? 
24 AC3 7  ARG E 27 ? ARG E 95  . ? 2_554 ? 
25 AC3 7  PHE F 20 ? PHE F 88  . ? 1_555 ? 
26 AC3 7  VAL F 23 ? VAL F 91  . ? 1_555 ? 
27 AC3 7  TYR F 24 ? TYR F 92  . ? 1_555 ? 
28 AC4 9  PHE A 20 ? PHE A 88  . ? 1_655 ? 
29 AC4 9  VAL A 23 ? VAL A 91  . ? 1_655 ? 
30 AC4 9  TYR A 24 ? TYR A 92  . ? 1_655 ? 
31 AC4 9  ARG A 27 ? ARG A 95  . ? 1_655 ? 
32 AC4 9  LEU D 25 ? LEU D 93  . ? 1_555 ? 
33 AC4 9  LEU D 26 ? LEU D 94  . ? 1_555 ? 
34 AC4 9  ARG D 27 ? ARG D 95  . ? 1_555 ? 
35 AC4 9  ARG D 28 ? ARG D 96  . ? 1_555 ? 
36 AC4 9  LEU F 26 ? LEU F 94  . ? 1_655 ? 
37 AC5 7  LEU A 4  ? LEU A 72  . ? 3_454 ? 
38 AC5 7  ARG C 27 ? ARG C 95  . ? 2_554 ? 
39 AC5 7  PHE D 20 ? PHE D 88  . ? 1_555 ? 
40 AC5 7  ARG D 27 ? ARG D 95  . ? 1_555 ? 
41 AC5 7  LEU E 25 ? LEU E 93  . ? 1_555 ? 
42 AC5 7  LEU E 26 ? LEU E 94  . ? 1_555 ? 
43 AC5 7  ARG E 28 ? ARG E 96  . ? 1_555 ? 
44 AC6 8  VAL B 23 ? VAL B 91  . ? 1_555 ? 
45 AC6 8  ARG B 27 ? ARG B 95  . ? 1_555 ? 
46 AC6 8  OLB G .  ? OLB B 101 . ? 1_555 ? 
47 AC6 8  LEU C 4  ? LEU C 72  . ? 3_444 ? 
48 AC6 8  LEU F 25 ? LEU F 93  . ? 1_555 ? 
49 AC6 8  LEU F 26 ? LEU F 94  . ? 1_555 ? 
50 AC6 8  ARG F 27 ? ARG F 95  . ? 1_555 ? 
51 AC6 8  ARG F 28 ? ARG F 96  . ? 1_555 ? 
# 
_atom_sites.entry_id                    6W9Z 
_atom_sites.Cartn_transf_matrix[1][1]   ? 
_atom_sites.Cartn_transf_matrix[1][2]   ? 
_atom_sites.Cartn_transf_matrix[1][3]   ? 
_atom_sites.Cartn_transf_matrix[2][1]   ? 
_atom_sites.Cartn_transf_matrix[2][2]   ? 
_atom_sites.Cartn_transf_matrix[2][3]   ? 
_atom_sites.Cartn_transf_matrix[3][1]   ? 
_atom_sites.Cartn_transf_matrix[3][2]   ? 
_atom_sites.Cartn_transf_matrix[3][3]   ? 
_atom_sites.Cartn_transf_vector[1]      ? 
_atom_sites.Cartn_transf_vector[2]      ? 
_atom_sites.Cartn_transf_vector[3]      ? 
_atom_sites.fract_transf_matrix[1][1]   0.00323411 
_atom_sites.fract_transf_matrix[1][2]   0.01320346 
_atom_sites.fract_transf_matrix[1][3]   -0.01814966 
_atom_sites.fract_transf_matrix[2][1]   0.00294674 
_atom_sites.fract_transf_matrix[2][2]   0.01393499 
_atom_sites.fract_transf_matrix[2][3]   0.01066246 
_atom_sites.fract_transf_matrix[3][1]   0.01064914 
_atom_sites.fract_transf_matrix[3][2]   -0.00237940 
_atom_sites.fract_transf_matrix[3][3]   0.00016663 
_atom_sites.fract_transf_vector[1]      -0.505548 
_atom_sites.fract_transf_vector[2]      -0.009328 
_atom_sites.fract_transf_vector[3]      -0.291565 
_atom_sites.solution_primary            ? 
_atom_sites.solution_secondary          ? 
_atom_sites.solution_hydrogens          ? 
_atom_sites.special_details             ? 
# 
loop_
_atom_type.symbol 
C 
N 
O 
S 
# 
loop_
_atom_site.group_PDB 
_atom_site.id 
_atom_site.type_symbol 
_atom_site.label_atom_id 
_atom_site.label_alt_id 
_atom_site.label_comp_id 
_atom_site.label_asym_id 
_atom_site.label_entity_id 
_atom_site.label_seq_id 
_atom_site.pdbx_PDB_ins_code 
_atom_site.Cartn_x 
_atom_site.Cartn_y 
_atom_site.Cartn_z 
_atom_site.occupancy 
_atom_site.B_iso_or_equiv 
_atom_site.pdbx_formal_charge 
_atom_site.auth_seq_id 
_atom_site.auth_comp_id 
_atom_site.auth_asym_id 
_atom_site.auth_atom_id 
_atom_site.pdbx_PDB_model_num 
ATOM   1    N N   . PRO A 1 2  ? 14.485  -23.161 10.525  1.00 60.37  ?  70  PRO A N   1 
ATOM   2    C CA  . PRO A 1 2  ? 14.438  -22.974 9.072   1.00 63.49  ?  70  PRO A CA  1 
ATOM   3    C C   . PRO A 1 2  ? 14.061  -21.549 8.678   1.00 56.93  ?  70  PRO A C   1 
ATOM   4    O O   . PRO A 1 2  ? 13.124  -20.976 9.235   1.00 56.02  ?  70  PRO A O   1 
ATOM   5    C CB  . PRO A 1 2  ? 13.358  -23.972 8.620   1.00 65.50  ?  70  PRO A CB  1 
ATOM   6    C CG  . PRO A 1 2  ? 12.958  -24.760 9.865   1.00 66.67  ?  70  PRO A CG  1 
ATOM   7    C CD  . PRO A 1 2  ? 13.990  -24.491 10.909  1.00 74.20  ?  70  PRO A CD  1 
ATOM   8    N N   . GLU A 1 3  ? 14.796  -20.990 7.713   1.00 48.57  ?  71  GLU A N   1 
ATOM   9    C CA  . GLU A 1 3  ? 14.575  -19.604 7.317   1.00 48.97  ?  71  GLU A CA  1 
ATOM   10   C C   . GLU A 1 3  ? 13.272  -19.431 6.547   1.00 57.92  ?  71  GLU A C   1 
ATOM   11   O O   . GLU A 1 3  ? 12.632  -18.376 6.646   1.00 56.45  ?  71  GLU A O   1 
ATOM   12   C CB  . GLU A 1 3  ? 15.754  -19.109 6.482   1.00 57.71  ?  71  GLU A CB  1 
ATOM   13   C CG  . GLU A 1 3  ? 17.107  -19.392 7.108   1.00 79.48  ?  71  GLU A CG  1 
ATOM   14   C CD  . GLU A 1 3  ? 18.247  -19.250 6.120   1.00 91.55  ?  71  GLU A CD  1 
ATOM   15   O OE1 . GLU A 1 3  ? 18.107  -18.471 5.153   1.00 72.53  ?  71  GLU A OE1 1 
ATOM   16   O OE2 . GLU A 1 3  ? 19.280  -19.927 6.306   1.00 102.32 -1 71  GLU A OE2 1 
ATOM   17   N N   . LEU A 1 4  ? 12.863  -20.441 5.776   1.00 52.48  ?  72  LEU A N   1 
ATOM   18   C CA  . LEU A 1 4  ? 11.621  -20.330 5.018   1.00 47.42  ?  72  LEU A CA  1 
ATOM   19   C C   . LEU A 1 4  ? 10.401  -20.362 5.928   1.00 43.11  ?  72  LEU A C   1 
ATOM   20   O O   . LEU A 1 4  ? 9.381   -19.737 5.615   1.00 48.36  ?  72  LEU A O   1 
ATOM   21   C CB  . LEU A 1 4  ? 11.535  -21.445 3.976   1.00 43.63  ?  72  LEU A CB  1 
ATOM   22   C CG  . LEU A 1 4  ? 12.449  -21.299 2.759   1.00 43.67  ?  72  LEU A CG  1 
ATOM   23   C CD1 . LEU A 1 4  ? 12.302  -22.496 1.834   1.00 47.20  ?  72  LEU A CD1 1 
ATOM   24   C CD2 . LEU A 1 4  ? 12.152  -20.004 2.015   1.00 40.65  ?  72  LEU A CD2 1 
ATOM   25   N N   . THR A 1 5  ? 10.480  -21.076 7.053   1.00 47.58  ?  73  THR A N   1 
ATOM   26   C CA  . THR A 1 5  ? 9.338   -21.146 7.959   1.00 47.18  ?  73  THR A CA  1 
ATOM   27   C C   . THR A 1 5  ? 9.179   -19.853 8.749   1.00 53.06  ?  73  THR A C   1 
ATOM   28   O O   . THR A 1 5  ? 8.059   -19.354 8.909   1.00 55.75  ?  73  THR A O   1 
ATOM   29   C CB  . THR A 1 5  ? 9.482   -22.341 8.903   1.00 48.39  ?  73  THR A CB  1 
ATOM   30   O OG1 . THR A 1 5  ? 10.720  -22.241 9.619   1.00 64.28  ?  73  THR A OG1 1 
ATOM   31   C CG2 . THR A 1 5  ? 9.454   -23.646 8.121   1.00 54.44  ?  73  THR A CG2 1 
ATOM   32   N N   . VAL A 1 6  ? 10.284  -19.292 9.247   1.00 51.40  ?  74  VAL A N   1 
ATOM   33   C CA  . VAL A 1 6  ? 10.199  -18.044 9.999   1.00 50.04  ?  74  VAL A CA  1 
ATOM   34   C C   . VAL A 1 6  ? 9.810   -16.888 9.083   1.00 48.47  ?  74  VAL A C   1 
ATOM   35   O O   . VAL A 1 6  ? 9.156   -15.933 9.522   1.00 56.15  ?  74  VAL A O   1 
ATOM   36   C CB  . VAL A 1 6  ? 11.525  -17.768 10.737  1.00 52.58  ?  74  VAL A CB  1 
ATOM   37   C CG1 . VAL A 1 6  ? 12.656  -17.543 9.752   1.00 54.93  ?  74  VAL A CG1 1 
ATOM   38   C CG2 . VAL A 1 6  ? 11.382  -16.577 11.677  1.00 46.52  ?  74  VAL A CG2 1 
ATOM   39   N N   . ALA A 1 7  ? 10.188  -16.954 7.805   1.00 40.90  ?  75  ALA A N   1 
ATOM   40   C CA  . ALA A 1 7  ? 9.757   -15.930 6.860   1.00 31.51  ?  75  ALA A CA  1 
ATOM   41   C C   . ALA A 1 7  ? 8.254   -16.003 6.630   1.00 39.74  ?  75  ALA A C   1 
ATOM   42   O O   . ALA A 1 7  ? 7.585   -14.971 6.506   1.00 35.39  ?  75  ALA A O   1 
ATOM   43   C CB  . ALA A 1 7  ? 10.514  -16.079 5.540   1.00 28.40  ?  75  ALA A CB  1 
ATOM   44   N N   . LEU A 1 8  ? 7.707   -17.218 6.576   1.00 33.75  ?  76  LEU A N   1 
ATOM   45   C CA  . LEU A 1 8  ? 6.268   -17.376 6.396   1.00 32.39  ?  76  LEU A CA  1 
ATOM   46   C C   . LEU A 1 8  ? 5.505   -16.954 7.645   1.00 32.92  ?  76  LEU A C   1 
ATOM   47   O O   . LEU A 1 8  ? 4.472   -16.282 7.552   1.00 38.92  ?  76  LEU A O   1 
ATOM   48   C CB  . LEU A 1 8  ? 5.940   -18.824 6.041   1.00 44.60  ?  76  LEU A CB  1 
ATOM   49   C CG  . LEU A 1 8  ? 4.501   -19.093 5.595   1.00 45.65  ?  76  LEU A CG  1 
ATOM   50   C CD1 . LEU A 1 8  ? 4.319   -18.745 4.124   1.00 37.70  ?  76  LEU A CD1 1 
ATOM   51   C CD2 . LEU A 1 8  ? 4.120   -20.535 5.865   1.00 37.52  ?  76  LEU A CD2 1 
ATOM   52   N N   . ILE A 1 9  ? 5.999   -17.343 8.823   1.00 45.80  ?  77  ILE A N   1 
ATOM   53   C CA  . ILE A 1 9  ? 5.318   -17.000 10.069  1.00 40.54  ?  77  ILE A CA  1 
ATOM   54   C C   . ILE A 1 9  ? 5.313   -15.492 10.276  1.00 31.44  ?  77  ILE A C   1 
ATOM   55   O O   . ILE A 1 9  ? 4.302   -14.911 10.688  1.00 34.46  ?  77  ILE A O   1 
ATOM   56   C CB  . ILE A 1 9  ? 5.971   -17.735 11.254  1.00 42.33  ?  77  ILE A CB  1 
ATOM   57   C CG1 . ILE A 1 9  ? 5.746   -19.244 11.137  1.00 46.42  ?  77  ILE A CG1 1 
ATOM   58   C CG2 . ILE A 1 9  ? 5.421   -17.219 12.573  1.00 47.11  ?  77  ILE A CG2 1 
ATOM   59   C CD1 . ILE A 1 9  ? 4.290   -19.649 11.190  1.00 43.67  ?  77  ILE A CD1 1 
ATOM   60   N N   . LEU A 1 10 ? 6.440   -14.833 9.990   1.00 33.08  ?  78  LEU A N   1 
ATOM   61   C CA  . LEU A 1 10 ? 6.486   -13.377 10.076  1.00 38.96  ?  78  LEU A CA  1 
ATOM   62   C C   . LEU A 1 10 ? 5.501   -12.741 9.105   1.00 42.34  ?  78  LEU A C   1 
ATOM   63   O O   . LEU A 1 10 ? 4.869   -11.726 9.423   1.00 40.56  ?  78  LEU A O   1 
ATOM   64   C CB  . LEU A 1 10 ? 7.906   -12.879 9.804   1.00 36.58  ?  78  LEU A CB  1 
ATOM   65   C CG  . LEU A 1 10 ? 8.085   -11.359 9.743   1.00 42.51  ?  78  LEU A CG  1 
ATOM   66   C CD1 . LEU A 1 10 ? 7.699   -10.718 11.067  1.00 47.20  ?  78  LEU A CD1 1 
ATOM   67   C CD2 . LEU A 1 10 ? 9.513   -10.996 9.363   1.00 32.06  ?  78  LEU A CD2 1 
ATOM   68   N N   . GLY A 1 11 ? 5.355   -13.324 7.914   1.00 40.62  ?  79  GLY A N   1 
ATOM   69   C CA  . GLY A 1 11 ? 4.374   -12.813 6.971   1.00 29.38  ?  79  GLY A CA  1 
ATOM   70   C C   . GLY A 1 11 ? 2.950   -13.017 7.452   1.00 24.64  ?  79  GLY A C   1 
ATOM   71   O O   . GLY A 1 11 ? 2.096   -12.142 7.279   1.00 25.28  ?  79  GLY A O   1 
ATOM   72   N N   . ILE A 1 12 ? 2.675   -14.168 8.066   1.00 24.05  ?  80  ILE A N   1 
ATOM   73   C CA  . ILE A 1 12 ? 1.334   -14.438 8.581   1.00 31.56  ?  80  ILE A CA  1 
ATOM   74   C C   . ILE A 1 12 ? 0.982   -13.461 9.695   1.00 38.96  ?  80  ILE A C   1 
ATOM   75   O O   . ILE A 1 12 ? -0.146  -12.954 9.763   1.00 28.49  ?  80  ILE A O   1 
ATOM   76   C CB  . ILE A 1 12 ? 1.233   -15.902 9.046   1.00 33.21  ?  80  ILE A CB  1 
ATOM   77   C CG1 . ILE A 1 12 ? 1.306   -16.847 7.843   1.00 30.10  ?  80  ILE A CG1 1 
ATOM   78   C CG2 . ILE A 1 12 ? -0.047  -16.132 9.830   1.00 28.30  ?  80  ILE A CG2 1 
ATOM   79   C CD1 . ILE A 1 12 ? 1.213   -18.313 8.207   1.00 30.96  ?  80  ILE A CD1 1 
ATOM   80   N N   . PHE A 1 13 ? 1.939   -13.171 10.579  1.00 37.55  ?  81  PHE A N   1 
ATOM   81   C CA  . PHE A 1 13 ? 1.704   -12.187 11.630  1.00 36.54  ?  81  PHE A CA  1 
ATOM   82   C C   . PHE A 1 13 ? 1.514   -10.794 11.045  1.00 27.15  ?  81  PHE A C   1 
ATOM   83   O O   . PHE A 1 13 ? 0.602   -10.060 11.444  1.00 28.97  ?  81  PHE A O   1 
ATOM   84   C CB  . PHE A 1 13 ? 2.863   -12.193 12.627  1.00 40.35  ?  81  PHE A CB  1 
ATOM   85   C CG  . PHE A 1 13 ? 2.702   -13.185 13.739  1.00 48.25  ?  81  PHE A CG  1 
ATOM   86   C CD1 . PHE A 1 13 ? 1.907   -12.891 14.835  1.00 45.45  ?  81  PHE A CD1 1 
ATOM   87   C CD2 . PHE A 1 13 ? 3.350   -14.408 13.695  1.00 52.81  ?  81  PHE A CD2 1 
ATOM   88   C CE1 . PHE A 1 13 ? 1.758   -13.799 15.863  1.00 46.62  ?  81  PHE A CE1 1 
ATOM   89   C CE2 . PHE A 1 13 ? 3.205   -15.320 14.721  1.00 46.63  ?  81  PHE A CE2 1 
ATOM   90   C CZ  . PHE A 1 13 ? 2.408   -15.015 15.806  1.00 44.63  ?  81  PHE A CZ  1 
ATOM   91   N N   . LEU A 1 14 ? 2.373   -10.409 10.099  1.00 21.80  ?  82  LEU A N   1 
ATOM   92   C CA  . LEU A 1 14 ? 2.242   -9.097  9.473   1.00 24.27  ?  82  LEU A CA  1 
ATOM   93   C C   . LEU A 1 14 ? 0.956   -8.997  8.663   1.00 28.64  ?  82  LEU A C   1 
ATOM   94   O O   . LEU A 1 14 ? 0.258   -7.979  8.719   1.00 30.33  ?  82  LEU A O   1 
ATOM   95   C CB  . LEU A 1 14 ? 3.456   -8.814  8.590   1.00 30.30  ?  82  LEU A CB  1 
ATOM   96   C CG  . LEU A 1 14 ? 4.714   -8.338  9.316   1.00 48.78  ?  82  LEU A CG  1 
ATOM   97   C CD1 . LEU A 1 14 ? 5.897   -8.320  8.367   1.00 36.50  ?  82  LEU A CD1 1 
ATOM   98   C CD2 . LEU A 1 14 ? 4.487   -6.960  9.919   1.00 29.22  ?  82  LEU A CD2 1 
ATOM   99   N N   . GLY A 1 15 ? 0.625   -10.048 7.910   1.00 28.21  ?  83  GLY A N   1 
ATOM   100  C CA  . GLY A 1 15 ? -0.598  -10.021 7.122   1.00 25.70  ?  83  GLY A CA  1 
ATOM   101  C C   . GLY A 1 15 ? -1.845  -9.901  7.977   1.00 23.90  ?  83  GLY A C   1 
ATOM   102  O O   . GLY A 1 15 ? -2.793  -9.202  7.613   1.00 26.35  ?  83  GLY A O   1 
ATOM   103  N N   . THR A 1 16 ? -1.859  -10.576 9.128   1.00 31.86  ?  84  THR A N   1 
ATOM   104  C CA  . THR A 1 16 ? -2.997  -10.460 10.034  1.00 31.84  ?  84  THR A CA  1 
ATOM   105  C C   . THR A 1 16 ? -3.080  -9.062  10.634  1.00 32.59  ?  84  THR A C   1 
ATOM   106  O O   . THR A 1 16 ? -4.177  -8.509  10.787  1.00 32.38  ?  84  THR A O   1 
ATOM   107  C CB  . THR A 1 16 ? -2.900  -11.516 11.135  1.00 26.83  ?  84  THR A CB  1 
ATOM   108  O OG1 . THR A 1 16 ? -2.867  -12.822 10.546  1.00 28.95  ?  84  THR A OG1 1 
ATOM   109  C CG2 . THR A 1 16 ? -4.096  -11.425 12.073  1.00 25.74  ?  84  THR A CG2 1 
ATOM   110  N N   . PHE A 1 17 ? -1.933  -8.467  10.967  1.00 27.13  ?  85  PHE A N   1 
ATOM   111  C CA  . PHE A 1 17 ? -1.930  -7.120  11.530  1.00 22.52  ?  85  PHE A CA  1 
ATOM   112  C C   . PHE A 1 17 ? -2.333  -6.085  10.486  1.00 28.51  ?  85  PHE A C   1 
ATOM   113  O O   . PHE A 1 17 ? -3.127  -5.182  10.770  1.00 31.88  ?  85  PHE A O   1 
ATOM   114  C CB  . PHE A 1 17 ? -0.552  -6.792  12.107  1.00 25.51  ?  85  PHE A CB  1 
ATOM   115  C CG  . PHE A 1 17 ? -0.412  -5.370  12.571  1.00 26.34  ?  85  PHE A CG  1 
ATOM   116  C CD1 . PHE A 1 17 ? 0.236   -4.430  11.787  1.00 27.32  ?  85  PHE A CD1 1 
ATOM   117  C CD2 . PHE A 1 17 ? -0.931  -4.973  13.792  1.00 42.44  ?  85  PHE A CD2 1 
ATOM   118  C CE1 . PHE A 1 17 ? 0.364   -3.120  12.212  1.00 42.56  ?  85  PHE A CE1 1 
ATOM   119  C CE2 . PHE A 1 17 ? -0.807  -3.665  14.224  1.00 34.49  ?  85  PHE A CE2 1 
ATOM   120  C CZ  . PHE A 1 17 ? -0.158  -2.738  13.432  1.00 38.64  ?  85  PHE A CZ  1 
ATOM   121  N N   . ILE A 1 18 ? -1.790  -6.202  9.272   1.00 28.22  ?  86  ILE A N   1 
ATOM   122  C CA  . ILE A 1 18 ? -2.085  -5.230  8.221   1.00 27.38  ?  86  ILE A CA  1 
ATOM   123  C C   . ILE A 1 18 ? -3.570  -5.243  7.881   1.00 23.24  ?  86  ILE A C   1 
ATOM   124  O O   . ILE A 1 18 ? -4.169  -4.193  7.616   1.00 20.96  ?  86  ILE A O   1 
ATOM   125  C CB  . ILE A 1 18 ? -1.211  -5.506  6.982   1.00 27.37  ?  86  ILE A CB  1 
ATOM   126  C CG1 . ILE A 1 18 ? 0.253   -5.187  7.283   1.00 37.74  ?  86  ILE A CG1 1 
ATOM   127  C CG2 . ILE A 1 18 ? -1.692  -4.697  5.785   1.00 33.73  ?  86  ILE A CG2 1 
ATOM   128  C CD1 . ILE A 1 18 ? 1.198   -5.531  6.153   1.00 57.92  ?  86  ILE A CD1 1 
ATOM   129  N N   . ALA A 1 19 ? -4.191  -6.425  7.898   1.00 22.28  ?  87  ALA A N   1 
ATOM   130  C CA  . ALA A 1 19 ? -5.613  -6.522  7.587   1.00 19.66  ?  87  ALA A CA  1 
ATOM   131  C C   . ALA A 1 19 ? -6.450  -5.731  8.585   1.00 26.99  ?  87  ALA A C   1 
ATOM   132  O O   . ALA A 1 19 ? -7.350  -4.976  8.199   1.00 23.10  ?  87  ALA A O   1 
ATOM   133  C CB  . ALA A 1 19 ? -6.045  -7.988  7.558   1.00 18.67  ?  87  ALA A CB  1 
ATOM   134  N N   . PHE A 1 20 ? -6.167  -5.891  9.881   1.00 25.66  ?  88  PHE A N   1 
ATOM   135  C CA  . PHE A 1 20 ? -6.859  -5.094  10.888  1.00 28.37  ?  88  PHE A CA  1 
ATOM   136  C C   . PHE A 1 20 ? -6.447  -3.630  10.819  1.00 24.91  ?  88  PHE A C   1 
ATOM   137  O O   . PHE A 1 20 ? -7.257  -2.743  11.114  1.00 26.05  ?  88  PHE A O   1 
ATOM   138  C CB  . PHE A 1 20 ? -6.588  -5.661  12.283  1.00 28.42  ?  88  PHE A CB  1 
ATOM   139  C CG  . PHE A 1 20 ? -7.239  -6.991  12.533  1.00 22.83  ?  88  PHE A CG  1 
ATOM   140  C CD1 . PHE A 1 20 ? -8.568  -7.199  12.207  1.00 20.98  ?  88  PHE A CD1 1 
ATOM   141  C CD2 . PHE A 1 20 ? -6.518  -8.038  13.084  1.00 19.66  ?  88  PHE A CD2 1 
ATOM   142  C CE1 . PHE A 1 20 ? -9.170  -8.423  12.431  1.00 28.44  ?  88  PHE A CE1 1 
ATOM   143  C CE2 . PHE A 1 20 ? -7.114  -9.265  13.310  1.00 22.28  ?  88  PHE A CE2 1 
ATOM   144  C CZ  . PHE A 1 20 ? -8.442  -9.457  12.984  1.00 19.10  ?  88  PHE A CZ  1 
ATOM   145  N N   . TRP A 1 21 ? -5.198  -3.360  10.430  1.00 19.43  ?  89  TRP A N   1 
ATOM   146  C CA  . TRP A 1 21 ? -4.737  -1.981  10.292  1.00 23.06  ?  89  TRP A CA  1 
ATOM   147  C C   . TRP A 1 21 ? -5.458  -1.268  9.154   1.00 27.21  ?  89  TRP A C   1 
ATOM   148  O O   . TRP A 1 21 ? -5.809  -0.088  9.275   1.00 28.69  ?  89  TRP A O   1 
ATOM   149  C CB  . TRP A 1 21 ? -3.222  -1.968  10.080  1.00 23.88  ?  89  TRP A CB  1 
ATOM   150  C CG  . TRP A 1 21 ? -2.685  -0.746  9.395   1.00 31.72  ?  89  TRP A CG  1 
ATOM   151  C CD1 . TRP A 1 21 ? -2.306  -0.642  8.088   1.00 38.93  ?  89  TRP A CD1 1 
ATOM   152  C CD2 . TRP A 1 21 ? -2.450  0.540   9.983   1.00 37.27  ?  89  TRP A CD2 1 
ATOM   153  N NE1 . TRP A 1 21 ? -1.856  0.628   7.824   1.00 44.80  ?  89  TRP A NE1 1 
ATOM   154  C CE2 . TRP A 1 21 ? -1.934  1.374   8.970   1.00 39.16  ?  89  TRP A CE2 1 
ATOM   155  C CE3 . TRP A 1 21 ? -2.629  1.068   11.265  1.00 41.50  ?  89  TRP A CE3 1 
ATOM   156  C CZ2 . TRP A 1 21 ? -1.597  2.706   9.200   1.00 37.52  ?  89  TRP A CZ2 1 
ATOM   157  C CZ3 . TRP A 1 21 ? -2.293  2.393   11.490  1.00 47.80  ?  89  TRP A CZ3 1 
ATOM   158  C CH2 . TRP A 1 21 ? -1.783  3.196   10.463  1.00 39.65  ?  89  TRP A CH2 1 
ATOM   159  N N   . VAL A 1 22 ? -5.695  -1.970  8.043   1.00 25.83  ?  90  VAL A N   1 
ATOM   160  C CA  . VAL A 1 22 ? -6.396  -1.364  6.914   1.00 24.92  ?  90  VAL A CA  1 
ATOM   161  C C   . VAL A 1 22 ? -7.835  -1.032  7.292   1.00 29.07  ?  90  VAL A C   1 
ATOM   162  O O   . VAL A 1 22 ? -8.349  0.042   6.954   1.00 26.14  ?  90  VAL A O   1 
ATOM   163  C CB  . VAL A 1 22 ? -6.330  -2.289  5.685   1.00 14.27  ?  90  VAL A CB  1 
ATOM   164  C CG1 . VAL A 1 22 ? -7.305  -1.824  4.619   1.00 23.30  ?  90  VAL A CG1 1 
ATOM   165  C CG2 . VAL A 1 22 ? -4.917  -2.329  5.129   1.00 13.85  ?  90  VAL A CG2 1 
ATOM   166  N N   . VAL A 1 23 ? -8.507  -1.945  8.000   1.00 25.14  ?  91  VAL A N   1 
ATOM   167  C CA  . VAL A 1 23 ? -9.878  -1.687  8.429   1.00 22.31  ?  91  VAL A CA  1 
ATOM   168  C C   . VAL A 1 23 ? -9.919  -0.512  9.399   1.00 27.63  ?  91  VAL A C   1 
ATOM   169  O O   . VAL A 1 23 ? -10.863 0.287   9.387   1.00 26.48  ?  91  VAL A O   1 
ATOM   170  C CB  . VAL A 1 23 ? -10.496 -2.958  9.043   1.00 27.03  ?  91  VAL A CB  1 
ATOM   171  C CG1 . VAL A 1 23 ? -11.932 -2.699  9.483   1.00 25.45  ?  91  VAL A CG1 1 
ATOM   172  C CG2 . VAL A 1 23 ? -10.443 -4.102  8.046   1.00 28.72  ?  91  VAL A CG2 1 
ATOM   173  N N   . TYR A 1 24 ? -8.893  -0.379  10.243  1.00 33.04  ?  92  TYR A N   1 
ATOM   174  C CA  . TYR A 1 24 ? -8.814  0.775   11.134  1.00 24.26  ?  92  TYR A CA  1 
ATOM   175  C C   . TYR A 1 24 ? -8.726  2.073   10.341  1.00 30.95  ?  92  TYR A C   1 
ATOM   176  O O   . TYR A 1 24 ? -9.384  3.065   10.678  1.00 37.30  ?  92  TYR A O   1 
ATOM   177  C CB  . TYR A 1 24 ? -7.616  0.639   12.072  1.00 29.70  ?  92  TYR A CB  1 
ATOM   178  C CG  . TYR A 1 24 ? -7.336  1.891   12.872  1.00 45.09  ?  92  TYR A CG  1 
ATOM   179  C CD1 . TYR A 1 24 ? -8.108  2.217   13.980  1.00 56.22  ?  92  TYR A CD1 1 
ATOM   180  C CD2 . TYR A 1 24 ? -6.301  2.749   12.521  1.00 39.26  ?  92  TYR A CD2 1 
ATOM   181  C CE1 . TYR A 1 24 ? -7.858  3.361   14.713  1.00 53.28  ?  92  TYR A CE1 1 
ATOM   182  C CE2 . TYR A 1 24 ? -6.044  3.895   13.248  1.00 52.49  ?  92  TYR A CE2 1 
ATOM   183  C CZ  . TYR A 1 24 ? -6.825  4.197   14.343  1.00 55.66  ?  92  TYR A CZ  1 
ATOM   184  O OH  . TYR A 1 24 ? -6.573  5.337   15.072  1.00 60.14  ?  92  TYR A OH  1 
ATOM   185  N N   . LEU A 1 25 ? -7.909  2.086   9.285   1.00 29.64  ?  93  LEU A N   1 
ATOM   186  C CA  . LEU A 1 25 ? -7.819  3.271   8.437   1.00 31.17  ?  93  LEU A CA  1 
ATOM   187  C C   . LEU A 1 25 ? -9.146  3.553   7.745   1.00 29.58  ?  93  LEU A C   1 
ATOM   188  O O   . LEU A 1 25 ? -9.503  4.716   7.522   1.00 38.83  ?  93  LEU A O   1 
ATOM   189  C CB  . LEU A 1 25 ? -6.705  3.098   7.406   1.00 29.62  ?  93  LEU A CB  1 
ATOM   190  C CG  . LEU A 1 25 ? -5.277  3.043   7.952   1.00 32.48  ?  93  LEU A CG  1 
ATOM   191  C CD1 . LEU A 1 25 ? -4.280  2.863   6.817   1.00 28.05  ?  93  LEU A CD1 1 
ATOM   192  C CD2 . LEU A 1 25 ? -4.963  4.295   8.754   1.00 37.01  ?  93  LEU A CD2 1 
ATOM   193  N N   . LEU A 1 26 ? -9.891  2.502   7.401   1.00 28.82  ?  94  LEU A N   1 
ATOM   194  C CA  . LEU A 1 26 ? -11.187 2.692   6.756   1.00 24.04  ?  94  LEU A CA  1 
ATOM   195  C C   . LEU A 1 26 ? -12.190 3.340   7.703   1.00 29.22  ?  94  LEU A C   1 
ATOM   196  O O   . LEU A 1 26 ? -12.987 4.186   7.286   1.00 29.45  ?  94  LEU A O   1 
ATOM   197  C CB  . LEU A 1 26 ? -11.719 1.352   6.250   1.00 21.08  ?  94  LEU A CB  1 
ATOM   198  C CG  . LEU A 1 26 ? -13.058 1.370   5.507   1.00 20.70  ?  94  LEU A CG  1 
ATOM   199  C CD1 . LEU A 1 26 ? -12.915 2.068   4.166   1.00 25.59  ?  94  LEU A CD1 1 
ATOM   200  C CD2 . LEU A 1 26 ? -13.590 -0.043  5.330   1.00 23.39  ?  94  LEU A CD2 1 
ATOM   201  N N   . ARG A 1 27 ? -12.161 2.961   8.983   1.00 35.95  ?  95  ARG A N   1 
ATOM   202  C CA  . ARG A 1 27 ? -13.126 3.504   9.935   1.00 35.60  ?  95  ARG A CA  1 
ATOM   203  C C   . ARG A 1 27 ? -12.794 4.938   10.328  1.00 38.30  ?  95  ARG A C   1 
ATOM   204  O O   . ARG A 1 27 ? -13.705 5.733   10.584  1.00 50.36  ?  95  ARG A O   1 
ATOM   205  C CB  . ARG A 1 27 ? -13.191 2.624   11.186  1.00 30.98  ?  95  ARG A CB  1 
ATOM   206  C CG  . ARG A 1 27 ? -13.472 1.155   10.923  1.00 38.22  ?  95  ARG A CG  1 
ATOM   207  C CD  . ARG A 1 27 ? -14.767 0.950   10.156  1.00 49.94  ?  95  ARG A CD  1 
ATOM   208  N NE  . ARG A 1 27 ? -15.133 -0.464  10.092  1.00 45.27  ?  95  ARG A NE  1 
ATOM   209  C CZ  . ARG A 1 27 ? -16.111 -0.950  9.335   1.00 41.87  ?  95  ARG A CZ  1 
ATOM   210  N NH1 . ARG A 1 27 ? -16.373 -2.249  9.344   1.00 41.77  ?  95  ARG A NH1 1 
ATOM   211  N NH2 . ARG A 1 27 ? -16.824 -0.139  8.566   1.00 43.88  ?  95  ARG A NH2 1 
ATOM   212  N N   . ARG A 1 28 ? -11.509 5.289   10.377  1.00 37.95  ?  96  ARG A N   1 
ATOM   213  C CA  . ARG A 1 28 ? -11.081 6.589   10.878  1.00 52.15  ?  96  ARG A CA  1 
ATOM   214  C C   . ARG A 1 28 ? -10.877 7.633   9.790   1.00 55.21  ?  96  ARG A C   1 
ATOM   215  O O   . ARG A 1 28 ? -11.141 8.815   10.031  1.00 66.76  ?  96  ARG A O   1 
ATOM   216  C CB  . ARG A 1 28 ? -9.784  6.444   11.680  1.00 42.91  ?  96  ARG A CB  1 
ATOM   217  C CG  . ARG A 1 28 ? -9.973  5.794   13.040  1.00 60.50  ?  96  ARG A CG  1 
ATOM   218  C CD  . ARG A 1 28 ? -10.947 6.595   13.892  1.00 81.46  ?  96  ARG A CD  1 
ATOM   219  N NE  . ARG A 1 28 ? -12.174 5.853   14.170  1.00 83.25  ?  96  ARG A NE  1 
ATOM   220  C CZ  . ARG A 1 28 ? -12.430 5.232   15.317  1.00 97.34  ?  96  ARG A CZ  1 
ATOM   221  N NH1 . ARG A 1 28 ? -13.574 4.580   15.478  1.00 92.37  ?  96  ARG A NH1 1 
ATOM   222  N NH2 . ARG A 1 28 ? -11.547 5.266   16.305  1.00 92.74  ?  96  ARG A NH2 1 
ATOM   223  N N   . LEU A 1 29 ? -10.413 7.241   8.609   1.00 48.87  ?  97  LEU A N   1 
ATOM   224  C CA  . LEU A 1 29 ? -10.120 8.210   7.557   1.00 60.49  ?  97  LEU A CA  1 
ATOM   225  C C   . LEU A 1 29 ? -11.299 8.402   6.607   1.00 53.42  ?  97  LEU A C   1 
ATOM   226  O O   . LEU A 1 29 ? -11.502 9.493   6.073   1.00 57.96  ?  97  LEU A O   1 
ATOM   227  C CB  . LEU A 1 29 ? -8.878  7.784   6.770   1.00 59.23  ?  97  LEU A CB  1 
ATOM   228  C CG  . LEU A 1 29 ? -7.582  7.622   7.569   1.00 49.07  ?  97  LEU A CG  1 
ATOM   229  C CD1 . LEU A 1 29 ? -6.421  7.275   6.646   1.00 40.80  ?  97  LEU A CD1 1 
ATOM   230  C CD2 . LEU A 1 29 ? -7.279  8.879   8.371   1.00 49.38  ?  97  LEU A CD2 1 
HETATM 231  N N   . SCH A 1 30 ? -12.073 7.343   6.400   1.00 50.71  ?  98  SCH A N   1 
HETATM 232  C CA  . SCH A 1 30 ? -13.192 7.396   5.493   1.00 47.84  ?  98  SCH A CA  1 
HETATM 233  C CB  . SCH A 1 30 ? -13.322 6.102   4.687   1.00 52.72  ?  98  SCH A CB  1 
HETATM 234  S SG  . SCH A 1 30 ? -11.794 5.549   4.012   1.00 68.00  ?  98  SCH A SG  1 
HETATM 235  S SD  . SCH A 1 30 ? -11.308 6.790   2.383   1.00 51.96  ?  98  SCH A SD  1 
HETATM 236  C CE  . SCH A 1 30 ? -10.547 8.200   3.085   1.00 37.56  ?  98  SCH A CE  1 
HETATM 237  C C   . SCH A 1 30 ? -14.533 7.656   6.177   1.00 56.89  ?  98  SCH A C   1 
HETATM 238  O O   . SCH A 1 30 ? -15.643 7.795   5.654   1.00 57.15  ?  98  SCH A O   1 
HETATM 239  O OXT . SCH A 1 30 ? -14.472 7.745   7.533   1.00 75.05  ?  98  SCH A OXT 1 
ATOM   240  N N   . PRO B 1 2  ? 15.553  -14.525 -2.390  1.00 21.51  ?  70  PRO B N   1 
ATOM   241  C CA  . PRO B 1 2  ? 14.332  -14.371 -3.189  1.00 29.19  ?  70  PRO B CA  1 
ATOM   242  C C   . PRO B 1 2  ? 13.220  -15.307 -2.731  1.00 39.73  ?  70  PRO B C   1 
ATOM   243  O O   . PRO B 1 2  ? 12.066  -14.887 -2.634  1.00 35.36  ?  70  PRO B O   1 
ATOM   244  C CB  . PRO B 1 2  ? 14.793  -14.721 -4.605  1.00 23.83  ?  70  PRO B CB  1 
ATOM   245  C CG  . PRO B 1 2  ? 16.246  -14.393 -4.610  1.00 24.10  ?  70  PRO B CG  1 
ATOM   246  C CD  . PRO B 1 2  ? 16.740  -14.742 -3.234  1.00 33.47  ?  70  PRO B CD  1 
ATOM   247  N N   . GLU B 1 3  ? 13.571  -16.568 -2.458  1.00 33.98  ?  71  GLU B N   1 
ATOM   248  C CA  . GLU B 1 3  ? 12.590  -17.507 -1.923  1.00 27.23  ?  71  GLU B CA  1 
ATOM   249  C C   . GLU B 1 3  ? 12.074  -17.056 -0.563  1.00 31.41  ?  71  GLU B C   1 
ATOM   250  O O   . GLU B 1 3  ? 10.941  -17.381 -0.190  1.00 27.74  ?  71  GLU B O   1 
ATOM   251  C CB  . GLU B 1 3  ? 13.194  -18.909 -1.827  1.00 24.06  ?  71  GLU B CB  1 
ATOM   252  C CG  . GLU B 1 3  ? 14.444  -19.000 -0.964  1.00 23.67  ?  71  GLU B CG  1 
ATOM   253  C CD  . GLU B 1 3  ? 15.714  -18.681 -1.731  1.00 38.63  ?  71  GLU B CD  1 
ATOM   254  O OE1 . GLU B 1 3  ? 16.759  -19.299 -1.436  1.00 34.84  ?  71  GLU B OE1 1 
ATOM   255  O OE2 . GLU B 1 3  ? 15.665  -17.817 -2.633  1.00 35.58  -1 71  GLU B OE2 1 
ATOM   256  N N   . LEU B 1 4  ? 12.887  -16.311 0.190   1.00 34.83  ?  72  LEU B N   1 
ATOM   257  C CA  . LEU B 1 4  ? 12.430  -15.772 1.466   1.00 29.27  ?  72  LEU B CA  1 
ATOM   258  C C   . LEU B 1 4  ? 11.416  -14.654 1.255   1.00 31.63  ?  72  LEU B C   1 
ATOM   259  O O   . LEU B 1 4  ? 10.459  -14.523 2.027   1.00 36.13  ?  72  LEU B O   1 
ATOM   260  C CB  . LEU B 1 4  ? 13.623  -15.272 2.279   1.00 29.44  ?  72  LEU B CB  1 
ATOM   261  C CG  . LEU B 1 4  ? 14.635  -16.340 2.705   1.00 44.33  ?  72  LEU B CG  1 
ATOM   262  C CD1 . LEU B 1 4  ? 15.891  -15.696 3.274   1.00 53.17  ?  72  LEU B CD1 1 
ATOM   263  C CD2 . LEU B 1 4  ? 14.011  -17.289 3.718   1.00 45.03  ?  72  LEU B CD2 1 
ATOM   264  N N   . THR B 1 5  ? 11.608  -13.842 0.212   1.00 26.35  ?  73  THR B N   1 
ATOM   265  C CA  . THR B 1 5  ? 10.648  -12.784 -0.089  1.00 34.09  ?  73  THR B CA  1 
ATOM   266  C C   . THR B 1 5  ? 9.303   -13.365 -0.509  1.00 28.53  ?  73  THR B C   1 
ATOM   267  O O   . THR B 1 5  ? 8.249   -12.863 -0.104  1.00 27.33  ?  73  THR B O   1 
ATOM   268  C CB  . THR B 1 5  ? 11.200  -11.870 -1.184  1.00 42.57  ?  73  THR B CB  1 
ATOM   269  O OG1 . THR B 1 5  ? 12.478  -11.358 -0.786  1.00 48.78  ?  73  THR B OG1 1 
ATOM   270  C CG2 . THR B 1 5  ? 10.252  -10.703 -1.438  1.00 40.40  ?  73  THR B CG2 1 
ATOM   271  N N   . VAL B 1 6  ? 9.322   -14.432 -1.311  1.00 25.06  ?  74  VAL B N   1 
ATOM   272  C CA  . VAL B 1 6  ? 8.078   -15.073 -1.730  1.00 26.69  ?  74  VAL B CA  1 
ATOM   273  C C   . VAL B 1 6  ? 7.371   -15.692 -0.532  1.00 25.61  ?  74  VAL B C   1 
ATOM   274  O O   . VAL B 1 6  ? 6.158   -15.531 -0.354  1.00 23.22  ?  74  VAL B O   1 
ATOM   275  C CB  . VAL B 1 6  ? 8.359   -16.121 -2.822  1.00 20.23  ?  74  VAL B CB  1 
ATOM   276  C CG1 . VAL B 1 6  ? 7.092   -16.895 -3.149  1.00 19.96  ?  74  VAL B CG1 1 
ATOM   277  C CG2 . VAL B 1 6  ? 8.912   -15.452 -4.067  1.00 20.32  ?  74  VAL B CG2 1 
ATOM   278  N N   . ALA B 1 7  ? 8.122   -16.412 0.307   1.00 20.72  ?  75  ALA B N   1 
ATOM   279  C CA  . ALA B 1 7  ? 7.536   -16.990 1.512   1.00 32.99  ?  75  ALA B CA  1 
ATOM   280  C C   . ALA B 1 7  ? 6.977   -15.914 2.433   1.00 28.39  ?  75  ALA B C   1 
ATOM   281  O O   . ALA B 1 7  ? 5.977   -16.145 3.124   1.00 26.20  ?  75  ALA B O   1 
ATOM   282  C CB  . ALA B 1 7  ? 8.574   -17.834 2.252   1.00 28.99  ?  75  ALA B CB  1 
ATOM   283  N N   . LEU B 1 8  ? 7.603   -14.737 2.455   1.00 27.59  ?  76  LEU B N   1 
ATOM   284  C CA  . LEU B 1 8  ? 7.087   -13.631 3.254   1.00 26.62  ?  76  LEU B CA  1 
ATOM   285  C C   . LEU B 1 8  ? 5.780   -13.102 2.673   1.00 28.16  ?  76  LEU B C   1 
ATOM   286  O O   . LEU B 1 8  ? 4.793   -12.926 3.396   1.00 23.90  ?  76  LEU B O   1 
ATOM   287  C CB  . LEU B 1 8  ? 8.131   -12.519 3.338   1.00 28.88  ?  76  LEU B CB  1 
ATOM   288  C CG  . LEU B 1 8  ? 7.802   -11.321 4.230   1.00 41.87  ?  76  LEU B CG  1 
ATOM   289  C CD1 . LEU B 1 8  ? 7.684   -11.753 5.683   1.00 43.87  ?  76  LEU B CD1 1 
ATOM   290  C CD2 . LEU B 1 8  ? 8.856   -10.237 4.073   1.00 32.31  ?  76  LEU B CD2 1 
ATOM   291  N N   . ILE B 1 9  ? 5.760   -12.843 1.363   1.00 21.85  ?  77  ILE B N   1 
ATOM   292  C CA  . ILE B 1 9  ? 4.557   -12.319 0.722   1.00 18.48  ?  77  ILE B CA  1 
ATOM   293  C C   . ILE B 1 9  ? 3.435   -13.349 0.765   1.00 21.51  ?  77  ILE B C   1 
ATOM   294  O O   . ILE B 1 9  ? 2.263   -13.001 0.952   1.00 31.68  ?  77  ILE B O   1 
ATOM   295  C CB  . ILE B 1 9  ? 4.875   -11.877 -0.719  1.00 24.81  ?  77  ILE B CB  1 
ATOM   296  C CG1 . ILE B 1 9  ? 5.881   -10.722 -0.711  1.00 24.71  ?  77  ILE B CG1 1 
ATOM   297  C CG2 . ILE B 1 9  ? 3.606   -11.479 -1.458  1.00 12.20  ?  77  ILE B CG2 1 
ATOM   298  C CD1 . ILE B 1 9  ? 6.255   -10.229 -2.089  1.00 29.21  ?  77  ILE B CD1 1 
ATOM   299  N N   . LEU B 1 10 ? 3.774   -14.629 0.596   1.00 23.01  ?  78  LEU B N   1 
ATOM   300  C CA  . LEU B 1 10 ? 2.774   -15.685 0.724   1.00 20.55  ?  78  LEU B CA  1 
ATOM   301  C C   . LEU B 1 10 ? 2.139   -15.671 2.107   1.00 21.84  ?  78  LEU B C   1 
ATOM   302  O O   . LEU B 1 10 ? 0.919   -15.818 2.244   1.00 30.98  ?  78  LEU B O   1 
ATOM   303  C CB  . LEU B 1 10 ? 3.406   -17.047 0.434   1.00 25.55  ?  78  LEU B CB  1 
ATOM   304  C CG  . LEU B 1 10 ? 3.035   -17.709 -0.894  1.00 32.08  ?  78  LEU B CG  1 
ATOM   305  C CD1 . LEU B 1 10 ? 3.338   -16.784 -2.061  1.00 33.70  ?  78  LEU B CD1 1 
ATOM   306  C CD2 . LEU B 1 10 ? 3.772   -19.032 -1.047  1.00 33.95  ?  78  LEU B CD2 1 
ATOM   307  N N   . GLY B 1 11 ? 2.952   -15.493 3.149   1.00 19.04  ?  79  GLY B N   1 
ATOM   308  C CA  . GLY B 1 11 ? 2.406   -15.430 4.493   1.00 23.17  ?  79  GLY B CA  1 
ATOM   309  C C   . GLY B 1 11 ? 1.548   -14.198 4.719   1.00 25.20  ?  79  GLY B C   1 
ATOM   310  O O   . GLY B 1 11 ? 0.556   -14.252 5.446   1.00 23.40  ?  79  GLY B O   1 
ATOM   311  N N   . ILE B 1 12 ? 1.915   -13.082 4.087   1.00 22.31  ?  80  ILE B N   1 
ATOM   312  C CA  . ILE B 1 12 ? 1.152   -11.845 4.251   1.00 21.71  ?  80  ILE B CA  1 
ATOM   313  C C   . ILE B 1 12 ? -0.259  -12.014 3.707   1.00 19.59  ?  80  ILE B C   1 
ATOM   314  O O   . ILE B 1 12 ? -1.246  -11.711 4.387   1.00 21.89  ?  80  ILE B O   1 
ATOM   315  C CB  . ILE B 1 12 ? 1.884   -10.673 3.573   1.00 24.35  ?  80  ILE B CB  1 
ATOM   316  C CG1 . ILE B 1 12 ? 3.092   -10.240 4.406   1.00 25.60  ?  80  ILE B CG1 1 
ATOM   317  C CG2 . ILE B 1 12 ? 0.929   -9.507  3.344   1.00 21.21  ?  80  ILE B CG2 1 
ATOM   318  C CD1 . ILE B 1 12 ? 3.850   -9.067  3.822   1.00 15.42  ?  80  ILE B CD1 1 
ATOM   319  N N   . PHE B 1 13 ? -0.377  -12.499 2.469   1.00 16.53  ?  81  PHE B N   1 
ATOM   320  C CA  . PHE B 1 13 ? -1.698  -12.733 1.894   1.00 17.02  ?  81  PHE B CA  1 
ATOM   321  C C   . PHE B 1 13 ? -2.439  -13.831 2.646   1.00 21.46  ?  81  PHE B C   1 
ATOM   322  O O   . PHE B 1 13 ? -3.664  -13.769 2.798   1.00 20.25  ?  81  PHE B O   1 
ATOM   323  C CB  . PHE B 1 13 ? -1.572  -13.081 0.411   1.00 16.48  ?  81  PHE B CB  1 
ATOM   324  C CG  . PHE B 1 13 ? -1.483  -11.884 -0.487  1.00 19.18  ?  81  PHE B CG  1 
ATOM   325  C CD1 . PHE B 1 13 ? -2.630  -11.225 -0.897  1.00 23.66  ?  81  PHE B CD1 1 
ATOM   326  C CD2 . PHE B 1 13 ? -0.255  -11.414 -0.919  1.00 15.93  ?  81  PHE B CD2 1 
ATOM   327  C CE1 . PHE B 1 13 ? -2.555  -10.123 -1.721  1.00 18.34  ?  81  PHE B CE1 1 
ATOM   328  C CE2 . PHE B 1 13 ? -0.173  -10.310 -1.745  1.00 21.58  ?  81  PHE B CE2 1 
ATOM   329  C CZ  . PHE B 1 13 ? -1.326  -9.666  -2.145  1.00 23.45  ?  81  PHE B CZ  1 
ATOM   330  N N   . LEU B 1 14 ? -1.713  -14.845 3.123   1.00 24.56  ?  82  LEU B N   1 
ATOM   331  C CA  . LEU B 1 14 ? -2.323  -15.847 3.988   1.00 20.50  ?  82  LEU B CA  1 
ATOM   332  C C   . LEU B 1 14 ? -2.786  -15.226 5.300   1.00 21.83  ?  82  LEU B C   1 
ATOM   333  O O   . LEU B 1 14 ? -3.803  -15.639 5.866   1.00 26.64  ?  82  LEU B O   1 
ATOM   334  C CB  . LEU B 1 14 ? -1.337  -16.988 4.245   1.00 30.98  ?  82  LEU B CB  1 
ATOM   335  C CG  . LEU B 1 14 ? -1.835  -18.158 5.095   1.00 37.73  ?  82  LEU B CG  1 
ATOM   336  C CD1 . LEU B 1 14 ? -3.104  -18.744 4.502   1.00 38.99  ?  82  LEU B CD1 1 
ATOM   337  C CD2 . LEU B 1 14 ? -0.753  -19.221 5.209   1.00 39.72  ?  82  LEU B CD2 1 
ATOM   338  N N   . GLY B 1 15 ? -2.057  -14.222 5.790   1.00 23.75  ?  83  GLY B N   1 
ATOM   339  C CA  . GLY B 1 15 ? -2.453  -13.565 7.025   1.00 21.19  ?  83  GLY B CA  1 
ATOM   340  C C   . GLY B 1 15 ? -3.734  -12.765 6.887   1.00 23.89  ?  83  GLY B C   1 
ATOM   341  O O   . GLY B 1 15 ? -4.526  -12.684 7.828   1.00 35.20  ?  83  GLY B O   1 
ATOM   342  N N   . THR B 1 16 ? -3.956  -12.163 5.714   1.00 25.08  ?  84  THR B N   1 
ATOM   343  C CA  . THR B 1 16 ? -5.186  -11.409 5.492   1.00 28.15  ?  84  THR B CA  1 
ATOM   344  C C   . THR B 1 16 ? -6.413  -12.312 5.530   1.00 31.31  ?  84  THR B C   1 
ATOM   345  O O   . THR B 1 16 ? -7.484  -11.876 5.963   1.00 33.56  ?  84  THR B O   1 
ATOM   346  C CB  . THR B 1 16 ? -5.113  -10.661 4.162   1.00 16.43  ?  84  THR B CB  1 
ATOM   347  O OG1 . THR B 1 16 ? -5.036  -11.602 3.084   1.00 30.47  ?  84  THR B OG1 1 
ATOM   348  C CG2 . THR B 1 16 ? -3.887  -9.762  4.123   1.00 12.81  ?  84  THR B CG2 1 
ATOM   349  N N   . PHE B 1 17 ? -6.277  -13.565 5.088   1.00 26.91  ?  85  PHE B N   1 
ATOM   350  C CA  . PHE B 1 17 ? -7.372  -14.518 5.223   1.00 29.54  ?  85  PHE B CA  1 
ATOM   351  C C   . PHE B 1 17 ? -7.578  -14.918 6.679   1.00 29.69  ?  85  PHE B C   1 
ATOM   352  O O   . PHE B 1 17 ? -8.718  -15.037 7.142   1.00 25.58  ?  85  PHE B O   1 
ATOM   353  C CB  . PHE B 1 17 ? -7.105  -15.759 4.371   1.00 31.06  ?  85  PHE B CB  1 
ATOM   354  C CG  . PHE B 1 17 ? -7.537  -15.620 2.939   1.00 35.18  ?  85  PHE B CG  1 
ATOM   355  C CD1 . PHE B 1 17 ? -6.600  -15.561 1.921   1.00 28.82  ?  85  PHE B CD1 1 
ATOM   356  C CD2 . PHE B 1 17 ? -8.881  -15.552 2.612   1.00 34.70  ?  85  PHE B CD2 1 
ATOM   357  C CE1 . PHE B 1 17 ? -6.995  -15.438 0.604   1.00 34.05  ?  85  PHE B CE1 1 
ATOM   358  C CE2 . PHE B 1 17 ? -9.283  -15.427 1.296   1.00 30.59  ?  85  PHE B CE2 1 
ATOM   359  C CZ  . PHE B 1 17 ? -8.338  -15.370 0.291   1.00 29.77  ?  85  PHE B CZ  1 
ATOM   360  N N   . ILE B 1 18 ? -6.483  -15.134 7.413   1.00 28.68  ?  86  ILE B N   1 
ATOM   361  C CA  . ILE B 1 18 ? -6.582  -15.569 8.801   1.00 25.47  ?  86  ILE B CA  1 
ATOM   362  C C   . ILE B 1 18 ? -7.240  -14.499 9.662   1.00 34.03  ?  86  ILE B C   1 
ATOM   363  O O   . ILE B 1 18 ? -7.946  -14.816 10.628  1.00 28.59  ?  86  ILE B O   1 
ATOM   364  C CB  . ILE B 1 18 ? -5.185  -15.954 9.329   1.00 25.56  ?  86  ILE B CB  1 
ATOM   365  C CG1 . ILE B 1 18 ? -4.643  -17.159 8.558   1.00 24.20  ?  86  ILE B CG1 1 
ATOM   366  C CG2 . ILE B 1 18 ? -5.225  -16.252 10.818  1.00 21.48  ?  86  ILE B CG2 1 
ATOM   367  C CD1 . ILE B 1 18 ? -3.291  -17.634 9.037   1.00 27.88  ?  86  ILE B CD1 1 
ATOM   368  N N   . ALA B 1 19 ? -7.037  -13.223 9.323   1.00 36.32  ?  87  ALA B N   1 
ATOM   369  C CA  . ALA B 1 19 ? -7.663  -12.148 10.089  1.00 34.54  ?  87  ALA B CA  1 
ATOM   370  C C   . ALA B 1 19 ? -9.182  -12.255 10.054  1.00 30.80  ?  87  ALA B C   1 
ATOM   371  O O   . ALA B 1 19 ? -9.846  -12.119 11.089  1.00 29.42  ?  87  ALA B O   1 
ATOM   372  C CB  . ALA B 1 19 ? -7.209  -10.790 9.559   1.00 23.89  ?  87  ALA B CB  1 
ATOM   373  N N   . PHE B 1 20 ? -9.753  -12.498 8.873   1.00 31.56  ?  88  PHE B N   1 
ATOM   374  C CA  . PHE B 1 20 ? -11.192 -12.715 8.783   1.00 25.54  ?  88  PHE B CA  1 
ATOM   375  C C   . PHE B 1 20 ? -11.599 -14.076 9.328   1.00 30.29  ?  88  PHE B C   1 
ATOM   376  O O   . PHE B 1 20 ? -12.762 -14.258 9.701   1.00 27.16  ?  88  PHE B O   1 
ATOM   377  C CB  . PHE B 1 20 ? -11.659 -12.562 7.336   1.00 23.70  ?  88  PHE B CB  1 
ATOM   378  C CG  . PHE B 1 20 ? -11.504 -11.168 6.797   1.00 27.35  ?  88  PHE B CG  1 
ATOM   379  C CD1 . PHE B 1 20 ? -10.364 -10.802 6.102   1.00 27.00  ?  88  PHE B CD1 1 
ATOM   380  C CD2 . PHE B 1 20 ? -12.496 -10.221 6.993   1.00 29.63  ?  88  PHE B CD2 1 
ATOM   381  C CE1 . PHE B 1 20 ? -10.216 -9.521  5.608   1.00 23.89  ?  88  PHE B CE1 1 
ATOM   382  C CE2 . PHE B 1 20 ? -12.355 -8.939  6.502   1.00 31.75  ?  88  PHE B CE2 1 
ATOM   383  C CZ  . PHE B 1 20 ? -11.214 -8.587  5.809   1.00 20.11  ?  88  PHE B CZ  1 
ATOM   384  N N   . TRP B 1 21 ? -10.670 -15.034 9.382   1.00 39.24  ?  89  TRP B N   1 
ATOM   385  C CA  . TRP B 1 21 ? -10.965 -16.314 10.015  1.00 25.38  ?  89  TRP B CA  1 
ATOM   386  C C   . TRP B 1 21 ? -11.033 -16.177 11.530  1.00 33.04  ?  89  TRP B C   1 
ATOM   387  O O   . TRP B 1 21 ? -11.822 -16.874 12.180  1.00 39.04  ?  89  TRP B O   1 
ATOM   388  C CB  . TRP B 1 21 ? -9.913  -17.350 9.610   1.00 32.94  ?  89  TRP B CB  1 
ATOM   389  C CG  . TRP B 1 21 ? -10.223 -18.757 10.036  1.00 45.94  ?  89  TRP B CG  1 
ATOM   390  C CD1 . TRP B 1 21 ? -11.386 -19.442 9.831   1.00 40.88  ?  89  TRP B CD1 1 
ATOM   391  C CD2 . TRP B 1 21 ? -9.342  -19.662 10.717  1.00 57.50  ?  89  TRP B CD2 1 
ATOM   392  N NE1 . TRP B 1 21 ? -11.288 -20.710 10.350  1.00 54.28  ?  89  TRP B NE1 1 
ATOM   393  C CE2 . TRP B 1 21 ? -10.044 -20.871 10.898  1.00 58.87  ?  89  TRP B CE2 1 
ATOM   394  C CE3 . TRP B 1 21 ? -8.032  -19.565 11.194  1.00 56.62  ?  89  TRP B CE3 1 
ATOM   395  C CZ2 . TRP B 1 21 ? -9.480  -21.974 11.538  1.00 62.33  ?  89  TRP B CZ2 1 
ATOM   396  C CZ3 . TRP B 1 21 ? -7.474  -20.661 11.828  1.00 61.34  ?  89  TRP B CZ3 1 
ATOM   397  C CH2 . TRP B 1 21 ? -8.197  -21.848 11.994  1.00 57.10  ?  89  TRP B CH2 1 
ATOM   398  N N   . VAL B 1 22 ? -10.224 -15.285 12.106  1.00 29.91  ?  90  VAL B N   1 
ATOM   399  C CA  . VAL B 1 22 ? -10.281 -15.045 13.545  1.00 23.30  ?  90  VAL B CA  1 
ATOM   400  C C   . VAL B 1 22 ? -11.587 -14.356 13.920  1.00 33.80  ?  90  VAL B C   1 
ATOM   401  O O   . VAL B 1 22 ? -12.232 -14.716 14.912  1.00 41.20  ?  90  VAL B O   1 
ATOM   402  C CB  . VAL B 1 22 ? -9.057  -14.229 13.998  1.00 30.20  ?  90  VAL B CB  1 
ATOM   403  C CG1 . VAL B 1 22 ? -9.222  -13.771 15.440  1.00 19.53  ?  90  VAL B CG1 1 
ATOM   404  C CG2 . VAL B 1 22 ? -7.787  -15.052 13.845  1.00 22.60  ?  90  VAL B CG2 1 
ATOM   405  N N   . VAL B 1 23 ? -11.999 -13.357 13.134  1.00 30.67  ?  91  VAL B N   1 
ATOM   406  C CA  . VAL B 1 23 ? -13.262 -12.671 13.397  1.00 31.92  ?  91  VAL B CA  1 
ATOM   407  C C   . VAL B 1 23 ? -14.426 -13.648 13.298  1.00 33.13  ?  91  VAL B C   1 
ATOM   408  O O   . VAL B 1 23 ? -15.400 -13.558 14.055  1.00 31.27  ?  91  VAL B O   1 
ATOM   409  C CB  . VAL B 1 23 ? -13.432 -11.481 12.434  1.00 27.94  ?  91  VAL B CB  1 
ATOM   410  C CG1 . VAL B 1 23 ? -14.753 -10.767 12.686  1.00 26.68  ?  91  VAL B CG1 1 
ATOM   411  C CG2 . VAL B 1 23 ? -12.265 -10.515 12.574  1.00 30.91  ?  91  VAL B CG2 1 
ATOM   412  N N   . TYR B 1 24 ? -14.337 -14.606 12.373  1.00 36.78  ?  92  TYR B N   1 
ATOM   413  C CA  . TYR B 1 24 ? -15.391 -15.602 12.219  1.00 34.04  ?  92  TYR B CA  1 
ATOM   414  C C   . TYR B 1 24 ? -15.487 -16.501 13.445  1.00 39.71  ?  92  TYR B C   1 
ATOM   415  O O   . TYR B 1 24 ? -16.582 -16.742 13.967  1.00 40.04  ?  92  TYR B O   1 
ATOM   416  C CB  . TYR B 1 24 ? -15.137 -16.429 10.958  1.00 40.76  ?  92  TYR B CB  1 
ATOM   417  C CG  . TYR B 1 24 ? -16.001 -17.664 10.826  1.00 56.48  ?  92  TYR B CG  1 
ATOM   418  C CD1 . TYR B 1 24 ? -15.457 -18.934 10.971  1.00 52.43  ?  92  TYR B CD1 1 
ATOM   419  C CD2 . TYR B 1 24 ? -17.360 -17.561 10.554  1.00 70.51  ?  92  TYR B CD2 1 
ATOM   420  C CE1 . TYR B 1 24 ? -16.240 -20.067 10.850  1.00 64.10  ?  92  TYR B CE1 1 
ATOM   421  C CE2 . TYR B 1 24 ? -18.152 -18.688 10.432  1.00 60.23  ?  92  TYR B CE2 1 
ATOM   422  C CZ  . TYR B 1 24 ? -17.587 -19.938 10.580  1.00 77.70  ?  92  TYR B CZ  1 
ATOM   423  O OH  . TYR B 1 24 ? -18.371 -21.062 10.458  1.00 96.96  ?  92  TYR B OH  1 
ATOM   424  N N   . LEU B 1 25 ? -14.347 -17.004 13.922  1.00 35.25  ?  93  LEU B N   1 
ATOM   425  C CA  . LEU B 1 25 ? -14.358 -17.908 15.068  1.00 35.69  ?  93  LEU B CA  1 
ATOM   426  C C   . LEU B 1 25 ? -14.751 -17.183 16.348  1.00 38.09  ?  93  LEU B C   1 
ATOM   427  O O   . LEU B 1 25 ? -15.469 -17.740 17.186  1.00 38.33  ?  93  LEU B O   1 
ATOM   428  C CB  . LEU B 1 25 ? -12.989 -18.570 15.225  1.00 31.88  ?  93  LEU B CB  1 
ATOM   429  C CG  . LEU B 1 25 ? -12.548 -19.453 14.056  1.00 50.53  ?  93  LEU B CG  1 
ATOM   430  C CD1 . LEU B 1 25 ? -11.141 -19.987 14.281  1.00 51.38  ?  93  LEU B CD1 1 
ATOM   431  C CD2 . LEU B 1 25 ? -13.535 -20.593 13.839  1.00 42.19  ?  93  LEU B CD2 1 
ATOM   432  N N   . LEU B 1 26 ? -14.293 -15.940 16.519  1.00 40.29  ?  94  LEU B N   1 
ATOM   433  C CA  . LEU B 1 26 ? -14.644 -15.191 17.721  1.00 30.03  ?  94  LEU B CA  1 
ATOM   434  C C   . LEU B 1 26 ? -16.111 -14.781 17.721  1.00 33.67  ?  94  LEU B C   1 
ATOM   435  O O   . LEU B 1 26 ? -16.701 -14.606 18.793  1.00 39.88  ?  94  LEU B O   1 
ATOM   436  C CB  . LEU B 1 26 ? -13.741 -13.966 17.862  1.00 26.02  ?  94  LEU B CB  1 
ATOM   437  C CG  . LEU B 1 26 ? -12.266 -14.277 18.131  1.00 31.61  ?  94  LEU B CG  1 
ATOM   438  C CD1 . LEU B 1 26 ? -11.477 -13.005 18.402  1.00 37.65  ?  94  LEU B CD1 1 
ATOM   439  C CD2 . LEU B 1 26 ? -12.124 -15.261 19.288  1.00 24.88  ?  94  LEU B CD2 1 
ATOM   440  N N   . ARG B 1 27 ? -16.714 -14.620 16.540  1.00 37.73  ?  95  ARG B N   1 
ATOM   441  C CA  . ARG B 1 27 ? -18.158 -14.415 16.481  1.00 42.45  ?  95  ARG B CA  1 
ATOM   442  C C   . ARG B 1 27 ? -18.904 -15.662 16.935  1.00 38.74  ?  95  ARG B C   1 
ATOM   443  O O   . ARG B 1 27 ? -19.917 -15.567 17.638  1.00 42.94  ?  95  ARG B O   1 
ATOM   444  C CB  . ARG B 1 27 ? -18.583 -14.025 15.065  1.00 35.84  ?  95  ARG B CB  1 
ATOM   445  C CG  . ARG B 1 27 ? -18.316 -12.575 14.693  1.00 41.46  ?  95  ARG B CG  1 
ATOM   446  C CD  . ARG B 1 27 ? -18.717 -12.304 13.249  1.00 45.61  ?  95  ARG B CD  1 
ATOM   447  N NE  . ARG B 1 27 ? -18.503 -10.911 12.864  1.00 60.29  ?  95  ARG B NE  1 
ATOM   448  C CZ  . ARG B 1 27 ? -18.767 -10.420 11.658  1.00 58.53  ?  95  ARG B CZ  1 
ATOM   449  N NH1 . ARG B 1 27 ? -19.257 -11.208 10.711  1.00 48.18  ?  95  ARG B NH1 1 
ATOM   450  N NH2 . ARG B 1 27 ? -18.541 -9.140  11.395  1.00 72.58  ?  95  ARG B NH2 1 
ATOM   451  N N   . ARG B 1 28 ? -18.418 -16.841 16.541  1.00 35.53  ?  96  ARG B N   1 
ATOM   452  C CA  . ARG B 1 28 ? -19.044 -18.084 16.972  1.00 39.03  ?  96  ARG B CA  1 
ATOM   453  C C   . ARG B 1 28 ? -18.747 -18.365 18.440  1.00 44.02  ?  96  ARG B C   1 
ATOM   454  O O   . ARG B 1 28 ? -19.643 -18.743 19.202  1.00 45.39  ?  96  ARG B O   1 
ATOM   455  C CB  . ARG B 1 28 ? -18.566 -19.239 16.087  1.00 39.36  ?  96  ARG B CB  1 
ATOM   456  C CG  . ARG B 1 28 ? -19.352 -20.544 16.220  1.00 65.88  ?  96  ARG B CG  1 
ATOM   457  C CD  . ARG B 1 28 ? -18.821 -21.438 17.339  1.00 78.23  ?  96  ARG B CD  1 
ATOM   458  N NE  . ARG B 1 28 ? -17.384 -21.676 17.225  1.00 78.95  ?  96  ARG B NE  1 
ATOM   459  C CZ  . ARG B 1 28 ? -16.684 -22.434 18.065  1.00 64.59  ?  96  ARG B CZ  1 
ATOM   460  N NH1 . ARG B 1 28 ? -17.287 -23.030 19.084  1.00 60.31  ?  96  ARG B NH1 1 
ATOM   461  N NH2 . ARG B 1 28 ? -15.379 -22.595 17.885  1.00 42.03  ?  96  ARG B NH2 1 
ATOM   462  N N   . LEU B 1 29 ? -17.497 -18.181 18.852  1.00 47.54  ?  97  LEU B N   1 
ATOM   463  C CA  . LEU B 1 29 ? -17.083 -18.488 20.217  1.00 38.84  ?  97  LEU B CA  1 
ATOM   464  C C   . LEU B 1 29 ? -17.702 -17.518 21.218  1.00 36.63  ?  97  LEU B C   1 
ATOM   465  O O   . LEU B 1 29 ? -18.163 -17.925 22.283  1.00 41.87  ?  97  LEU B O   1 
ATOM   466  C CB  . LEU B 1 29 ? -15.557 -18.459 20.330  1.00 35.52  ?  97  LEU B CB  1 
ATOM   467  C CG  . LEU B 1 29 ? -14.965 -19.060 21.604  1.00 30.38  ?  97  LEU B CG  1 
ATOM   468  C CD1 . LEU B 1 29 ? -15.379 -20.517 21.740  1.00 30.12  ?  97  LEU B CD1 1 
ATOM   469  C CD2 . LEU B 1 29 ? -13.451 -18.928 21.602  1.00 35.09  ?  97  LEU B CD2 1 
HETATM 470  N N   . SCH B 1 30 ? -17.710 -16.235 20.872  1.00 40.60  ?  98  SCH B N   1 
HETATM 471  C CA  . SCH B 1 30 ? -18.269 -15.228 21.736  1.00 44.26  ?  98  SCH B CA  1 
HETATM 472  C CB  . SCH B 1 30 ? -17.301 -14.062 21.951  1.00 50.37  ?  98  SCH B CB  1 
HETATM 473  S SG  . SCH B 1 30 ? -15.666 -14.565 22.357  1.00 57.15  ?  98  SCH B SG  1 
HETATM 474  S SD  . SCH B 1 30 ? -15.558 -14.855 24.440  1.00 52.88  ?  98  SCH B SD  1 
HETATM 475  C CE  . SCH B 1 30 ? -14.573 -13.535 25.031  1.00 53.84  ?  98  SCH B CE  1 
HETATM 476  C C   . SCH B 1 30 ? -19.591 -14.659 21.220  1.00 45.83  ?  98  SCH B C   1 
HETATM 477  O O   . SCH B 1 30 ? -20.631 -15.266 20.955  1.00 54.21  ?  98  SCH B O   1 
HETATM 478  O OXT . SCH B 1 30 ? -19.599 -13.311 21.037  1.00 61.10  ?  98  SCH B OXT 1 
ATOM   479  N N   . PRO C 1 2  ? 22.490  16.171  -9.535  1.00 67.12  ?  70  PRO C N   1 
ATOM   480  C CA  . PRO C 1 2  ? 22.868  15.041  -8.681  1.00 69.96  ?  70  PRO C CA  1 
ATOM   481  C C   . PRO C 1 2  ? 21.780  13.972  -8.618  1.00 73.26  ?  70  PRO C C   1 
ATOM   482  O O   . PRO C 1 2  ? 20.747  14.112  -9.274  1.00 52.75  ?  70  PRO C O   1 
ATOM   483  C CB  . PRO C 1 2  ? 23.073  15.693  -7.313  1.00 61.82  ?  70  PRO C CB  1 
ATOM   484  C CG  . PRO C 1 2  ? 22.160  16.870  -7.330  1.00 60.46  ?  70  PRO C CG  1 
ATOM   485  C CD  . PRO C 1 2  ? 22.169  17.375  -8.749  1.00 77.62  ?  70  PRO C CD  1 
ATOM   486  N N   . GLU C 1 3  ? 22.012  12.915  -7.834  1.00 65.20  ?  71  GLU C N   1 
ATOM   487  C CA  . GLU C 1 3  ? 21.010  11.864  -7.694  1.00 50.05  ?  71  GLU C CA  1 
ATOM   488  C C   . GLU C 1 3  ? 19.779  12.332  -6.929  1.00 52.90  ?  71  GLU C C   1 
ATOM   489  O O   . GLU C 1 3  ? 18.710  11.733  -7.080  1.00 53.58  ?  71  GLU C O   1 
ATOM   490  C CB  . GLU C 1 3  ? 21.610  10.639  -6.996  1.00 49.33  ?  71  GLU C CB  1 
ATOM   491  C CG  . GLU C 1 3  ? 22.481  9.758   -7.880  1.00 64.41  ?  71  GLU C CG  1 
ATOM   492  C CD  . GLU C 1 3  ? 23.911  10.248  -7.971  1.00 87.73  ?  71  GLU C CD  1 
ATOM   493  O OE1 . GLU C 1 3  ? 24.580  9.949   -8.984  1.00 90.49  ?  71  GLU C OE1 1 
ATOM   494  O OE2 . GLU C 1 3  ? 24.368  10.928  -7.029  1.00 80.73  -1 71  GLU C OE2 1 
ATOM   495  N N   . LEU C 1 4  ? 19.905  13.382  -6.113  1.00 49.30  ?  72  LEU C N   1 
ATOM   496  C CA  . LEU C 1 4  ? 18.764  13.861  -5.337  1.00 38.08  ?  72  LEU C CA  1 
ATOM   497  C C   . LEU C 1 4  ? 17.676  14.420  -6.245  1.00 38.72  ?  72  LEU C C   1 
ATOM   498  O O   . LEU C 1 4  ? 16.495  14.086  -6.094  1.00 35.02  ?  72  LEU C O   1 
ATOM   499  C CB  . LEU C 1 4  ? 19.221  14.916  -4.330  1.00 28.28  ?  72  LEU C CB  1 
ATOM   500  C CG  . LEU C 1 4  ? 19.928  14.403  -3.075  1.00 46.58  ?  72  LEU C CG  1 
ATOM   501  C CD1 . LEU C 1 4  ? 20.416  15.562  -2.221  1.00 33.82  ?  72  LEU C CD1 1 
ATOM   502  C CD2 . LEU C 1 4  ? 19.002  13.501  -2.273  1.00 50.23  ?  72  LEU C CD2 1 
ATOM   503  N N   . THR C 1 5  ? 18.055  15.281  -7.192  1.00 45.54  ?  73  THR C N   1 
ATOM   504  C CA  . THR C 1 5  ? 17.075  15.836  -8.121  1.00 40.73  ?  73  THR C CA  1 
ATOM   505  C C   . THR C 1 5  ? 16.419  14.740  -8.950  1.00 44.52  ?  73  THR C C   1 
ATOM   506  O O   . THR C 1 5  ? 15.215  14.796  -9.227  1.00 49.95  ?  73  THR C O   1 
ATOM   507  C CB  . THR C 1 5  ? 17.735  16.871  -9.032  1.00 39.35  ?  73  THR C CB  1 
ATOM   508  O OG1 . THR C 1 5  ? 18.956  16.334  -9.559  1.00 58.27  ?  73  THR C OG1 1 
ATOM   509  C CG2 . THR C 1 5  ? 18.035  18.150  -8.267  1.00 34.06  ?  73  THR C CG2 1 
ATOM   510  N N   . VAL C 1 6  ? 17.191  13.727  -9.346  1.00 48.05  ?  74  VAL C N   1 
ATOM   511  C CA  . VAL C 1 6  ? 16.632  12.628  -10.125 1.00 42.27  ?  74  VAL C CA  1 
ATOM   512  C C   . VAL C 1 6  ? 15.685  11.794  -9.271  1.00 38.54  ?  74  VAL C C   1 
ATOM   513  O O   . VAL C 1 6  ? 14.606  11.396  -9.726  1.00 44.78  ?  74  VAL C O   1 
ATOM   514  C CB  . VAL C 1 6  ? 17.761  11.770  -10.725 1.00 52.63  ?  74  VAL C CB  1 
ATOM   515  C CG1 . VAL C 1 6  ? 17.184  10.653  -11.581 1.00 36.26  ?  74  VAL C CG1 1 
ATOM   516  C CG2 . VAL C 1 6  ? 18.712  12.637  -11.535 1.00 49.83  ?  74  VAL C CG2 1 
ATOM   517  N N   . ALA C 1 7  ? 16.070  11.517  -8.021  1.00 37.58  ?  75  ALA C N   1 
ATOM   518  C CA  . ALA C 1 7  ? 15.200  10.757  -7.132  1.00 32.00  ?  75  ALA C CA  1 
ATOM   519  C C   . ALA C 1 7  ? 13.897  11.495  -6.858  1.00 39.06  ?  75  ALA C C   1 
ATOM   520  O O   . ALA C 1 7  ? 12.850  10.862  -6.679  1.00 41.01  ?  75  ALA C O   1 
ATOM   521  C CB  . ALA C 1 7  ? 15.924  10.451  -5.820  1.00 28.47  ?  75  ALA C CB  1 
ATOM   522  N N   . LEU C 1 8  ? 13.940  12.828  -6.825  1.00 32.05  ?  76  LEU C N   1 
ATOM   523  C CA  . LEU C 1 8  ? 12.718  13.601  -6.641  1.00 27.62  ?  76  LEU C CA  1 
ATOM   524  C C   . LEU C 1 8  ? 11.813  13.500  -7.862  1.00 40.66  ?  76  LEU C C   1 
ATOM   525  O O   . LEU C 1 8  ? 10.596  13.331  -7.729  1.00 39.62  ?  76  LEU C O   1 
ATOM   526  C CB  . LEU C 1 8  ? 13.058  15.062  -6.346  1.00 22.95  ?  76  LEU C CB  1 
ATOM   527  C CG  . LEU C 1 8  ? 11.874  15.965  -5.996  1.00 31.51  ?  76  LEU C CG  1 
ATOM   528  C CD1 . LEU C 1 8  ? 11.247  15.541  -4.675  1.00 25.22  ?  76  LEU C CD1 1 
ATOM   529  C CD2 . LEU C 1 8  ? 12.299  17.423  -5.952  1.00 41.43  ?  76  LEU C CD2 1 
ATOM   530  N N   . ILE C 1 9  ? 12.393  13.596  -9.062  1.00 42.05  ?  77  ILE C N   1 
ATOM   531  C CA  . ILE C 1 9  ? 11.597  13.515  -10.283 1.00 40.92  ?  77  ILE C CA  1 
ATOM   532  C C   . ILE C 1 9  ? 11.041  12.108  -10.465 1.00 32.94  ?  77  ILE C C   1 
ATOM   533  O O   . ILE C 1 9  ? 9.892   11.930  -10.888 1.00 38.84  ?  77  ILE C O   1 
ATOM   534  C CB  . ILE C 1 9  ? 12.435  13.958  -11.496 1.00 48.24  ?  77  ILE C CB  1 
ATOM   535  C CG1 . ILE C 1 9  ? 12.914  15.400  -11.318 1.00 38.85  ?  77  ILE C CG1 1 
ATOM   536  C CG2 . ILE C 1 9  ? 11.633  13.828  -12.781 1.00 47.51  ?  77  ILE C CG2 1 
ATOM   537  C CD1 . ILE C 1 9  ? 11.792  16.402  -11.175 1.00 43.58  ?  77  ILE C CD1 1 
ATOM   538  N N   . LEU C 1 10 ? 11.845  11.087  -10.153 1.00 30.67  ?  78  LEU C N   1 
ATOM   539  C CA  . LEU C 1 10 ? 11.355  9.714   -10.213 1.00 34.38  ?  78  LEU C CA  1 
ATOM   540  C C   . LEU C 1 10 ? 10.179  9.509   -9.267  1.00 40.78  ?  78  LEU C C   1 
ATOM   541  O O   . LEU C 1 10 ? 9.197   8.843   -9.616  1.00 41.45  ?  78  LEU C O   1 
ATOM   542  C CB  . LEU C 1 10 ? 12.484  8.737   -9.884  1.00 28.70  ?  78  LEU C CB  1 
ATOM   543  C CG  . LEU C 1 10 ? 12.064  7.280   -9.669  1.00 41.97  ?  78  LEU C CG  1 
ATOM   544  C CD1 . LEU C 1 10 ? 11.412  6.712   -10.923 1.00 31.74  ?  78  LEU C CD1 1 
ATOM   545  C CD2 . LEU C 1 10 ? 13.250  6.429   -9.242  1.00 25.70  ?  78  LEU C CD2 1 
ATOM   546  N N   . GLY C 1 11 ? 10.258  10.077  -8.062  1.00 36.84  ?  79  GLY C N   1 
ATOM   547  C CA  . GLY C 1 11 ? 9.144   9.973   -7.135  1.00 34.89  ?  79  GLY C CA  1 
ATOM   548  C C   . GLY C 1 11 ? 7.905   10.694  -7.629  1.00 22.05  ?  79  GLY C C   1 
ATOM   549  O O   . GLY C 1 11 ? 6.786   10.196  -7.483  1.00 26.99  ?  79  GLY C O   1 
ATOM   550  N N   . ILE C 1 12 ? 8.088   11.876  -8.223  1.00 22.56  ?  80  ILE C N   1 
ATOM   551  C CA  . ILE C 1 12 ? 6.952   12.633  -8.745  1.00 31.45  ?  80  ILE C CA  1 
ATOM   552  C C   . ILE C 1 12 ? 6.246   11.849  -9.843  1.00 35.90  ?  80  ILE C C   1 
ATOM   553  O O   . ILE C 1 12 ? 5.011   11.820  -9.911  1.00 32.34  ?  80  ILE C O   1 
ATOM   554  C CB  . ILE C 1 12 ? 7.416   14.017  -9.238  1.00 34.63  ?  80  ILE C CB  1 
ATOM   555  C CG1 . ILE C 1 12 ? 7.823   14.898  -8.054  1.00 32.10  ?  80  ILE C CG1 1 
ATOM   556  C CG2 . ILE C 1 12 ? 6.327   14.691  -10.058 1.00 36.18  ?  80  ILE C CG2 1 
ATOM   557  C CD1 . ILE C 1 12 ? 8.271   16.286  -8.453  1.00 32.32  ?  80  ILE C CD1 1 
ATOM   558  N N   . PHE C 1 13 ? 7.016   11.189  -10.712 1.00 42.98  ?  81  PHE C N   1 
ATOM   559  C CA  . PHE C 1 13 ? 6.408   10.360  -11.749 1.00 29.82  ?  81  PHE C CA  1 
ATOM   560  C C   . PHE C 1 13 ? 5.725   9.138   -11.150 1.00 25.59  ?  81  PHE C C   1 
ATOM   561  O O   . PHE C 1 13 ? 4.647   8.738   -11.604 1.00 32.82  ?  81  PHE C O   1 
ATOM   562  C CB  . PHE C 1 13 ? 7.459   9.936   -12.775 1.00 38.36  ?  81  PHE C CB  1 
ATOM   563  C CG  . PHE C 1 13 ? 7.875   11.037  -13.708 1.00 59.13  ?  81  PHE C CG  1 
ATOM   564  C CD1 . PHE C 1 13 ? 8.934   10.856  -14.583 1.00 67.24  ?  81  PHE C CD1 1 
ATOM   565  C CD2 . PHE C 1 13 ? 7.208   12.251  -13.714 1.00 54.01  ?  81  PHE C CD2 1 
ATOM   566  C CE1 . PHE C 1 13 ? 9.319   11.863  -15.446 1.00 66.68  ?  81  PHE C CE1 1 
ATOM   567  C CE2 . PHE C 1 13 ? 7.590   13.263  -14.573 1.00 64.66  ?  81  PHE C CE2 1 
ATOM   568  C CZ  . PHE C 1 13 ? 8.646   13.068  -15.440 1.00 62.13  ?  81  PHE C CZ  1 
ATOM   569  N N   . LEU C 1 14 ? 6.337   8.527   -10.132 1.00 24.79  ?  82  LEU C N   1 
ATOM   570  C CA  . LEU C 1 14 ? 5.718   7.378   -9.479  1.00 22.89  ?  82  LEU C CA  1 
ATOM   571  C C   . LEU C 1 14 ? 4.452   7.785   -8.738  1.00 32.76  ?  82  LEU C C   1 
ATOM   572  O O   . LEU C 1 14 ? 3.401   7.153   -8.893  1.00 31.76  ?  82  LEU C O   1 
ATOM   573  C CB  . LEU C 1 14 ? 6.710   6.717   -8.523  1.00 23.53  ?  82  LEU C CB  1 
ATOM   574  C CG  . LEU C 1 14 ? 7.830   5.888   -9.151  1.00 33.87  ?  82  LEU C CG  1 
ATOM   575  C CD1 . LEU C 1 14 ? 8.781   5.386   -8.077  1.00 26.12  ?  82  LEU C CD1 1 
ATOM   576  C CD2 . LEU C 1 14 ? 7.254   4.725   -9.946  1.00 25.57  ?  82  LEU C CD2 1 
ATOM   577  N N   . GLY C 1 15 ? 4.531   8.845   -7.930  1.00 31.33  ?  83  GLY C N   1 
ATOM   578  C CA  . GLY C 1 15 ? 3.369   9.277   -7.172  1.00 25.23  ?  83  GLY C CA  1 
ATOM   579  C C   . GLY C 1 15 ? 2.200   9.669   -8.055  1.00 25.75  ?  83  GLY C C   1 
ATOM   580  O O   . GLY C 1 15 ? 1.040   9.432   -7.706  1.00 18.98  ?  83  GLY C O   1 
ATOM   581  N N   . THR C 1 16 ? 2.488   10.274  -9.210  1.00 24.20  ?  84  THR C N   1 
ATOM   582  C CA  . THR C 1 16 ? 1.424   10.603  -10.153 1.00 30.16  ?  84  THR C CA  1 
ATOM   583  C C   . THR C 1 16 ? 0.787   9.340   -10.722 1.00 33.00  ?  84  THR C C   1 
ATOM   584  O O   . THR C 1 16 ? -0.439  9.268   -10.866 1.00 31.53  ?  84  THR C O   1 
ATOM   585  C CB  . THR C 1 16 ? 1.975   11.482  -11.277 1.00 29.07  ?  84  THR C CB  1 
ATOM   586  O OG1 . THR C 1 16 ? 2.527   12.683  -10.724 1.00 29.76  ?  84  THR C OG1 1 
ATOM   587  C CG2 . THR C 1 16 ? 0.871   11.850  -12.262 1.00 20.75  ?  84  THR C CG2 1 
ATOM   588  N N   . PHE C 1 17 ? 1.603   8.331   -11.036 1.00 22.80  ?  85  PHE C N   1 
ATOM   589  C CA  . PHE C 1 17 ? 1.065   7.086   -11.573 1.00 25.06  ?  85  PHE C CA  1 
ATOM   590  C C   . PHE C 1 17 ? 0.307   6.303   -10.508 1.00 34.35  ?  85  PHE C C   1 
ATOM   591  O O   . PHE C 1 17 ? -0.748  5.723   -10.791 1.00 35.60  ?  85  PHE C O   1 
ATOM   592  C CB  . PHE C 1 17 ? 2.191   6.237   -12.163 1.00 26.56  ?  85  PHE C CB  1 
ATOM   593  C CG  . PHE C 1 17 ? 1.753   4.864   -12.591 1.00 32.84  ?  85  PHE C CG  1 
ATOM   594  C CD1 . PHE C 1 17 ? 1.076   4.680   -13.783 1.00 44.23  ?  85  PHE C CD1 1 
ATOM   595  C CD2 . PHE C 1 17 ? 2.022   3.758   -11.800 1.00 39.31  ?  85  PHE C CD2 1 
ATOM   596  C CE1 . PHE C 1 17 ? 0.670   3.419   -14.179 1.00 45.57  ?  85  PHE C CE1 1 
ATOM   597  C CE2 . PHE C 1 17 ? 1.618   2.495   -12.190 1.00 43.02  ?  85  PHE C CE2 1 
ATOM   598  C CZ  . PHE C 1 17 ? 0.942   2.325   -13.382 1.00 46.16  ?  85  PHE C CZ  1 
ATOM   599  N N   . ILE C 1 18 ? 0.830   6.272   -9.279  1.00 26.41  ?  86  ILE C N   1 
ATOM   600  C CA  . ILE C 1 18 ? 0.178   5.527   -8.205  1.00 26.81  ?  86  ILE C CA  1 
ATOM   601  C C   . ILE C 1 18 ? -1.202  6.104   -7.912  1.00 26.24  ?  86  ILE C C   1 
ATOM   602  O O   . ILE C 1 18 ? -2.152  5.366   -7.624  1.00 24.25  ?  86  ILE C O   1 
ATOM   603  C CB  . ILE C 1 18 ? 1.068   5.515   -6.948  1.00 31.75  ?  86  ILE C CB  1 
ATOM   604  C CG1 . ILE C 1 18 ? 2.352   4.727   -7.211  1.00 35.29  ?  86  ILE C CG1 1 
ATOM   605  C CG2 . ILE C 1 18 ? 0.324   4.925   -5.758  1.00 27.78  ?  86  ILE C CG2 1 
ATOM   606  C CD1 . ILE C 1 18 ? 3.318   4.732   -6.050  1.00 45.00  ?  86  ILE C CD1 1 
ATOM   607  N N   . ALA C 1 19 ? -1.338  7.431   -7.989  1.00 18.76  ?  87  ALA C N   1 
ATOM   608  C CA  . ALA C 1 19 ? -2.624  8.063   -7.713  1.00 17.95  ?  87  ALA C CA  1 
ATOM   609  C C   . ALA C 1 19 ? -3.692  7.591   -8.692  1.00 19.83  ?  87  ALA C C   1 
ATOM   610  O O   . ALA C 1 19 ? -4.775  7.155   -8.285  1.00 18.78  ?  87  ALA C O   1 
ATOM   611  C CB  . ALA C 1 19 ? -2.481  9.584   -7.762  1.00 17.07  ?  87  ALA C CB  1 
ATOM   612  N N   . PHE C 1 20 ? -3.404  7.668   -9.994  1.00 22.28  ?  88  PHE C N   1 
ATOM   613  C CA  . PHE C 1 20 ? -4.328  7.138   -10.989 1.00 22.76  ?  88  PHE C CA  1 
ATOM   614  C C   . PHE C 1 20 ? -4.484  5.629   -10.855 1.00 22.33  ?  88  PHE C C   1 
ATOM   615  O O   . PHE C 1 20 ? -5.549  5.083   -11.164 1.00 26.94  ?  88  PHE C O   1 
ATOM   616  C CB  . PHE C 1 20 ? -3.848  7.503   -12.395 1.00 22.43  ?  88  PHE C CB  1 
ATOM   617  C CG  . PHE C 1 20 ? -3.865  8.975   -12.677 1.00 15.40  ?  88  PHE C CG  1 
ATOM   618  C CD1 . PHE C 1 20 ? -4.963  9.746   -12.337 1.00 22.09  ?  88  PHE C CD1 1 
ATOM   619  C CD2 . PHE C 1 20 ? -2.777  9.591   -13.272 1.00 16.94  ?  88  PHE C CD2 1 
ATOM   620  C CE1 . PHE C 1 20 ? -4.981  11.104  -12.592 1.00 19.20  ?  88  PHE C CE1 1 
ATOM   621  C CE2 . PHE C 1 20 ? -2.788  10.948  -13.530 1.00 15.27  ?  88  PHE C CE2 1 
ATOM   622  C CZ  . PHE C 1 20 ? -3.891  11.705  -13.190 1.00 13.59  ?  88  PHE C CZ  1 
ATOM   623  N N   . TRP C 1 21 ? -3.432  4.944   -10.397 1.00 21.80  ?  89  TRP C N   1 
ATOM   624  C CA  . TRP C 1 21 ? -3.520  3.508   -10.157 1.00 15.65  ?  89  TRP C CA  1 
ATOM   625  C C   . TRP C 1 21 ? -4.500  3.196   -9.032  1.00 24.48  ?  89  TRP C C   1 
ATOM   626  O O   . TRP C 1 21 ? -5.236  2.205   -9.096  1.00 29.61  ?  89  TRP C O   1 
ATOM   627  C CB  . TRP C 1 21 ? -2.125  2.957   -9.850  1.00 15.14  ?  89  TRP C CB  1 
ATOM   628  C CG  . TRP C 1 21 ? -2.097  1.632   -9.150  1.00 32.39  ?  89  TRP C CG  1 
ATOM   629  C CD1 . TRP C 1 21 ? -1.716  1.396   -7.861  1.00 29.54  ?  89  TRP C CD1 1 
ATOM   630  C CD2 . TRP C 1 21 ? -2.446  0.357   -9.705  1.00 30.60  ?  89  TRP C CD2 1 
ATOM   631  N NE1 . TRP C 1 21 ? -1.812  0.057   -7.577  1.00 31.67  ?  89  TRP C NE1 1 
ATOM   632  C CE2 . TRP C 1 21 ? -2.257  -0.604  -8.691  1.00 31.84  ?  89  TRP C CE2 1 
ATOM   633  C CE3 . TRP C 1 21 ? -2.903  -0.065  -10.957 1.00 33.34  ?  89  TRP C CE3 1 
ATOM   634  C CZ2 . TRP C 1 21 ? -2.511  -1.959  -8.891  1.00 34.28  ?  89  TRP C CZ2 1 
ATOM   635  C CZ3 . TRP C 1 21 ? -3.153  -1.411  -11.154 1.00 46.03  ?  89  TRP C CZ3 1 
ATOM   636  C CH2 . TRP C 1 21 ? -2.956  -2.342  -10.126 1.00 46.02  ?  89  TRP C CH2 1 
ATOM   637  N N   . VAL C 1 22 ? -4.536  4.044   -8.001  1.00 26.44  ?  90  VAL C N   1 
ATOM   638  C CA  . VAL C 1 22 ? -5.474  3.841   -6.900  1.00 21.70  ?  90  VAL C CA  1 
ATOM   639  C C   . VAL C 1 22 ? -6.904  4.108   -7.358  1.00 24.68  ?  90  VAL C C   1 
ATOM   640  O O   . VAL C 1 22 ? -7.827  3.358   -7.017  1.00 24.81  ?  90  VAL C O   1 
ATOM   641  C CB  . VAL C 1 22 ? -5.083  4.724   -5.701  1.00 22.97  ?  90  VAL C CB  1 
ATOM   642  C CG1 . VAL C 1 22 ? -6.195  4.743   -4.665  1.00 16.97  ?  90  VAL C CG1 1 
ATOM   643  C CG2 . VAL C 1 22 ? -3.784  4.229   -5.083  1.00 15.89  ?  90  VAL C CG2 1 
ATOM   644  N N   . VAL C 1 23 ? -7.111  5.173   -8.136  1.00 29.56  ?  91  VAL C N   1 
ATOM   645  C CA  . VAL C 1 23 ? -8.444  5.470   -8.653  1.00 19.02  ?  91  VAL C CA  1 
ATOM   646  C C   . VAL C 1 23 ? -8.940  4.326   -9.527  1.00 29.64  ?  91  VAL C C   1 
ATOM   647  O O   . VAL C 1 23 ? -10.127 3.977   -9.503  1.00 32.50  ?  91  VAL C O   1 
ATOM   648  C CB  . VAL C 1 23 ? -8.439  6.807   -9.419  1.00 19.89  ?  91  VAL C CB  1 
ATOM   649  C CG1 . VAL C 1 23 ? -9.832  7.127   -9.944  1.00 18.55  ?  91  VAL C CG1 1 
ATOM   650  C CG2 . VAL C 1 23 ? -7.931  7.929   -8.528  1.00 15.97  ?  91  VAL C CG2 1 
ATOM   651  N N   . TYR C 1 24 ? -8.041  3.720   -10.305 1.00 24.54  ?  92  TYR C N   1 
ATOM   652  C CA  . TYR C 1 24 ? -8.418  2.572   -11.123 1.00 23.69  ?  92  TYR C CA  1 
ATOM   653  C C   . TYR C 1 24 ? -8.881  1.408   -10.257 1.00 31.66  ?  92  TYR C C   1 
ATOM   654  O O   . TYR C 1 24 ? -9.901  0.770   -10.546 1.00 33.73  ?  92  TYR C O   1 
ATOM   655  C CB  . TYR C 1 24 ? -7.244  2.155   -12.008 1.00 25.32  ?  92  TYR C CB  1 
ATOM   656  C CG  . TYR C 1 24 ? -7.473  0.864   -12.758 1.00 25.96  ?  92  TYR C CG  1 
ATOM   657  C CD1 . TYR C 1 24 ? -8.389  0.798   -13.800 1.00 32.75  ?  92  TYR C CD1 1 
ATOM   658  C CD2 . TYR C 1 24 ? -6.770  -0.288  -12.430 1.00 33.01  ?  92  TYR C CD2 1 
ATOM   659  C CE1 . TYR C 1 24 ? -8.603  -0.381  -14.490 1.00 37.19  ?  92  TYR C CE1 1 
ATOM   660  C CE2 . TYR C 1 24 ? -6.976  -1.470  -13.114 1.00 39.63  ?  92  TYR C CE2 1 
ATOM   661  C CZ  . TYR C 1 24 ? -7.893  -1.511  -14.143 1.00 49.07  ?  92  TYR C CZ  1 
ATOM   662  O OH  . TYR C 1 24 ? -8.103  -2.685  -14.831 1.00 74.24  ?  92  TYR C OH  1 
ATOM   663  N N   . LEU C 1 25 ? -8.140  1.112   -9.185  1.00 24.30  ?  93  LEU C N   1 
ATOM   664  C CA  . LEU C 1 25 ? -8.544  0.039   -8.282  1.00 26.56  ?  93  LEU C CA  1 
ATOM   665  C C   . LEU C 1 25 ? -9.861  0.365   -7.588  1.00 29.03  ?  93  LEU C C   1 
ATOM   666  O O   . LEU C 1 25 ? -10.676 -0.529  -7.337  1.00 33.87  ?  93  LEU C O   1 
ATOM   667  C CB  . LEU C 1 25 ? -7.450  -0.224  -7.247  1.00 25.08  ?  93  LEU C CB  1 
ATOM   668  C CG  . LEU C 1 25 ? -6.130  -0.794  -7.771  1.00 29.46  ?  93  LEU C CG  1 
ATOM   669  C CD1 . LEU C 1 25 ? -5.170  -1.058  -6.618  1.00 23.81  ?  93  LEU C CD1 1 
ATOM   670  C CD2 . LEU C 1 25 ? -6.372  -2.062  -8.574  1.00 26.82  ?  93  LEU C CD2 1 
ATOM   671  N N   . LEU C 1 26 ? -10.084 1.642   -7.270  1.00 29.86  ?  94  LEU C N   1 
ATOM   672  C CA  . LEU C 1 26 ? -11.331 2.038   -6.624  1.00 26.25  ?  94  LEU C CA  1 
ATOM   673  C C   . LEU C 1 26 ? -12.536 1.788   -7.523  1.00 34.76  ?  94  LEU C C   1 
ATOM   674  O O   . LEU C 1 26 ? -13.635 1.512   -7.026  1.00 33.04  ?  94  LEU C O   1 
ATOM   675  C CB  . LEU C 1 26 ? -11.268 3.512   -6.226  1.00 26.99  ?  94  LEU C CB  1 
ATOM   676  C CG  . LEU C 1 26 ? -12.527 4.127   -5.606  1.00 32.73  ?  94  LEU C CG  1 
ATOM   677  C CD1 . LEU C 1 26 ? -12.771 3.568   -4.212  1.00 26.52  ?  94  LEU C CD1 1 
ATOM   678  C CD2 . LEU C 1 26 ? -12.432 5.644   -5.581  1.00 24.69  ?  94  LEU C CD2 1 
ATOM   679  N N   . ARG C 1 27 ? -12.351 1.867   -8.842  1.00 30.68  ?  95  ARG C N   1 
ATOM   680  C CA  . ARG C 1 27 ? -13.481 1.733   -9.753  1.00 33.02  ?  95  ARG C CA  1 
ATOM   681  C C   . ARG C 1 27 ? -13.800 0.274   -10.059 1.00 41.99  ?  95  ARG C C   1 
ATOM   682  O O   . ARG C 1 27 ? -14.974 -0.085  -10.209 1.00 64.67  ?  95  ARG C O   1 
ATOM   683  C CB  . ARG C 1 27 ? -13.208 2.498   -11.049 1.00 27.47  ?  95  ARG C CB  1 
ATOM   684  C CG  . ARG C 1 27 ? -12.981 3.988   -10.857 1.00 32.41  ?  95  ARG C CG  1 
ATOM   685  C CD  . ARG C 1 27 ? -12.753 4.689   -12.184 1.00 35.09  ?  95  ARG C CD  1 
ATOM   686  N NE  . ARG C 1 27 ? -13.982 4.792   -12.964 1.00 47.62  ?  95  ARG C NE  1 
ATOM   687  C CZ  . ARG C 1 27 ? -14.746 5.878   -13.011 1.00 39.48  ?  95  ARG C CZ  1 
ATOM   688  N NH1 . ARG C 1 27 ? -15.850 5.883   -13.744 1.00 51.02  ?  95  ARG C NH1 1 
ATOM   689  N NH2 . ARG C 1 27 ? -14.404 6.962   -12.328 1.00 41.93  ?  95  ARG C NH2 1 
ATOM   690  N N   . ARG C 1 28 ? -12.784 -0.585  -10.151 1.00 41.86  ?  96  ARG C N   1 
ATOM   691  C CA  . ARG C 1 28 ? -13.005 -1.964  -10.569 1.00 57.17  ?  96  ARG C CA  1 
ATOM   692  C C   . ARG C 1 28 ? -13.096 -2.947  -9.412  1.00 51.20  ?  96  ARG C C   1 
ATOM   693  O O   . ARG C 1 28 ? -13.824 -3.939  -9.521  1.00 76.20  ?  96  ARG C O   1 
ATOM   694  C CB  . ARG C 1 28 ? -11.898 -2.417  -11.534 1.00 51.74  ?  96  ARG C CB  1 
ATOM   695  C CG  . ARG C 1 28 ? -10.563 -2.757  -10.888 1.00 45.52  ?  96  ARG C CG  1 
ATOM   696  C CD  . ARG C 1 28 ? -10.049 -4.097  -11.397 1.00 73.80  ?  96  ARG C CD  1 
ATOM   697  N NE  . ARG C 1 28 ? -8.743  -4.448  -10.845 1.00 80.32  ?  96  ARG C NE  1 
ATOM   698  C CZ  . ARG C 1 28 ? -8.134  -5.612  -11.054 1.00 59.52  ?  96  ARG C CZ  1 
ATOM   699  N NH1 . ARG C 1 28 ? -8.715  -6.542  -11.798 1.00 67.96  ?  96  ARG C NH1 1 
ATOM   700  N NH2 . ARG C 1 28 ? -6.946  -5.848  -10.515 1.00 42.68  ?  96  ARG C NH2 1 
ATOM   701  N N   . LEU C 1 29 ? -12.392 -2.708  -8.310  1.00 52.76  ?  97  LEU C N   1 
ATOM   702  C CA  . LEU C 1 29 ? -12.422 -3.639  -7.185  1.00 73.60  ?  97  LEU C CA  1 
ATOM   703  C C   . LEU C 1 29 ? -13.556 -3.311  -6.220  1.00 70.05  ?  97  LEU C C   1 
ATOM   704  O O   . LEU C 1 29 ? -14.069 -4.191  -5.529  1.00 86.58  ?  97  LEU C O   1 
ATOM   705  C CB  . LEU C 1 29 ? -11.083 -3.641  -6.442  1.00 63.90  ?  97  LEU C CB  1 
ATOM   706  C CG  . LEU C 1 29 ? -9.966  -4.492  -7.052  1.00 63.66  ?  97  LEU C CG  1 
ATOM   707  C CD1 . LEU C 1 29 ? -8.762  -4.544  -6.123  1.00 51.53  ?  97  LEU C CD1 1 
ATOM   708  C CD2 . LEU C 1 29 ? -10.472 -5.894  -7.361  1.00 69.68  ?  97  LEU C CD2 1 
HETATM 709  N N   . SCH C 1 30 ? -13.943 -2.040  -6.175  1.00 48.25  ?  98  SCH C N   1 
HETATM 710  C CA  . SCH C 1 30 ? -15.020 -1.614  -5.323  1.00 54.24  ?  98  SCH C CA  1 
HETATM 711  C CB  . SCH C 1 30 ? -14.691 -0.312  -4.589  1.00 66.54  ?  98  SCH C CB  1 
HETATM 712  S SG  . SCH C 1 30 ? -13.082 -0.288  -3.878  1.00 59.73  ?  98  SCH C SG  1 
HETATM 713  S SD  . SCH C 1 30 ? -13.045 -1.688  -2.308  1.00 70.51  ?  98  SCH C SD  1 
HETATM 714  C CE  . SCH C 1 30 ? -12.228 -3.087  -2.968  1.00 49.97  ?  98  SCH C CE  1 
HETATM 715  C C   . SCH C 1 30 ? -16.331 -1.406  -6.077  1.00 50.81  ?  98  SCH C C   1 
HETATM 716  O O   . SCH C 1 30 ? -17.298 -0.709  -5.754  1.00 56.69  ?  98  SCH C O   1 
HETATM 717  O OXT . SCH C 1 30 ? -16.421 -2.085  -7.253  1.00 67.95  ?  98  SCH C OXT 1 
ATOM   718  N N   . GLU D 1 1  ? 20.989  5.173   0.295   1.00 74.58  ?  69  GLU D N   1 
ATOM   719  C CA  . GLU D 1 1  ? 21.243  6.306   1.177   1.00 57.62  ?  69  GLU D CA  1 
ATOM   720  C C   . GLU D 1 1  ? 19.931  6.889   1.695   1.00 46.66  ?  69  GLU D C   1 
ATOM   721  O O   . GLU D 1 1  ? 18.951  6.971   0.952   1.00 55.41  ?  69  GLU D O   1 
ATOM   722  C CB  . GLU D 1 1  ? 22.054  7.386   0.454   1.00 51.15  ?  69  GLU D CB  1 
ATOM   723  C CG  . GLU D 1 1  ? 23.441  6.943   -0.005  1.00 59.25  ?  69  GLU D CG  1 
ATOM   724  C CD  . GLU D 1 1  ? 23.415  6.153   -1.301  1.00 83.10  ?  69  GLU D CD  1 
ATOM   725  O OE1 . GLU D 1 1  ? 22.310  5.894   -1.824  1.00 86.48  ?  69  GLU D OE1 1 
ATOM   726  O OE2 . GLU D 1 1  ? 24.501  5.792   -1.801  1.00 92.50  -1 69  GLU D OE2 1 
ATOM   727  N N   . PRO D 1 2  ? 19.914  7.283   2.972   1.00 31.53  ?  70  PRO D N   1 
ATOM   728  C CA  . PRO D 1 2  ? 18.678  7.841   3.550   1.00 32.95  ?  70  PRO D CA  1 
ATOM   729  C C   . PRO D 1 2  ? 18.138  9.052   2.806   1.00 35.73  ?  70  PRO D C   1 
ATOM   730  O O   . PRO D 1 2  ? 16.929  9.129   2.558   1.00 38.40  ?  70  PRO D O   1 
ATOM   731  C CB  . PRO D 1 2  ? 19.101  8.190   4.982   1.00 28.39  ?  70  PRO D CB  1 
ATOM   732  C CG  . PRO D 1 2  ? 20.219  7.256   5.279   1.00 31.98  ?  70  PRO D CG  1 
ATOM   733  C CD  . PRO D 1 2  ? 20.963  7.085   3.987   1.00 35.09  ?  70  PRO D CD  1 
ATOM   734  N N   . GLU D 1 3  ? 19.005  10.001  2.438   1.00 34.52  ?  71  GLU D N   1 
ATOM   735  C CA  . GLU D 1 3  ? 18.532  11.214  1.777   1.00 29.47  ?  71  GLU D CA  1 
ATOM   736  C C   . GLU D 1 3  ? 17.902  10.912  0.423   1.00 32.88  ?  71  GLU D C   1 
ATOM   737  O O   . GLU D 1 3  ? 16.985  11.623  -0.007  1.00 22.45  ?  71  GLU D O   1 
ATOM   738  C CB  . GLU D 1 3  ? 19.679  12.216  1.618   1.00 28.02  ?  71  GLU D CB  1 
ATOM   739  C CG  . GLU D 1 3  ? 20.846  11.712  0.784   1.00 26.59  ?  71  GLU D CG  1 
ATOM   740  C CD  . GLU D 1 3  ? 21.907  11.018  1.615   1.00 41.90  ?  71  GLU D CD  1 
ATOM   741  O OE1 . GLU D 1 3  ? 23.102  11.139  1.272   1.00 44.03  ?  71  GLU D OE1 1 
ATOM   742  O OE2 . GLU D 1 3  ? 21.548  10.357  2.613   1.00 45.48  -1 71  GLU D OE2 1 
ATOM   743  N N   . LEU D 1 4  ? 18.374  9.869   -0.264  1.00 38.80  ?  72  LEU D N   1 
ATOM   744  C CA  . LEU D 1 4  ? 17.770  9.497   -1.539  1.00 37.31  ?  72  LEU D CA  1 
ATOM   745  C C   . LEU D 1 4  ? 16.405  8.853   -1.346  1.00 38.53  ?  72  LEU D C   1 
ATOM   746  O O   . LEU D 1 4  ? 15.514  9.028   -2.185  1.00 35.37  ?  72  LEU D O   1 
ATOM   747  C CB  . LEU D 1 4  ? 18.698  8.560   -2.309  1.00 35.68  ?  72  LEU D CB  1 
ATOM   748  C CG  . LEU D 1 4  ? 19.932  9.218   -2.928  1.00 50.89  ?  72  LEU D CG  1 
ATOM   749  C CD1 . LEU D 1 4  ? 20.820  8.181   -3.593  1.00 64.96  ?  72  LEU D CD1 1 
ATOM   750  C CD2 . LEU D 1 4  ? 19.512  10.280  -3.930  1.00 49.30  ?  72  LEU D CD2 1 
ATOM   751  N N   . THR D 1 5  ? 16.222  8.105   -0.256  1.00 31.32  ?  73  THR D N   1 
ATOM   752  C CA  . THR D 1 5  ? 14.911  7.538   0.038   1.00 28.78  ?  73  THR D CA  1 
ATOM   753  C C   . THR D 1 5  ? 13.910  8.630   0.395   1.00 32.70  ?  73  THR D C   1 
ATOM   754  O O   . THR D 1 5  ? 12.748  8.578   -0.026  1.00 27.73  ?  73  THR D O   1 
ATOM   755  C CB  . THR D 1 5  ? 15.019  6.518   1.173   1.00 40.12  ?  73  THR D CB  1 
ATOM   756  O OG1 . THR D 1 5  ? 15.978  5.511   0.829   1.00 49.26  ?  73  THR D OG1 1 
ATOM   757  C CG2 . THR D 1 5  ? 13.672  5.856   1.429   1.00 31.54  ?  73  THR D CG2 1 
ATOM   758  N N   . VAL D 1 6  ? 14.347  9.632   1.160   1.00 28.42  ?  74  VAL D N   1 
ATOM   759  C CA  . VAL D 1 6  ? 13.458  10.719  1.554   1.00 26.55  ?  74  VAL D CA  1 
ATOM   760  C C   . VAL D 1 6  ? 13.028  11.527  0.337   1.00 31.47  ?  74  VAL D C   1 
ATOM   761  O O   . VAL D 1 6  ? 11.851  11.874  0.187   1.00 28.69  ?  74  VAL D O   1 
ATOM   762  C CB  . VAL D 1 6  ? 14.136  11.607  2.612   1.00 17.65  ?  74  VAL D CB  1 
ATOM   763  C CG1 . VAL D 1 6  ? 13.231  12.769  2.988   1.00 14.32  ?  74  VAL D CG1 1 
ATOM   764  C CG2 . VAL D 1 6  ? 14.494  10.787  3.838   1.00 20.18  ?  74  VAL D CG2 1 
ATOM   765  N N   . ALA D 1 7  ? 13.976  11.840  -0.552  1.00 23.70  ?  75  ALA D N   1 
ATOM   766  C CA  . ALA D 1 7  ? 13.641  12.591  -1.758  1.00 28.24  ?  75  ALA D CA  1 
ATOM   767  C C   . ALA D 1 7  ? 12.664  11.817  -2.634  1.00 35.05  ?  75  ALA D C   1 
ATOM   768  O O   . ALA D 1 7  ? 11.776  12.408  -3.260  1.00 37.87  ?  75  ALA D O   1 
ATOM   769  C CB  . ALA D 1 7  ? 14.912  12.930  -2.537  1.00 26.64  ?  75  ALA D CB  1 
ATOM   770  N N   . LEU D 1 8  ? 12.813  10.493  -2.688  1.00 37.65  ?  76  LEU D N   1 
ATOM   771  C CA  . LEU D 1 8  ? 11.894  9.673   -3.470  1.00 40.09  ?  76  LEU D CA  1 
ATOM   772  C C   . LEU D 1 8  ? 10.501  9.673   -2.855  1.00 35.72  ?  76  LEU D C   1 
ATOM   773  O O   . LEU D 1 8  ? 9.502   9.893   -3.551  1.00 34.45  ?  76  LEU D O   1 
ATOM   774  C CB  . LEU D 1 8  ? 12.433  8.247   -3.581  1.00 36.00  ?  76  LEU D CB  1 
ATOM   775  C CG  . LEU D 1 8  ? 11.617  7.289   -4.451  1.00 38.18  ?  76  LEU D CG  1 
ATOM   776  C CD1 . LEU D 1 8  ? 11.727  7.682   -5.915  1.00 41.68  ?  76  LEU D CD1 1 
ATOM   777  C CD2 . LEU D 1 8  ? 12.066  5.851   -4.238  1.00 25.93  ?  76  LEU D CD2 1 
ATOM   778  N N   . ILE D 1 9  ? 10.414  9.426   -1.545  1.00 24.10  ?  77  ILE D N   1 
ATOM   779  C CA  . ILE D 1 9  ? 9.120   9.420   -0.869  1.00 24.19  ?  77  ILE D CA  1 
ATOM   780  C C   . ILE D 1 9  ? 8.484   10.803  -0.924  1.00 28.45  ?  77  ILE D C   1 
ATOM   781  O O   . ILE D 1 9  ? 7.270   10.937  -1.117  1.00 35.17  ?  77  ILE D O   1 
ATOM   782  C CB  . ILE D 1 9  ? 9.276   8.919   0.578   1.00 19.66  ?  77  ILE D CB  1 
ATOM   783  C CG1 . ILE D 1 9  ? 9.740   7.461   0.590   1.00 24.94  ?  77  ILE D CG1 1 
ATOM   784  C CG2 . ILE D 1 9  ? 7.972   9.071   1.347   1.00 21.35  ?  77  ILE D CG2 1 
ATOM   785  C CD1 . ILE D 1 9  ? 9.877   6.873   1.977   1.00 34.96  ?  77  ILE D CD1 1 
ATOM   786  N N   . LEU D 1 10 ? 9.293   11.853  -0.758  1.00 29.88  ?  78  LEU D N   1 
ATOM   787  C CA  . LEU D 1 10 ? 8.772   13.211  -0.884  1.00 23.94  ?  78  LEU D CA  1 
ATOM   788  C C   . LEU D 1 10 ? 8.238   13.466  -2.287  1.00 25.20  ?  78  LEU D C   1 
ATOM   789  O O   . LEU D 1 10 ? 7.203   14.119  -2.456  1.00 28.32  ?  78  LEU D O   1 
ATOM   790  C CB  . LEU D 1 10 ? 9.858   14.224  -0.524  1.00 25.06  ?  78  LEU D CB  1 
ATOM   791  C CG  . LEU D 1 10 ? 9.485   15.702  -0.645  1.00 36.52  ?  78  LEU D CG  1 
ATOM   792  C CD1 . LEU D 1 10 ? 8.252   16.020  0.191   1.00 38.55  ?  78  LEU D CD1 1 
ATOM   793  C CD2 . LEU D 1 10 ? 10.659  16.572  -0.230  1.00 40.84  ?  78  LEU D CD2 1 
ATOM   794  N N   . GLY D 1 11 ? 8.926   12.950  -3.307  1.00 31.57  ?  79  GLY D N   1 
ATOM   795  C CA  . GLY D 1 11 ? 8.426   13.091  -4.664  1.00 29.75  ?  79  GLY D CA  1 
ATOM   796  C C   . GLY D 1 11 ? 7.146   12.311  -4.897  1.00 26.82  ?  79  GLY D C   1 
ATOM   797  O O   . GLY D 1 11 ? 6.259   12.762  -5.627  1.00 27.88  ?  79  GLY D O   1 
ATOM   798  N N   . ILE D 1 12 ? 7.030   11.134  -4.278  1.00 21.89  ?  80  ILE D N   1 
ATOM   799  C CA  . ILE D 1 12 ? 5.826   10.318  -4.429  1.00 26.61  ?  80  ILE D CA  1 
ATOM   800  C C   . ILE D 1 12 ? 4.612   11.054  -3.878  1.00 26.79  ?  80  ILE D C   1 
ATOM   801  O O   . ILE D 1 12 ? 3.562   11.132  -4.528  1.00 24.67  ?  80  ILE D O   1 
ATOM   802  C CB  . ILE D 1 12 ? 6.018   8.954   -3.743  1.00 25.23  ?  80  ILE D CB  1 
ATOM   803  C CG1 . ILE D 1 12 ? 6.991   8.084   -4.538  1.00 22.01  ?  80  ILE D CG1 1 
ATOM   804  C CG2 . ILE D 1 12 ? 4.679   8.251   -3.559  1.00 20.55  ?  80  ILE D CG2 1 
ATOM   805  C CD1 . ILE D 1 12 ? 7.299   6.760   -3.878  1.00 12.24  ?  80  ILE D CD1 1 
ATOM   806  N N   . PHE D 1 13 ? 4.738   11.609  -2.671  1.00 22.42  ?  81  PHE D N   1 
ATOM   807  C CA  . PHE D 1 13 ? 3.632   12.355  -2.081  1.00 25.96  ?  81  PHE D CA  1 
ATOM   808  C C   . PHE D 1 13 ? 3.357   13.639  -2.854  1.00 24.31  ?  81  PHE D C   1 
ATOM   809  O O   . PHE D 1 13 ? 2.204   14.074  -2.955  1.00 21.68  ?  81  PHE D O   1 
ATOM   810  C CB  . PHE D 1 13 ? 3.925   12.663  -0.613  1.00 21.15  ?  81  PHE D CB  1 
ATOM   811  C CG  . PHE D 1 13 ? 3.521   11.569  0.326   1.00 23.66  ?  81  PHE D CG  1 
ATOM   812  C CD1 . PHE D 1 13 ? 2.193   11.405  0.682   1.00 23.37  ?  81  PHE D CD1 1 
ATOM   813  C CD2 . PHE D 1 13 ? 4.465   10.704  0.852   1.00 23.25  ?  81  PHE D CD2 1 
ATOM   814  C CE1 . PHE D 1 13 ? 1.814   10.398  1.546   1.00 23.11  ?  81  PHE D CE1 1 
ATOM   815  C CE2 . PHE D 1 13 ? 4.092   9.695   1.719   1.00 17.06  ?  81  PHE D CE2 1 
ATOM   816  C CZ  . PHE D 1 13 ? 2.765   9.544   2.064   1.00 29.67  ?  81  PHE D CZ  1 
ATOM   817  N N   . LEU D 1 14 ? 4.402   14.263  -3.404  1.00 27.92  ?  82  LEU D N   1 
ATOM   818  C CA  . LEU D 1 14 ? 4.191   15.390  -4.308  1.00 25.12  ?  82  LEU D CA  1 
ATOM   819  C C   . LEU D 1 14 ? 3.463   14.947  -5.569  1.00 27.68  ?  82  LEU D C   1 
ATOM   820  O O   . LEU D 1 14 ? 2.657   15.700  -6.124  1.00 31.80  ?  82  LEU D O   1 
ATOM   821  C CB  . LEU D 1 14 ? 5.525   16.040  -4.667  1.00 28.49  ?  82  LEU D CB  1 
ATOM   822  C CG  . LEU D 1 14 ? 6.196   16.910  -3.603  1.00 46.71  ?  82  LEU D CG  1 
ATOM   823  C CD1 . LEU D 1 14 ? 7.477   17.526  -4.151  1.00 35.45  ?  82  LEU D CD1 1 
ATOM   824  C CD2 . LEU D 1 14 ? 5.242   17.986  -3.108  1.00 42.60  ?  82  LEU D CD2 1 
ATOM   825  N N   . GLY D 1 15 ? 3.735   13.727  -6.033  1.00 28.98  ?  83  GLY D N   1 
ATOM   826  C CA  . GLY D 1 15 ? 3.078   13.241  -7.236  1.00 23.70  ?  83  GLY D CA  1 
ATOM   827  C C   . GLY D 1 15 ? 1.584   13.051  -7.057  1.00 24.77  ?  83  GLY D C   1 
ATOM   828  O O   . GLY D 1 15 ? 0.805   13.310  -7.978  1.00 30.91  ?  83  GLY D O   1 
ATOM   829  N N   . THR D 1 16 ? 1.163   12.606  -5.870  1.00 24.46  ?  84  THR D N   1 
ATOM   830  C CA  . THR D 1 16 ? -0.263  12.435  -5.606  1.00 29.89  ?  84  THR D CA  1 
ATOM   831  C C   . THR D 1 16 ? -1.007  13.762  -5.667  1.00 25.97  ?  84  THR D C   1 
ATOM   832  O O   . THR D 1 16 ? -2.197  13.790  -5.996  1.00 34.17  ?  84  THR D O   1 
ATOM   833  C CB  . THR D 1 16 ? -0.466  11.775  -4.243  1.00 25.17  ?  84  THR D CB  1 
ATOM   834  O OG1 . THR D 1 16 ? -0.044  12.671  -3.210  1.00 25.01  ?  84  THR D OG1 1 
ATOM   835  C CG2 . THR D 1 16 ? 0.349   10.494  -4.150  1.00 20.35  ?  84  THR D CG2 1 
ATOM   836  N N   . PHE D 1 17 ? -0.329  14.866  -5.348  1.00 32.70  ?  85  PHE D N   1 
ATOM   837  C CA  . PHE D 1 17 ? -0.936  16.185  -5.493  1.00 27.58  ?  85  PHE D CA  1 
ATOM   838  C C   . PHE D 1 17 ? -0.976  16.611  -6.955  1.00 31.01  ?  85  PHE D C   1 
ATOM   839  O O   . PHE D 1 17 ? -1.997  17.115  -7.439  1.00 30.69  ?  85  PHE D O   1 
ATOM   840  C CB  . PHE D 1 17 ? -0.167  17.212  -4.660  1.00 29.49  ?  85  PHE D CB  1 
ATOM   841  C CG  . PHE D 1 17 ? -0.685  17.377  -3.263  1.00 29.54  ?  85  PHE D CG  1 
ATOM   842  C CD1 . PHE D 1 17 ? 0.189   17.444  -2.190  1.00 29.83  ?  85  PHE D CD1 1 
ATOM   843  C CD2 . PHE D 1 17 ? -2.044  17.482  -3.023  1.00 36.85  ?  85  PHE D CD2 1 
ATOM   844  C CE1 . PHE D 1 17 ? -0.286  17.602  -0.901  1.00 21.31  ?  85  PHE D CE1 1 
ATOM   845  C CE2 . PHE D 1 17 ? -2.525  17.642  -1.737  1.00 33.08  ?  85  PHE D CE2 1 
ATOM   846  C CZ  . PHE D 1 17 ? -1.643  17.702  -0.676  1.00 27.67  ?  85  PHE D CZ  1 
ATOM   847  N N   . ILE D 1 18 ? 0.131   16.411  -7.677  1.00 31.27  ?  86  ILE D N   1 
ATOM   848  C CA  . ILE D 1 18 ? 0.215   16.837  -9.070  1.00 29.62  ?  86  ILE D CA  1 
ATOM   849  C C   . ILE D 1 18 ? -0.771  16.069  -9.940  1.00 32.70  ?  86  ILE D C   1 
ATOM   850  O O   . ILE D 1 18 ? -1.275  16.601  -10.937 1.00 34.47  ?  86  ILE D O   1 
ATOM   851  C CB  . ILE D 1 18 ? 1.665   16.682  -9.573  1.00 25.84  ?  86  ILE D CB  1 
ATOM   852  C CG1 . ILE D 1 18 ? 2.611   17.532  -8.724  1.00 36.03  ?  86  ILE D CG1 1 
ATOM   853  C CG2 . ILE D 1 18 ? 1.779   17.072  -11.037 1.00 30.05  ?  86  ILE D CG2 1 
ATOM   854  C CD1 . ILE D 1 18 ? 4.065   17.406  -9.118  1.00 38.32  ?  86  ILE D CD1 1 
ATOM   855  N N   . ALA D 1 19 ? -1.076  14.818  -9.577  1.00 36.23  ?  87  ALA D N   1 
ATOM   856  C CA  . ALA D 1 19 ? -2.027  14.027  -10.351 1.00 28.21  ?  87  ALA D CA  1 
ATOM   857  C C   . ALA D 1 19 ? -3.391  14.707  -10.403 1.00 30.07  ?  87  ALA D C   1 
ATOM   858  O O   . ALA D 1 19 ? -4.029  14.767  -11.460 1.00 35.68  ?  87  ALA D O   1 
ATOM   859  C CB  . ALA D 1 19 ? -2.145  12.623  -9.760  1.00 25.94  ?  87  ALA D CB  1 
ATOM   860  N N   . PHE D 1 20 ? -3.853  15.228  -9.266  1.00 28.78  ?  88  PHE D N   1 
ATOM   861  C CA  . PHE D 1 20 ? -5.116  15.958  -9.257  1.00 39.45  ?  88  PHE D CA  1 
ATOM   862  C C   . PHE D 1 20 ? -4.993  17.297  -9.972  1.00 31.17  ?  88  PHE D C   1 
ATOM   863  O O   . PHE D 1 20 ? -5.986  17.809  -10.500 1.00 39.73  ?  88  PHE D O   1 
ATOM   864  C CB  . PHE D 1 20 ? -5.599  16.158  -7.821  1.00 33.98  ?  88  PHE D CB  1 
ATOM   865  C CG  . PHE D 1 20 ? -6.094  14.900  -7.168  1.00 31.52  ?  88  PHE D CG  1 
ATOM   866  C CD1 . PHE D 1 20 ? -5.218  14.058  -6.502  1.00 28.43  ?  88  PHE D CD1 1 
ATOM   867  C CD2 . PHE D 1 20 ? -7.437  14.558  -7.217  1.00 30.56  ?  88  PHE D CD2 1 
ATOM   868  C CE1 . PHE D 1 20 ? -5.670  12.901  -5.900  1.00 24.07  ?  88  PHE D CE1 1 
ATOM   869  C CE2 . PHE D 1 20 ? -7.892  13.401  -6.616  1.00 33.76  ?  88  PHE D CE2 1 
ATOM   870  C CZ  . PHE D 1 20 ? -7.007  12.574  -5.958  1.00 25.84  ?  88  PHE D CZ  1 
ATOM   871  N N   . TRP D 1 21 ? -3.787  17.874  -10.009 1.00 32.13  ?  89  TRP D N   1 
ATOM   872  C CA  . TRP D 1 21 ? -3.587  19.115  -10.751 1.00 34.82  ?  89  TRP D CA  1 
ATOM   873  C C   . TRP D 1 21 ? -3.667  18.879  -12.254 1.00 37.52  ?  89  TRP D C   1 
ATOM   874  O O   . TRP D 1 21 ? -4.211  19.710  -12.990 1.00 39.84  ?  89  TRP D O   1 
ATOM   875  C CB  . TRP D 1 21 ? -2.243  19.741  -10.381 1.00 40.64  ?  89  TRP D CB  1 
ATOM   876  C CG  . TRP D 1 21 ? -1.961  21.011  -11.123 1.00 51.52  ?  89  TRP D CG  1 
ATOM   877  C CD1 . TRP D 1 21 ? -2.370  22.266  -10.780 1.00 48.02  ?  89  TRP D CD1 1 
ATOM   878  C CD2 . TRP D 1 21 ? -1.213  21.150  -12.338 1.00 61.92  ?  89  TRP D CD2 1 
ATOM   879  N NE1 . TRP D 1 21 ? -1.923  23.178  -11.705 1.00 69.95  ?  89  TRP D NE1 1 
ATOM   880  C CE2 . TRP D 1 21 ? -1.211  22.520  -12.672 1.00 57.65  ?  89  TRP D CE2 1 
ATOM   881  C CE3 . TRP D 1 21 ? -0.545  20.252  -13.175 1.00 59.75  ?  89  TRP D CE3 1 
ATOM   882  C CZ2 . TRP D 1 21 ? -0.567  23.011  -13.805 1.00 67.50  ?  89  TRP D CZ2 1 
ATOM   883  C CZ3 . TRP D 1 21 ? 0.093   20.741  -14.301 1.00 57.84  ?  89  TRP D CZ3 1 
ATOM   884  C CH2 . TRP D 1 21 ? 0.077   22.108  -14.606 1.00 62.91  ?  89  TRP D CH2 1 
ATOM   885  N N   . VAL D 1 22 ? -3.125  17.754  -12.726 1.00 37.57  ?  90  VAL D N   1 
ATOM   886  C CA  . VAL D 1 22 ? -3.193  17.430  -14.149 1.00 28.59  ?  90  VAL D CA  1 
ATOM   887  C C   . VAL D 1 22 ? -4.643  17.269  -14.587 1.00 37.20  ?  90  VAL D C   1 
ATOM   888  O O   . VAL D 1 22 ? -5.052  17.774  -15.640 1.00 40.42  ?  90  VAL D O   1 
ATOM   889  C CB  . VAL D 1 22 ? -2.366  16.167  -14.451 1.00 30.41  ?  90  VAL D CB  1 
ATOM   890  C CG1 . VAL D 1 22 ? -2.615  15.696  -15.874 1.00 25.25  ?  90  VAL D CG1 1 
ATOM   891  C CG2 . VAL D 1 22 ? -0.887  16.435  -14.229 1.00 21.94  ?  90  VAL D CG2 1 
ATOM   892  N N   . VAL D 1 23 ? -5.442  16.566  -13.782 1.00 33.34  ?  91  VAL D N   1 
ATOM   893  C CA  . VAL D 1 23 ? -6.864  16.410  -14.083 1.00 31.24  ?  91  VAL D CA  1 
ATOM   894  C C   . VAL D 1 23 ? -7.548  17.770  -14.129 1.00 38.77  ?  91  VAL D C   1 
ATOM   895  O O   . VAL D 1 23 ? -8.371  18.039  -15.012 1.00 32.24  ?  91  VAL D O   1 
ATOM   896  C CB  . VAL D 1 23 ? -7.525  15.473  -13.055 1.00 30.95  ?  91  VAL D CB  1 
ATOM   897  C CG1 . VAL D 1 23 ? -9.033  15.415  -13.270 1.00 35.97  ?  91  VAL D CG1 1 
ATOM   898  C CG2 . VAL D 1 23 ? -6.916  14.084  -13.140 1.00 27.48  ?  91  VAL D CG2 1 
ATOM   899  N N   . TYR D 1 24 ? -7.213  18.651  -13.183 1.00 45.05  ?  92  TYR D N   1 
ATOM   900  C CA  . TYR D 1 24 ? -7.783  19.994  -13.187 1.00 42.34  ?  92  TYR D CA  1 
ATOM   901  C C   . TYR D 1 24 ? -7.344  20.777  -14.417 1.00 37.95  ?  92  TYR D C   1 
ATOM   902  O O   . TYR D 1 24 ? -8.123  21.558  -14.977 1.00 43.15  ?  92  TYR D O   1 
ATOM   903  C CB  . TYR D 1 24 ? -7.387  20.731  -11.908 1.00 48.67  ?  92  TYR D CB  1 
ATOM   904  C CG  . TYR D 1 24 ? -7.716  22.206  -11.923 1.00 60.07  ?  92  TYR D CG  1 
ATOM   905  C CD1 . TYR D 1 24 ? -9.025  22.647  -11.790 1.00 66.30  ?  92  TYR D CD1 1 
ATOM   906  C CD2 . TYR D 1 24 ? -6.715  23.160  -12.064 1.00 51.17  ?  92  TYR D CD2 1 
ATOM   907  C CE1 . TYR D 1 24 ? -9.331  23.994  -11.802 1.00 60.38  ?  92  TYR D CE1 1 
ATOM   908  C CE2 . TYR D 1 24 ? -7.011  24.509  -12.077 1.00 69.46  ?  92  TYR D CE2 1 
ATOM   909  C CZ  . TYR D 1 24 ? -8.320  24.921  -11.945 1.00 69.64  ?  92  TYR D CZ  1 
ATOM   910  O OH  . TYR D 1 24 ? -8.621  26.264  -11.956 1.00 83.33  ?  92  TYR D OH  1 
ATOM   911  N N   . LEU D 1 25 ? -6.099  20.580  -14.854 1.00 38.12  ?  93  LEU D N   1 
ATOM   912  C CA  . LEU D 1 25 ? -5.609  21.266  -16.043 1.00 33.80  ?  93  LEU D CA  1 
ATOM   913  C C   . LEU D 1 25 ? -6.335  20.781  -17.293 1.00 44.21  ?  93  LEU D C   1 
ATOM   914  O O   . LEU D 1 25 ? -6.911  21.575  -18.043 1.00 46.87  ?  93  LEU D O   1 
ATOM   915  C CB  . LEU D 1 25 ? -4.099  21.058  -16.182 1.00 36.78  ?  93  LEU D CB  1 
ATOM   916  C CG  . LEU D 1 25 ? -3.479  21.512  -17.506 1.00 52.14  ?  93  LEU D CG  1 
ATOM   917  C CD1 . LEU D 1 25 ? -3.615  23.017  -17.676 1.00 62.40  ?  93  LEU D CD1 1 
ATOM   918  C CD2 . LEU D 1 25 ? -2.021  21.083  -17.600 1.00 38.73  ?  93  LEU D CD2 1 
ATOM   919  N N   . LEU D 1 26 ? -6.325  19.466  -17.524 1.00 39.01  ?  94  LEU D N   1 
ATOM   920  C CA  . LEU D 1 26 ? -6.876  18.918  -18.758 1.00 37.14  ?  94  LEU D CA  1 
ATOM   921  C C   . LEU D 1 26 ? -8.385  19.108  -18.866 1.00 49.09  ?  94  LEU D C   1 
ATOM   922  O O   . LEU D 1 26 ? -8.927  19.021  -19.972 1.00 49.22  ?  94  LEU D O   1 
ATOM   923  C CB  . LEU D 1 26 ? -6.522  17.434  -18.878 1.00 41.86  ?  94  LEU D CB  1 
ATOM   924  C CG  . LEU D 1 26 ? -5.029  17.107  -18.779 1.00 35.85  ?  94  LEU D CG  1 
ATOM   925  C CD1 . LEU D 1 26 ? -4.767  15.644  -19.109 1.00 29.73  ?  94  LEU D CD1 1 
ATOM   926  C CD2 . LEU D 1 26 ? -4.207  18.025  -19.674 1.00 32.98  ?  94  LEU D CD2 1 
ATOM   927  N N   . ARG D 1 27 ? -9.077  19.357  -17.753 1.00 50.83  ?  95  ARG D N   1 
ATOM   928  C CA  . ARG D 1 27 ? -10.491 19.705  -17.835 1.00 46.97  ?  95  ARG D CA  1 
ATOM   929  C C   . ARG D 1 27 ? -10.678 21.157  -18.258 1.00 49.06  ?  95  ARG D C   1 
ATOM   930  O O   . ARG D 1 27 ? -11.587 21.469  -19.035 1.00 51.56  ?  95  ARG D O   1 
ATOM   931  C CB  . ARG D 1 27 ? -11.183 19.445  -16.497 1.00 37.08  ?  95  ARG D CB  1 
ATOM   932  C CG  . ARG D 1 27 ? -11.538 17.988  -16.257 1.00 47.87  ?  95  ARG D CG  1 
ATOM   933  C CD  . ARG D 1 27 ? -12.143 17.786  -14.879 1.00 55.42  ?  95  ARG D CD  1 
ATOM   934  N NE  . ARG D 1 27 ? -12.507 16.392  -14.646 1.00 57.37  ?  95  ARG D NE  1 
ATOM   935  C CZ  . ARG D 1 27 ? -12.865 15.903  -13.463 1.00 61.16  ?  95  ARG D CZ  1 
ATOM   936  N NH1 . ARG D 1 27 ? -12.904 16.694  -12.401 1.00 52.25  ?  95  ARG D NH1 1 
ATOM   937  N NH2 . ARG D 1 27 ? -13.180 14.621  -13.342 1.00 56.43  ?  95  ARG D NH2 1 
ATOM   938  N N   . ARG D 1 28 ? -9.826  22.053  -17.759 1.00 42.16  ?  96  ARG D N   1 
ATOM   939  C CA  . ARG D 1 28 ? -9.887  23.453  -18.155 1.00 38.12  ?  96  ARG D CA  1 
ATOM   940  C C   . ARG D 1 28 ? -9.204  23.693  -19.497 1.00 49.70  ?  96  ARG D C   1 
ATOM   941  O O   . ARG D 1 28 ? -9.649  24.550  -20.270 1.00 69.86  ?  96  ARG D O   1 
ATOM   942  C CB  . ARG D 1 28 ? -9.269  24.325  -17.055 1.00 33.11  ?  96  ARG D CB  1 
ATOM   943  C CG  . ARG D 1 28 ? -8.480  25.539  -17.529 1.00 63.12  ?  96  ARG D CG  1 
ATOM   944  C CD  . ARG D 1 28 ? -6.987  25.238  -17.583 1.00 66.63  ?  96  ARG D CD  1 
ATOM   945  N NE  . ARG D 1 28 ? -6.193  26.417  -17.921 1.00 85.98  ?  96  ARG D NE  1 
ATOM   946  C CZ  . ARG D 1 28 ? -6.049  26.893  -19.154 1.00 85.55  ?  96  ARG D CZ  1 
ATOM   947  N NH1 . ARG D 1 28 ? -6.654  26.299  -20.173 1.00 81.09  ?  96  ARG D NH1 1 
ATOM   948  N NH2 . ARG D 1 28 ? -5.305  27.967  -19.366 1.00 79.50  ?  96  ARG D NH2 1 
ATOM   949  N N   . LEU D 1 29 ? -8.145  22.947  -19.797 1.00 54.54  ?  97  LEU D N   1 
ATOM   950  C CA  . LEU D 1 29 ? -7.405  23.123  -21.041 1.00 45.22  ?  97  LEU D CA  1 
ATOM   951  C C   . LEU D 1 29 ? -8.095  22.415  -22.205 1.00 47.75  ?  97  LEU D C   1 
ATOM   952  O O   . LEU D 1 29 ? -7.915  22.787  -23.364 1.00 48.57  ?  97  LEU D O   1 
ATOM   953  C CB  . LEU D 1 29 ? -5.971  22.607  -20.885 1.00 47.89  ?  97  LEU D CB  1 
ATOM   954  C CG  . LEU D 1 29 ? -4.978  22.905  -22.008 1.00 34.42  ?  97  LEU D CG  1 
ATOM   955  C CD1 . LEU D 1 29 ? -4.774  24.403  -22.153 1.00 36.19  ?  97  LEU D CD1 1 
ATOM   956  C CD2 . LEU D 1 29 ? -3.655  22.201  -21.750 1.00 33.40  ?  97  LEU D CD2 1 
HETATM 957  N N   . SCH D 1 30 ? -8.886  21.394  -21.891 1.00 66.83  ?  98  SCH D N   1 
HETATM 958  C CA  . SCH D 1 30 ? -9.601  20.655  -22.902 1.00 72.23  ?  98  SCH D CA  1 
HETATM 959  C CB  . SCH D 1 30 ? -9.031  19.249  -23.098 1.00 69.07  ?  98  SCH D CB  1 
HETATM 960  S SG  . SCH D 1 30 ? -8.016  19.074  -24.523 1.00 91.45  ?  98  SCH D SG  1 
HETATM 961  S SD  . SCH D 1 30 ? -6.010  18.957  -23.899 1.00 54.48  ?  98  SCH D SD  1 
HETATM 962  C CE  . SCH D 1 30 ? -5.121  18.523  -25.342 1.00 61.06  ?  98  SCH D CE  1 
HETATM 963  C C   . SCH D 1 30 ? -11.093 20.509  -22.605 1.00 71.83  ?  98  SCH D C   1 
HETATM 964  O O   . SCH D 1 30 ? -12.028 21.198  -23.020 1.00 75.74  ?  98  SCH D O   1 
HETATM 965  O OXT . SCH D 1 30 ? -11.407 19.475  -21.777 1.00 83.06  ?  98  SCH D OXT 1 
ATOM   966  N N   . PRO E 1 2  ? 16.910  -9.054  6.735   1.00 83.28  ?  70  PRO E N   1 
ATOM   967  C CA  . PRO E 1 2  ? 18.009  -8.115  6.490   1.00 85.33  ?  70  PRO E CA  1 
ATOM   968  C C   . PRO E 1 2  ? 17.520  -6.698  6.207   1.00 86.18  ?  70  PRO E C   1 
ATOM   969  O O   . PRO E 1 2  ? 16.488  -6.285  6.735   1.00 81.61  ?  70  PRO E O   1 
ATOM   970  C CB  . PRO E 1 2  ? 18.707  -8.706  5.263   1.00 76.20  ?  70  PRO E CB  1 
ATOM   971  C CG  . PRO E 1 2  ? 17.641  -9.472  4.563   1.00 85.16  ?  70  PRO E CG  1 
ATOM   972  C CD  . PRO E 1 2  ? 16.779  -10.044 5.651   1.00 87.08  ?  70  PRO E CD  1 
ATOM   973  N N   . GLU E 1 3  ? 18.261  -5.964  5.375   1.00 92.96  ?  71  GLU E N   1 
ATOM   974  C CA  . GLU E 1 3  ? 17.897  -4.585  5.074   1.00 79.58  ?  71  GLU E CA  1 
ATOM   975  C C   . GLU E 1 3  ? 16.802  -4.493  4.020   1.00 74.79  ?  71  GLU E C   1 
ATOM   976  O O   . GLU E 1 3  ? 16.000  -3.553  4.049   1.00 78.18  ?  71  GLU E O   1 
ATOM   977  C CB  . GLU E 1 3  ? 19.130  -3.804  4.616   1.00 80.09  ?  71  GLU E CB  1 
ATOM   978  C CG  . GLU E 1 3  ? 20.191  -3.625  5.692   1.00 93.96  ?  71  GLU E CG  1 
ATOM   979  C CD  . GLU E 1 3  ? 21.427  -2.909  5.181   1.00 99.05  ?  71  GLU E CD  1 
ATOM   980  O OE1 . GLU E 1 3  ? 21.675  -2.944  3.958   1.00 90.57  ?  71  GLU E OE1 1 
ATOM   981  O OE2 . GLU E 1 3  ? 22.150  -2.308  6.004   1.00 89.08  -1 71  GLU E OE2 1 
ATOM   982  N N   . LEU E 1 4  ? 16.750  -5.448  3.089   1.00 64.38  ?  72  LEU E N   1 
ATOM   983  C CA  . LEU E 1 4  ? 15.747  -5.385  2.030   1.00 62.79  ?  72  LEU E CA  1 
ATOM   984  C C   . LEU E 1 4  ? 14.359  -5.722  2.561   1.00 69.30  ?  72  LEU E C   1 
ATOM   985  O O   . LEU E 1 4  ? 13.365  -5.110  2.147   1.00 68.32  ?  72  LEU E O   1 
ATOM   986  C CB  . LEU E 1 4  ? 16.123  -6.322  0.881   1.00 57.83  ?  72  LEU E CB  1 
ATOM   987  C CG  . LEU E 1 4  ? 17.309  -5.925  -0.005  1.00 68.44  ?  72  LEU E CG  1 
ATOM   988  C CD1 . LEU E 1 4  ? 18.633  -6.364  0.605   1.00 83.53  ?  72  LEU E CD1 1 
ATOM   989  C CD2 . LEU E 1 4  ? 17.144  -6.491  -1.408  1.00 67.99  ?  72  LEU E CD2 1 
ATOM   990  N N   . THR E 1 5  ? 14.266  -6.695  3.471   1.00 67.51  ?  73  THR E N   1 
ATOM   991  C CA  . THR E 1 5  ? 12.970  -7.054  4.036   1.00 67.66  ?  73  THR E CA  1 
ATOM   992  C C   . THR E 1 5  ? 12.374  -5.907  4.838   1.00 64.07  ?  73  THR E C   1 
ATOM   993  O O   . THR E 1 5  ? 11.153  -5.716  4.834   1.00 66.20  ?  73  THR E O   1 
ATOM   994  C CB  . THR E 1 5  ? 13.098  -8.302  4.911   1.00 76.00  ?  73  THR E CB  1 
ATOM   995  O OG1 . THR E 1 5  ? 14.078  -8.076  5.932   1.00 82.63  ?  73  THR E OG1 1 
ATOM   996  C CG2 . THR E 1 5  ? 13.511  -9.504  4.072   1.00 58.11  ?  73  THR E CG2 1 
ATOM   997  N N   . VAL E 1 6  ? 13.212  -5.128  5.526   1.00 64.30  ?  74  VAL E N   1 
ATOM   998  C CA  . VAL E 1 6  ? 12.708  -3.959  6.236   1.00 64.15  ?  74  VAL E CA  1 
ATOM   999  C C   . VAL E 1 6  ? 12.222  -2.904  5.249   1.00 53.88  ?  74  VAL E C   1 
ATOM   1000 O O   . VAL E 1 6  ? 11.243  -2.195  5.515   1.00 50.74  ?  74  VAL E O   1 
ATOM   1001 C CB  . VAL E 1 6  ? 13.790  -3.403  7.181   1.00 61.43  ?  74  VAL E CB  1 
ATOM   1002 C CG1 . VAL E 1 6  ? 13.292  -2.151  7.894   1.00 52.67  ?  74  VAL E CG1 1 
ATOM   1003 C CG2 . VAL E 1 6  ? 14.196  -4.461  8.197   1.00 54.32  ?  74  VAL E CG2 1 
ATOM   1004 N N   . ALA E 1 7  ? 12.878  -2.795  4.092   1.00 48.25  ?  75  ALA E N   1 
ATOM   1005 C CA  . ALA E 1 7  ? 12.424  -1.851  3.076   1.00 46.84  ?  75  ALA E CA  1 
ATOM   1006 C C   . ALA E 1 7  ? 11.104  -2.297  2.461   1.00 49.31  ?  75  ALA E C   1 
ATOM   1007 O O   . ALA E 1 7  ? 10.213  -1.472  2.228   1.00 48.17  ?  75  ALA E O   1 
ATOM   1008 C CB  . ALA E 1 7  ? 13.493  -1.689  1.997   1.00 40.36  ?  75  ALA E CB  1 
ATOM   1009 N N   . LEU E 1 8  ? 10.958  -3.599  2.199   1.00 48.66  ?  76  LEU E N   1 
ATOM   1010 C CA  . LEU E 1 8  ? 9.721   -4.103  1.610   1.00 43.70  ?  76  LEU E CA  1 
ATOM   1011 C C   . LEU E 1 8  ? 8.551   -3.969  2.577   1.00 36.81  ?  76  LEU E C   1 
ATOM   1012 O O   . LEU E 1 8  ? 7.456   -3.555  2.180   1.00 36.84  ?  76  LEU E O   1 
ATOM   1013 C CB  . LEU E 1 8  ? 9.902   -5.561  1.186   1.00 45.01  ?  76  LEU E CB  1 
ATOM   1014 C CG  . LEU E 1 8  ? 8.693   -6.245  0.545   1.00 44.47  ?  76  LEU E CG  1 
ATOM   1015 C CD1 . LEU E 1 8  ? 8.404   -5.661  -0.831  1.00 39.93  ?  76  LEU E CD1 1 
ATOM   1016 C CD2 . LEU E 1 8  ? 8.907   -7.750  0.460   1.00 52.21  ?  76  LEU E CD2 1 
ATOM   1017 N N   . ILE E 1 9  ? 8.765   -4.311  3.848   1.00 36.98  ?  77  ILE E N   1 
ATOM   1018 C CA  . ILE E 1 9  ? 7.691   -4.234  4.835   1.00 35.15  ?  77  ILE E CA  1 
ATOM   1019 C C   . ILE E 1 9  ? 7.271   -2.785  5.054   1.00 39.17  ?  77  ILE E C   1 
ATOM   1020 O O   . ILE E 1 9  ? 6.076   -2.467  5.077   1.00 45.72  ?  77  ILE E O   1 
ATOM   1021 C CB  . ILE E 1 9  ? 8.126   -4.902  6.151   1.00 33.37  ?  77  ILE E CB  1 
ATOM   1022 C CG1 . ILE E 1 9  ? 8.313   -6.408  5.947   1.00 41.36  ?  77  ILE E CG1 1 
ATOM   1023 C CG2 . ILE E 1 9  ? 7.108   -4.634  7.248   1.00 25.67  ?  77  ILE E CG2 1 
ATOM   1024 C CD1 . ILE E 1 9  ? 9.047   -7.089  7.080   1.00 44.19  ?  77  ILE E CD1 1 
ATOM   1025 N N   . LEU E 1 10 ? 8.245   -1.887  5.216   1.00 44.37  ?  78  LEU E N   1 
ATOM   1026 C CA  . LEU E 1 10 ? 7.920   -0.473  5.373   1.00 41.43  ?  78  LEU E CA  1 
ATOM   1027 C C   . LEU E 1 10 ? 7.305   0.105   4.106   1.00 41.76  ?  78  LEU E C   1 
ATOM   1028 O O   . LEU E 1 10 ? 6.481   1.023   4.184   1.00 48.59  ?  78  LEU E O   1 
ATOM   1029 C CB  . LEU E 1 10 ? 9.168   0.316   5.769   1.00 44.77  ?  78  LEU E CB  1 
ATOM   1030 C CG  . LEU E 1 10 ? 9.361   0.578   7.266   1.00 60.55  ?  78  LEU E CG  1 
ATOM   1031 C CD1 . LEU E 1 10 ? 9.361   -0.719  8.063   1.00 47.88  ?  78  LEU E CD1 1 
ATOM   1032 C CD2 . LEU E 1 10 ? 10.642  1.362   7.512   1.00 54.49  ?  78  LEU E CD2 1 
ATOM   1033 N N   . GLY E 1 11 ? 7.687   -0.411  2.937   1.00 30.72  ?  79  GLY E N   1 
ATOM   1034 C CA  . GLY E 1 11 ? 7.032   0.013   1.712   1.00 30.02  ?  79  GLY E CA  1 
ATOM   1035 C C   . GLY E 1 11 ? 5.590   -0.450  1.643   1.00 42.28  ?  79  GLY E C   1 
ATOM   1036 O O   . GLY E 1 11 ? 4.721   0.267   1.137   1.00 39.04  ?  79  GLY E O   1 
ATOM   1037 N N   . ILE E 1 12 ? 5.315   -1.652  2.154   1.00 40.72  ?  80  ILE E N   1 
ATOM   1038 C CA  . ILE E 1 12 ? 3.948   -2.166  2.167   1.00 27.74  ?  80  ILE E CA  1 
ATOM   1039 C C   . ILE E 1 12 ? 3.066   -1.301  3.058   1.00 36.72  ?  80  ILE E C   1 
ATOM   1040 O O   . ILE E 1 12 ? 1.965   -0.894  2.667   1.00 38.58  ?  80  ILE E O   1 
ATOM   1041 C CB  . ILE E 1 12 ? 3.931   -3.638  2.615   1.00 28.37  ?  80  ILE E CB  1 
ATOM   1042 C CG1 . ILE E 1 12 ? 4.501   -4.539  1.518   1.00 29.07  ?  80  ILE E CG1 1 
ATOM   1043 C CG2 . ILE E 1 12 ? 2.518   -4.068  2.977   1.00 31.43  ?  80  ILE E CG2 1 
ATOM   1044 C CD1 . ILE E 1 12 ? 4.598   -5.994  1.919   1.00 25.44  ?  80  ILE E CD1 1 
ATOM   1045 N N   . PHE E 1 13 ? 3.538   -1.008  4.273   1.00 37.00  ?  81  PHE E N   1 
ATOM   1046 C CA  . PHE E 1 13 ? 2.782   -0.142  5.174   1.00 34.18  ?  81  PHE E CA  1 
ATOM   1047 C C   . PHE E 1 13 ? 2.585   1.242   4.573   1.00 29.19  ?  81  PHE E C   1 
ATOM   1048 O O   . PHE E 1 13 ? 1.528   1.859   4.750   1.00 29.84  ?  81  PHE E O   1 
ATOM   1049 C CB  . PHE E 1 13 ? 3.493   -0.038  6.524   1.00 35.21  ?  81  PHE E CB  1 
ATOM   1050 C CG  . PHE E 1 13 ? 3.170   -1.156  7.471   1.00 41.29  ?  81  PHE E CG  1 
ATOM   1051 C CD1 . PHE E 1 13 ? 3.992   -2.266  7.559   1.00 41.14  ?  81  PHE E CD1 1 
ATOM   1052 C CD2 . PHE E 1 13 ? 2.048   -1.091  8.281   1.00 33.53  ?  81  PHE E CD2 1 
ATOM   1053 C CE1 . PHE E 1 13 ? 3.700   -3.293  8.433   1.00 49.13  ?  81  PHE E CE1 1 
ATOM   1054 C CE2 . PHE E 1 13 ? 1.751   -2.115  9.158   1.00 34.47  ?  81  PHE E CE2 1 
ATOM   1055 C CZ  . PHE E 1 13 ? 2.578   -3.217  9.234   1.00 45.57  ?  81  PHE E CZ  1 
ATOM   1056 N N   . LEU E 1 14 ? 3.594   1.748   3.863   1.00 32.90  ?  82  LEU E N   1 
ATOM   1057 C CA  . LEU E 1 14 ? 3.457   3.040   3.200   1.00 35.50  ?  82  LEU E CA  1 
ATOM   1058 C C   . LEU E 1 14 ? 2.427   2.973   2.079   1.00 30.32  ?  82  LEU E C   1 
ATOM   1059 O O   . LEU E 1 14 ? 1.693   3.941   1.845   1.00 28.71  ?  82  LEU E O   1 
ATOM   1060 C CB  . LEU E 1 14 ? 4.813   3.499   2.666   1.00 33.25  ?  82  LEU E CB  1 
ATOM   1061 C CG  . LEU E 1 14 ? 4.887   4.927   2.124   1.00 36.48  ?  82  LEU E CG  1 
ATOM   1062 C CD1 . LEU E 1 14 ? 4.459   5.924   3.187   1.00 33.31  ?  82  LEU E CD1 1 
ATOM   1063 C CD2 . LEU E 1 14 ? 6.294   5.234   1.634   1.00 36.51  ?  82  LEU E CD2 1 
ATOM   1064 N N   . GLY E 1 15 ? 2.353   1.839   1.379   1.00 31.03  ?  83  GLY E N   1 
ATOM   1065 C CA  . GLY E 1 15 ? 1.381   1.703   0.308   1.00 31.86  ?  83  GLY E CA  1 
ATOM   1066 C C   . GLY E 1 15 ? -0.053  1.680   0.798   1.00 31.07  ?  83  GLY E C   1 
ATOM   1067 O O   . GLY E 1 15 ? -0.952  2.183   0.116   1.00 28.01  ?  83  GLY E O   1 
ATOM   1068 N N   . THR E 1 16 ? -0.291  1.105   1.979   1.00 33.57  ?  84  THR E N   1 
ATOM   1069 C CA  . THR E 1 16 ? -1.646  1.073   2.518   1.00 26.25  ?  84  THR E CA  1 
ATOM   1070 C C   . THR E 1 16 ? -2.112  2.467   2.916   1.00 27.22  ?  84  THR E C   1 
ATOM   1071 O O   . THR E 1 16 ? -3.295  2.796   2.774   1.00 26.97  ?  84  THR E O   1 
ATOM   1072 C CB  . THR E 1 16 ? -1.718  0.125   3.716   1.00 27.57  ?  84  THR E CB  1 
ATOM   1073 O OG1 . THR E 1 16 ? -0.949  0.660   4.801   1.00 24.66  ?  84  THR E OG1 1 
ATOM   1074 C CG2 . THR E 1 16 ? -1.174  -1.245  3.344   1.00 24.61  ?  84  THR E CG2 1 
ATOM   1075 N N   . PHE E 1 17 ? -1.199  3.303   3.417   1.00 21.22  ?  85  PHE E N   1 
ATOM   1076 C CA  . PHE E 1 17 ? -1.573  4.669   3.768   1.00 18.47  ?  85  PHE E CA  1 
ATOM   1077 C C   . PHE E 1 17 ? -1.770  5.526   2.526   1.00 25.31  ?  85  PHE E C   1 
ATOM   1078 O O   . PHE E 1 17 ? -2.660  6.384   2.493   1.00 31.11  ?  85  PHE E O   1 
ATOM   1079 C CB  . PHE E 1 17 ? -0.519  5.292   4.680   1.00 23.49  ?  85  PHE E CB  1 
ATOM   1080 C CG  . PHE E 1 17 ? -0.743  6.752   4.949   1.00 35.36  ?  85  PHE E CG  1 
ATOM   1081 C CD1 . PHE E 1 17 ? -1.753  7.163   5.803   1.00 39.26  ?  85  PHE E CD1 1 
ATOM   1082 C CD2 . PHE E 1 17 ? 0.051   7.714   4.346   1.00 33.43  ?  85  PHE E CD2 1 
ATOM   1083 C CE1 . PHE E 1 17 ? -1.967  8.505   6.052   1.00 46.13  ?  85  PHE E CE1 1 
ATOM   1084 C CE2 . PHE E 1 17 ? -0.158  9.059   4.591   1.00 41.01  ?  85  PHE E CE2 1 
ATOM   1085 C CZ  . PHE E 1 17 ? -1.168  9.454   5.446   1.00 38.68  ?  85  PHE E CZ  1 
ATOM   1086 N N   . ILE E 1 18 ? -0.945  5.315   1.497   1.00 21.11  ?  86  ILE E N   1 
ATOM   1087 C CA  . ILE E 1 18 ? -1.076  6.085   0.264   1.00 25.91  ?  86  ILE E CA  1 
ATOM   1088 C C   . ILE E 1 18 ? -2.423  5.813   -0.393  1.00 22.06  ?  86  ILE E C   1 
ATOM   1089 O O   . ILE E 1 18 ? -3.052  6.720   -0.952  1.00 16.15  ?  86  ILE E O   1 
ATOM   1090 C CB  . ILE E 1 18 ? 0.097   5.772   -0.685  1.00 22.14  ?  86  ILE E CB  1 
ATOM   1091 C CG1 . ILE E 1 18 ? 1.391   6.383   -0.146  1.00 27.15  ?  86  ILE E CG1 1 
ATOM   1092 C CG2 . ILE E 1 18 ? -0.188  6.277   -2.089  1.00 21.51  ?  86  ILE E CG2 1 
ATOM   1093 C CD1 . ILE E 1 18 ? 2.602   6.123   -1.017  1.00 30.65  ?  86  ILE E CD1 1 
ATOM   1094 N N   . ALA E 1 19 ? -2.898  4.566   -0.315  1.00 19.33  ?  87  ALA E N   1 
ATOM   1095 C CA  . ALA E 1 19 ? -4.193  4.226   -0.897  1.00 19.09  ?  87  ALA E CA  1 
ATOM   1096 C C   . ALA E 1 19 ? -5.317  5.024   -0.248  1.00 17.11  ?  87  ALA E C   1 
ATOM   1097 O O   . ALA E 1 19 ? -6.197  5.545   -0.942  1.00 20.28  ?  87  ALA E O   1 
ATOM   1098 C CB  . ALA E 1 19 ? -4.450  2.727   -0.761  1.00 14.66  ?  87  ALA E CB  1 
ATOM   1099 N N   . PHE E 1 20 ? -5.304  5.137   1.081   1.00 15.76  ?  88  PHE E N   1 
ATOM   1100 C CA  . PHE E 1 20 ? -6.322  5.933   1.756   1.00 19.45  ?  88  PHE E CA  1 
ATOM   1101 C C   . PHE E 1 20 ? -6.065  7.425   1.589   1.00 21.35  ?  88  PHE E C   1 
ATOM   1102 O O   . PHE E 1 20 ? -7.007  8.224   1.646   1.00 23.88  ?  88  PHE E O   1 
ATOM   1103 C CB  . PHE E 1 20 ? -6.389  5.559   3.238   1.00 18.71  ?  88  PHE E CB  1 
ATOM   1104 C CG  . PHE E 1 20 ? -7.020  4.219   3.496   1.00 18.76  ?  88  PHE E CG  1 
ATOM   1105 C CD1 . PHE E 1 20 ? -8.401  4.077   3.509   1.00 23.74  ?  88  PHE E CD1 1 
ATOM   1106 C CD2 . PHE E 1 20 ? -6.235  3.102   3.734   1.00 21.37  ?  88  PHE E CD2 1 
ATOM   1107 C CE1 . PHE E 1 20 ? -8.982  2.846   3.746   1.00 21.19  ?  88  PHE E CE1 1 
ATOM   1108 C CE2 . PHE E 1 20 ? -6.814  1.869   3.973   1.00 25.19  ?  88  PHE E CE2 1 
ATOM   1109 C CZ  . PHE E 1 20 ? -8.186  1.744   3.979   1.00 28.73  ?  88  PHE E CZ  1 
ATOM   1110 N N   . TRP E 1 21 ? -4.806  7.819   1.375   1.00 18.03  ?  89  TRP E N   1 
ATOM   1111 C CA  . TRP E 1 21 ? -4.499  9.227   1.141   1.00 15.93  ?  89  TRP E CA  1 
ATOM   1112 C C   . TRP E 1 21 ? -5.042  9.695   -0.204  1.00 22.01  ?  89  TRP E C   1 
ATOM   1113 O O   . TRP E 1 21 ? -5.555  10.816  -0.319  1.00 20.23  ?  89  TRP E O   1 
ATOM   1114 C CB  . TRP E 1 21 ? -2.989  9.451   1.221   1.00 16.70  ?  89  TRP E CB  1 
ATOM   1115 C CG  . TRP E 1 21 ? -2.542  10.786  0.706   1.00 22.47  ?  89  TRP E CG  1 
ATOM   1116 C CD1 . TRP E 1 21 ? -1.821  11.031  -0.428  1.00 19.81  ?  89  TRP E CD1 1 
ATOM   1117 C CD2 . TRP E 1 21 ? -2.793  12.062  1.304   1.00 21.05  ?  89  TRP E CD2 1 
ATOM   1118 N NE1 . TRP E 1 21 ? -1.606  12.380  -0.569  1.00 21.38  ?  89  TRP E NE1 1 
ATOM   1119 C CE2 . TRP E 1 21 ? -2.193  13.035  0.481   1.00 19.38  ?  89  TRP E CE2 1 
ATOM   1120 C CE3 . TRP E 1 21 ? -3.468  12.477  2.456   1.00 21.31  ?  89  TRP E CE3 1 
ATOM   1121 C CZ2 . TRP E 1 21 ? -2.246  14.396  0.773   1.00 21.89  ?  89  TRP E CZ2 1 
ATOM   1122 C CZ3 . TRP E 1 21 ? -3.520  13.827  2.744   1.00 28.36  ?  89  TRP E CZ3 1 
ATOM   1123 C CH2 . TRP E 1 21 ? -2.913  14.771  1.907   1.00 25.75  ?  89  TRP E CH2 1 
ATOM   1124 N N   . VAL E 1 22 ? -4.940  8.851   -1.232  1.00 12.61  ?  90  VAL E N   1 
ATOM   1125 C CA  . VAL E 1 22 ? -5.412  9.231   -2.559  1.00 15.79  ?  90  VAL E CA  1 
ATOM   1126 C C   . VAL E 1 22 ? -6.935  9.268   -2.598  1.00 20.94  ?  90  VAL E C   1 
ATOM   1127 O O   . VAL E 1 22 ? -7.533  10.181  -3.181  1.00 25.71  ?  90  VAL E O   1 
ATOM   1128 C CB  . VAL E 1 22 ? -4.835  8.275   -3.619  1.00 20.96  ?  90  VAL E CB  1 
ATOM   1129 C CG1 . VAL E 1 22 ? -5.504  8.500   -4.962  1.00 14.51  ?  90  VAL E CG1 1 
ATOM   1130 C CG2 . VAL E 1 22 ? -3.327  8.462   -3.734  1.00 17.75  ?  90  VAL E CG2 1 
ATOM   1131 N N   . VAL E 1 23 ? -7.588  8.280   -1.981  1.00 18.79  ?  91  VAL E N   1 
ATOM   1132 C CA  . VAL E 1 23 ? -9.048  8.278   -1.928  1.00 22.28  ?  91  VAL E CA  1 
ATOM   1133 C C   . VAL E 1 23 ? -9.551  9.474   -1.130  1.00 31.68  ?  91  VAL E C   1 
ATOM   1134 O O   . VAL E 1 23 ? -10.560 10.096  -1.484  1.00 32.09  ?  91  VAL E O   1 
ATOM   1135 C CB  . VAL E 1 23 ? -9.563  6.948   -1.345  1.00 29.29  ?  91  VAL E CB  1 
ATOM   1136 C CG1 . VAL E 1 23 ? -11.078 6.972   -1.221  1.00 18.03  ?  91  VAL E CG1 1 
ATOM   1137 C CG2 . VAL E 1 23 ? -9.116  5.780   -2.212  1.00 21.51  ?  91  VAL E CG2 1 
ATOM   1138 N N   . TYR E 1 24 ? -8.852  9.821   -0.046  1.00 32.17  ?  92  TYR E N   1 
ATOM   1139 C CA  . TYR E 1 24 ? -9.229  11.000  0.727   1.00 23.15  ?  92  TYR E CA  1 
ATOM   1140 C C   . TYR E 1 24 ? -9.087  12.272  -0.100  1.00 26.65  ?  92  TYR E C   1 
ATOM   1141 O O   . TYR E 1 24 ? -9.919  13.180  0.004   1.00 30.45  ?  92  TYR E O   1 
ATOM   1142 C CB  . TYR E 1 24 ? -8.390  11.089  2.001   1.00 21.17  ?  92  TYR E CB  1 
ATOM   1143 C CG  . TYR E 1 24 ? -8.565  12.394  2.744   1.00 30.64  ?  92  TYR E CG  1 
ATOM   1144 C CD1 . TYR E 1 24 ? -9.666  12.609  3.562   1.00 35.15  ?  92  TYR E CD1 1 
ATOM   1145 C CD2 . TYR E 1 24 ? -7.627  13.413  2.627   1.00 24.46  ?  92  TYR E CD2 1 
ATOM   1146 C CE1 . TYR E 1 24 ? -9.831  13.802  4.239   1.00 35.93  ?  92  TYR E CE1 1 
ATOM   1147 C CE2 . TYR E 1 24 ? -7.783  14.609  3.299   1.00 27.91  ?  92  TYR E CE2 1 
ATOM   1148 C CZ  . TYR E 1 24 ? -8.886  14.798  4.104   1.00 35.09  ?  92  TYR E CZ  1 
ATOM   1149 O OH  . TYR E 1 24 ? -9.046  15.986  4.778   1.00 48.76  ?  92  TYR E OH  1 
ATOM   1150 N N   . LEU E 1 25 ? -8.037  12.361  -0.921  1.00 28.42  ?  93  LEU E N   1 
ATOM   1151 C CA  . LEU E 1 25 ? -7.899  13.509  -1.812  1.00 22.14  ?  93  LEU E CA  1 
ATOM   1152 C C   . LEU E 1 25 ? -8.999  13.520  -2.864  1.00 30.57  ?  93  LEU E C   1 
ATOM   1153 O O   . LEU E 1 25 ? -9.485  14.589  -3.250  1.00 36.37  ?  93  LEU E O   1 
ATOM   1154 C CB  . LEU E 1 25 ? -6.522  13.504  -2.477  1.00 15.17  ?  93  LEU E CB  1 
ATOM   1155 C CG  . LEU E 1 25 ? -5.331  13.956  -1.625  1.00 29.41  ?  93  LEU E CG  1 
ATOM   1156 C CD1 . LEU E 1 25 ? -4.066  14.016  -2.471  1.00 24.11  ?  93  LEU E CD1 1 
ATOM   1157 C CD2 . LEU E 1 25 ? -5.612  15.303  -0.979  1.00 28.66  ?  93  LEU E CD2 1 
ATOM   1158 N N   . LEU E 1 26 ? -9.405  12.339  -3.337  1.00 32.47  ?  94  LEU E N   1 
ATOM   1159 C CA  . LEU E 1 26 ? -10.468 12.263  -4.334  1.00 26.62  ?  94  LEU E CA  1 
ATOM   1160 C C   . LEU E 1 26 ? -11.782 12.797  -3.779  1.00 30.60  ?  94  LEU E C   1 
ATOM   1161 O O   . LEU E 1 26 ? -12.518 13.508  -4.475  1.00 34.07  ?  94  LEU E O   1 
ATOM   1162 C CB  . LEU E 1 26 ? -10.635 10.820  -4.807  1.00 21.88  ?  94  LEU E CB  1 
ATOM   1163 C CG  . LEU E 1 26 ? -11.355 10.602  -6.138  1.00 30.43  ?  94  LEU E CG  1 
ATOM   1164 C CD1 . LEU E 1 26 ? -10.460 11.005  -7.300  1.00 32.32  ?  94  LEU E CD1 1 
ATOM   1165 C CD2 . LEU E 1 26 ? -11.800 9.156   -6.276  1.00 25.17  ?  94  LEU E CD2 1 
ATOM   1166 N N   . ARG E 1 27 ? -12.091 12.469  -2.522  1.00 27.92  ?  95  ARG E N   1 
ATOM   1167 C CA  . ARG E 1 27 ? -13.319 12.951  -1.903  1.00 21.77  ?  95  ARG E CA  1 
ATOM   1168 C C   . ARG E 1 27 ? -13.255 14.434  -1.562  1.00 29.62  ?  95  ARG E C   1 
ATOM   1169 O O   . ARG E 1 27 ? -14.304 15.064  -1.390  1.00 41.79  ?  95  ARG E O   1 
ATOM   1170 C CB  . ARG E 1 27 ? -13.623 12.141  -0.641  1.00 19.42  ?  95  ARG E CB  1 
ATOM   1171 C CG  . ARG E 1 27 ? -13.789 10.650  -0.887  1.00 35.75  ?  95  ARG E CG  1 
ATOM   1172 C CD  . ARG E 1 27 ? -13.989 9.896   0.417   1.00 35.90  ?  95  ARG E CD  1 
ATOM   1173 N NE  . ARG E 1 27 ? -15.084 10.451  1.205   1.00 45.15  ?  95  ARG E NE  1 
ATOM   1174 C CZ  . ARG E 1 27 ? -15.541 9.915   2.332   1.00 63.15  ?  95  ARG E CZ  1 
ATOM   1175 N NH1 . ARG E 1 27 ? -14.998 8.802   2.806   1.00 59.92  ?  95  ARG E NH1 1 
ATOM   1176 N NH2 . ARG E 1 27 ? -16.543 10.489  2.983   1.00 53.10  ?  95  ARG E NH2 1 
ATOM   1177 N N   . ARG E 1 28 ? -12.056 15.004  -1.467  1.00 34.14  ?  96  ARG E N   1 
ATOM   1178 C CA  . ARG E 1 28 ? -11.884 16.407  -1.114  1.00 27.15  ?  96  ARG E CA  1 
ATOM   1179 C C   . ARG E 1 28 ? -11.674 17.314  -2.318  1.00 30.00  ?  96  ARG E C   1 
ATOM   1180 O O   . ARG E 1 28 ? -12.127 18.463  -2.297  1.00 35.58  ?  96  ARG E O   1 
ATOM   1181 C CB  . ARG E 1 28 ? -10.695 16.569  -0.158  1.00 25.15  ?  96  ARG E CB  1 
ATOM   1182 C CG  . ARG E 1 28 ? -10.916 15.969  1.221   1.00 39.24  ?  96  ARG E CG  1 
ATOM   1183 C CD  . ARG E 1 28 ? -11.889 16.801  2.035   1.00 42.75  ?  96  ARG E CD  1 
ATOM   1184 N NE  . ARG E 1 28 ? -11.357 18.129  2.326   1.00 48.45  ?  96  ARG E NE  1 
ATOM   1185 C CZ  . ARG E 1 28 ? -12.044 19.095  2.928   1.00 51.81  ?  96  ARG E CZ  1 
ATOM   1186 N NH1 . ARG E 1 28 ? -13.299 18.883  3.303   1.00 65.56  ?  96  ARG E NH1 1 
ATOM   1187 N NH2 . ARG E 1 28 ? -11.481 20.273  3.153   1.00 49.49  ?  96  ARG E NH2 1 
ATOM   1188 N N   . LEU E 1 29 ? -11.007 16.832  -3.363  1.00 34.65  ?  97  LEU E N   1 
ATOM   1189 C CA  . LEU E 1 29 ? -10.652 17.681  -4.497  1.00 36.61  ?  97  LEU E CA  1 
ATOM   1190 C C   . LEU E 1 29 ? -11.607 17.527  -5.678  1.00 37.20  ?  97  LEU E C   1 
ATOM   1191 O O   . LEU E 1 29 ? -11.601 18.343  -6.600  1.00 43.34  ?  97  LEU E O   1 
ATOM   1192 C CB  . LEU E 1 29 ? -9.220  17.385  -4.949  1.00 24.79  ?  97  LEU E CB  1 
ATOM   1193 C CG  . LEU E 1 29 ? -8.128  17.708  -3.929  1.00 26.74  ?  97  LEU E CG  1 
ATOM   1194 C CD1 . LEU E 1 29 ? -6.749  17.495  -4.528  1.00 26.86  ?  97  LEU E CD1 1 
ATOM   1195 C CD2 . LEU E 1 29 ? -8.286  19.134  -3.423  1.00 29.44  ?  97  LEU E CD2 1 
HETATM 1196 N N   . SCH E 1 30 ? -12.425 16.481  -5.651  1.00 33.25  ?  98  SCH E N   1 
HETATM 1197 C CA  . SCH E 1 30 ? -13.372 16.250  -6.712  1.00 45.99  ?  98  SCH E CA  1 
HETATM 1198 C CB  . SCH E 1 30 ? -13.238 14.847  -7.307  1.00 40.24  ?  98  SCH E CB  1 
HETATM 1199 S SG  . SCH E 1 30 ? -11.596 14.428  -7.773  1.00 52.53  ?  98  SCH E SG  1 
HETATM 1200 S SD  . SCH E 1 30 ? -11.162 15.368  -9.606  1.00 70.71  ?  98  SCH E SD  1 
HETATM 1201 C CE  . SCH E 1 30 ? -9.813  16.424  -9.260  1.00 56.65  ?  98  SCH E CE  1 
HETATM 1202 C C   . SCH E 1 30 ? -14.823 16.431  -6.271  1.00 50.94  ?  98  SCH E C   1 
HETATM 1203 O O   . SCH E 1 30 ? -15.851 16.281  -6.940  1.00 53.70  ?  98  SCH E O   1 
HETATM 1204 O OXT . SCH E 1 30 ? -14.977 16.803  -4.972  1.00 49.99  ?  98  SCH E OXT 1 
ATOM   1205 N N   . LEU F 1 4  ? 17.792  -1.622  -3.576  1.00 49.55  ?  72  LEU F N   1 
ATOM   1206 C CA  . LEU F 1 4  ? 17.052  -1.495  -2.326  1.00 43.74  ?  72  LEU F CA  1 
ATOM   1207 C C   . LEU F 1 4  ? 15.798  -0.650  -2.521  1.00 61.16  ?  72  LEU F C   1 
ATOM   1208 O O   . LEU F 1 4  ? 14.763  -0.903  -1.902  1.00 59.84  ?  72  LEU F O   1 
ATOM   1209 C CB  . LEU F 1 4  ? 17.935  -0.883  -1.238  1.00 33.92  ?  72  LEU F CB  1 
ATOM   1210 C CG  . LEU F 1 4  ? 17.325  -0.792  0.163   1.00 52.33  ?  72  LEU F CG  1 
ATOM   1211 C CD1 . LEU F 1 4  ? 17.070  -2.179  0.727   1.00 57.46  ?  72  LEU F CD1 1 
ATOM   1212 C CD2 . LEU F 1 4  ? 18.222  0.012   1.093   1.00 51.34  ?  72  LEU F CD2 1 
ATOM   1213 N N   . THR F 1 5  ? 15.899  0.361   -3.388  1.00 56.55  ?  73  THR F N   1 
ATOM   1214 C CA  . THR F 1 5  ? 14.752  1.221   -3.654  1.00 54.71  ?  73  THR F CA  1 
ATOM   1215 C C   . THR F 1 5  ? 13.647  0.472   -4.387  1.00 64.35  ?  73  THR F C   1 
ATOM   1216 O O   . THR F 1 5  ? 12.465  0.779   -4.201  1.00 66.07  ?  73  THR F O   1 
ATOM   1217 C CB  . THR F 1 5  ? 15.184  2.448   -4.458  1.00 71.82  ?  73  THR F CB  1 
ATOM   1218 O OG1 . THR F 1 5  ? 15.717  2.031   -5.721  1.00 78.24  ?  73  THR F OG1 1 
ATOM   1219 C CG2 . THR F 1 5  ? 16.244  3.236   -3.700  1.00 60.67  ?  73  THR F CG2 1 
ATOM   1220 N N   . VAL F 1 6  ? 14.008  -0.510  -5.217  1.00 63.85  ?  74  VAL F N   1 
ATOM   1221 C CA  . VAL F 1 6  ? 12.993  -1.294  -5.913  1.00 63.01  ?  74  VAL F CA  1 
ATOM   1222 C C   . VAL F 1 6  ? 12.195  -2.138  -4.929  1.00 58.87  ?  74  VAL F C   1 
ATOM   1223 O O   . VAL F 1 6  ? 11.018  -2.433  -5.167  1.00 61.59  ?  74  VAL F O   1 
ATOM   1224 C CB  . VAL F 1 6  ? 13.639  -2.159  -7.009  1.00 55.43  ?  74  VAL F CB  1 
ATOM   1225 C CG1 . VAL F 1 6  ? 14.184  -1.277  -8.122  1.00 56.28  ?  74  VAL F CG1 1 
ATOM   1226 C CG2 . VAL F 1 6  ? 14.743  -3.026  -6.423  1.00 61.88  ?  74  VAL F CG2 1 
ATOM   1227 N N   . ALA F 1 7  ? 12.808  -2.541  -3.813  1.00 55.26  ?  75  ALA F N   1 
ATOM   1228 C CA  . ALA F 1 7  ? 12.054  -3.226  -2.769  1.00 48.69  ?  75  ALA F CA  1 
ATOM   1229 C C   . ALA F 1 7  ? 11.045  -2.286  -2.122  1.00 51.62  ?  75  ALA F C   1 
ATOM   1230 O O   . ALA F 1 7  ? 9.924   -2.696  -1.797  1.00 54.91  ?  75  ALA F O   1 
ATOM   1231 C CB  . ALA F 1 7  ? 13.006  -3.801  -1.722  1.00 43.93  ?  75  ALA F CB  1 
ATOM   1232 N N   . LEU F 1 8  ? 11.424  -1.021  -1.933  1.00 49.06  ?  76  LEU F N   1 
ATOM   1233 C CA  . LEU F 1 8  ? 10.501  -0.039  -1.377  1.00 50.46  ?  76  LEU F CA  1 
ATOM   1234 C C   . LEU F 1 8  ? 9.397   0.299   -2.372  1.00 41.32  ?  76  LEU F C   1 
ATOM   1235 O O   . LEU F 1 8  ? 8.216   0.350   -2.010  1.00 42.73  ?  76  LEU F O   1 
ATOM   1236 C CB  . LEU F 1 8  ? 11.265  1.223   -0.972  1.00 41.94  ?  76  LEU F CB  1 
ATOM   1237 C CG  . LEU F 1 8  ? 10.445  2.355   -0.353  1.00 40.93  ?  76  LEU F CG  1 
ATOM   1238 C CD1 . LEU F 1 8  ? 10.044  2.008   1.073   1.00 42.85  ?  76  LEU F CD1 1 
ATOM   1239 C CD2 . LEU F 1 8  ? 11.212  3.669   -0.398  1.00 47.74  ?  76  LEU F CD2 1 
ATOM   1240 N N   . ILE F 1 9  ? 9.766   0.529   -3.634  1.00 38.12  ?  77  ILE F N   1 
ATOM   1241 C CA  . ILE F 1 9  ? 8.785   0.913   -4.647  1.00 36.84  ?  77  ILE F CA  1 
ATOM   1242 C C   . ILE F 1 9  ? 7.785   -0.214  -4.876  1.00 45.98  ?  77  ILE F C   1 
ATOM   1243 O O   . ILE F 1 9  ? 6.567   -0.006  -4.825  1.00 50.00  ?  77  ILE F O   1 
ATOM   1244 C CB  . ILE F 1 9  ? 9.492   1.316   -5.953  1.00 35.66  ?  77  ILE F CB  1 
ATOM   1245 C CG1 . ILE F 1 9  ? 10.338  2.572   -5.738  1.00 41.14  ?  77  ILE F CG1 1 
ATOM   1246 C CG2 . ILE F 1 9  ? 8.475   1.535   -7.063  1.00 22.74  ?  77  ILE F CG2 1 
ATOM   1247 C CD1 . ILE F 1 9  ? 11.217  2.923   -6.916  1.00 43.26  ?  77  ILE F CD1 1 
ATOM   1248 N N   . LEU F 1 10 ? 8.285   -1.425  -5.137  1.00 48.46  ?  78  LEU F N   1 
ATOM   1249 C CA  . LEU F 1 10 ? 7.392   -2.565  -5.316  1.00 46.37  ?  78  LEU F CA  1 
ATOM   1250 C C   . LEU F 1 10 ? 6.615   -2.871  -4.044  1.00 41.20  ?  78  LEU F C   1 
ATOM   1251 O O   . LEU F 1 10 ? 5.504   -3.411  -4.111  1.00 40.21  ?  78  LEU F O   1 
ATOM   1252 C CB  . LEU F 1 10 ? 8.184   -3.793  -5.764  1.00 42.59  ?  78  LEU F CB  1 
ATOM   1253 C CG  . LEU F 1 10 ? 8.792   -3.716  -7.166  1.00 49.12  ?  78  LEU F CG  1 
ATOM   1254 C CD1 . LEU F 1 10 ? 9.532   -5.001  -7.502  1.00 56.63  ?  78  LEU F CD1 1 
ATOM   1255 C CD2 . LEU F 1 10 ? 7.718   -3.425  -8.203  1.00 47.15  ?  78  LEU F CD2 1 
ATOM   1256 N N   . GLY F 1 11 ? 7.177   -2.543  -2.880  1.00 38.46  ?  79  GLY F N   1 
ATOM   1257 C CA  . GLY F 1 11 ? 6.422   -2.677  -1.647  1.00 36.75  ?  79  GLY F CA  1 
ATOM   1258 C C   . GLY F 1 11 ? 5.283   -1.679  -1.560  1.00 43.84  ?  79  GLY F C   1 
ATOM   1259 O O   . GLY F 1 11 ? 4.207   -1.994  -1.044  1.00 37.91  ?  79  GLY F O   1 
ATOM   1260 N N   . ILE F 1 12 ? 5.501   -0.464  -2.068  1.00 37.85  ?  80  ILE F N   1 
ATOM   1261 C CA  . ILE F 1 12 ? 4.447   0.547   -2.070  1.00 23.74  ?  80  ILE F CA  1 
ATOM   1262 C C   . ILE F 1 12 ? 3.290   0.105   -2.956  1.00 29.64  ?  80  ILE F C   1 
ATOM   1263 O O   . ILE F 1 12 ? 2.122   0.156   -2.552  1.00 34.91  ?  80  ILE F O   1 
ATOM   1264 C CB  . ILE F 1 12 ? 5.010   1.909   -2.511  1.00 32.55  ?  80  ILE F CB  1 
ATOM   1265 C CG1 . ILE F 1 12 ? 5.900   2.499   -1.415  1.00 34.24  ?  80  ILE F CG1 1 
ATOM   1266 C CG2 . ILE F 1 12 ? 3.881   2.867   -2.858  1.00 34.73  ?  80  ILE F CG2 1 
ATOM   1267 C CD1 . ILE F 1 12 ? 6.512   3.833   -1.778  1.00 32.81  ?  80  ILE F CD1 1 
ATOM   1268 N N   . PHE F 1 13 ? 3.597   -0.335  -4.181  1.00 32.61  ?  81  PHE F N   1 
ATOM   1269 C CA  . PHE F 1 13 ? 2.554   -0.839  -5.071  1.00 26.32  ?  81  PHE F CA  1 
ATOM   1270 C C   . PHE F 1 13 ? 1.840   -2.035  -4.458  1.00 26.66  ?  81  PHE F C   1 
ATOM   1271 O O   . PHE F 1 13 ? 0.610   -2.142  -4.539  1.00 28.39  ?  81  PHE F O   1 
ATOM   1272 C CB  . PHE F 1 13 ? 3.152   -1.215  -6.426  1.00 27.50  ?  81  PHE F CB  1 
ATOM   1273 C CG  . PHE F 1 13 ? 3.471   -0.036  -7.299  1.00 32.47  ?  81  PHE F CG  1 
ATOM   1274 C CD1 . PHE F 1 13 ? 4.741   0.513   -7.311  1.00 38.16  ?  81  PHE F CD1 1 
ATOM   1275 C CD2 . PHE F 1 13 ? 2.499   0.519   -8.116  1.00 37.89  ?  81  PHE F CD2 1 
ATOM   1276 C CE1 . PHE F 1 13 ? 5.037   1.596   -8.116  1.00 47.15  ?  81  PHE F CE1 1 
ATOM   1277 C CE2 . PHE F 1 13 ? 2.788   1.601   -8.924  1.00 37.95  ?  81  PHE F CE2 1 
ATOM   1278 C CZ  . PHE F 1 13 ? 4.059   2.140   -8.924  1.00 49.58  ?  81  PHE F CZ  1 
ATOM   1279 N N   . LEU F 1 14 ? 2.595   -2.949  -3.844  1.00 31.77  ?  82  LEU F N   1 
ATOM   1280 C CA  . LEU F 1 14 ? 1.974   -4.076  -3.157  1.00 22.34  ?  82  LEU F CA  1 
ATOM   1281 C C   . LEU F 1 14 ? 1.128   -3.611  -1.980  1.00 26.14  ?  82  LEU F C   1 
ATOM   1282 O O   . LEU F 1 14 ? 0.095   -4.220  -1.682  1.00 32.48  ?  82  LEU F O   1 
ATOM   1283 C CB  . LEU F 1 14 ? 3.048   -5.061  -2.693  1.00 25.54  ?  82  LEU F CB  1 
ATOM   1284 C CG  . LEU F 1 14 ? 2.576   -6.365  -2.046  1.00 33.87  ?  82  LEU F CG  1 
ATOM   1285 C CD1 . LEU F 1 14 ? 1.694   -7.155  -3.005  1.00 25.15  ?  82  LEU F CD1 1 
ATOM   1286 C CD2 . LEU F 1 14 ? 3.767   -7.201  -1.595  1.00 30.77  ?  82  LEU F CD2 1 
ATOM   1287 N N   . GLY F 1 15 ? 1.539   -2.531  -1.312  1.00 28.25  ?  83  GLY F N   1 
ATOM   1288 C CA  . GLY F 1 15 ? 0.754   -2.021  -0.200  1.00 20.68  ?  83  GLY F CA  1 
ATOM   1289 C C   . GLY F 1 15 ? -0.572  -1.429  -0.639  1.00 29.95  ?  83  GLY F C   1 
ATOM   1290 O O   . GLY F 1 15 ? -1.588  -1.585  0.045   1.00 28.53  ?  83  GLY F O   1 
ATOM   1291 N N   . THR F 1 16 ? -0.583  -0.741  -1.784  1.00 31.24  ?  84  THR F N   1 
ATOM   1292 C CA  . THR F 1 16 ? -1.824  -0.163  -2.288  1.00 29.57  ?  84  THR F CA  1 
ATOM   1293 C C   . THR F 1 16 ? -2.817  -1.247  -2.686  1.00 19.76  ?  84  THR F C   1 
ATOM   1294 O O   . THR F 1 16 ? -4.030  -1.079  -2.515  1.00 27.18  ?  84  THR F O   1 
ATOM   1295 C CB  . THR F 1 16 ? -1.540  0.757   -3.477  1.00 19.48  ?  84  THR F CB  1 
ATOM   1296 O OG1 . THR F 1 16 ? -0.983  -0.008  -4.554  1.00 37.49  ?  84  THR F OG1 1 
ATOM   1297 C CG2 . THR F 1 16 ? -0.561  1.851   -3.083  1.00 14.57  ?  84  THR F CG2 1 
ATOM   1298 N N   . PHE F 1 17 ? -2.324  -2.366  -3.220  1.00 19.93  ?  85  PHE F N   1 
ATOM   1299 C CA  . PHE F 1 17 ? -3.220  -3.450  -3.609  1.00 18.75  ?  85  PHE F CA  1 
ATOM   1300 C C   . PHE F 1 17 ? -3.742  -4.200  -2.391  1.00 23.51  ?  85  PHE F C   1 
ATOM   1301 O O   . PHE F 1 17 ? -4.912  -4.601  -2.359  1.00 20.75  ?  85  PHE F O   1 
ATOM   1302 C CB  . PHE F 1 17 ? -2.509  -4.411  -4.561  1.00 22.01  ?  85  PHE F CB  1 
ATOM   1303 C CG  . PHE F 1 17 ? -3.311  -5.637  -4.889  1.00 33.92  ?  85  PHE F CG  1 
ATOM   1304 C CD1 . PHE F 1 17 ? -4.363  -5.568  -5.786  1.00 28.41  ?  85  PHE F CD1 1 
ATOM   1305 C CD2 . PHE F 1 17 ? -3.019  -6.854  -4.296  1.00 34.67  ?  85  PHE F CD2 1 
ATOM   1306 C CE1 . PHE F 1 17 ? -5.108  -6.691  -6.089  1.00 33.78  ?  85  PHE F CE1 1 
ATOM   1307 C CE2 . PHE F 1 17 ? -3.761  -7.981  -4.595  1.00 30.93  ?  85  PHE F CE2 1 
ATOM   1308 C CZ  . PHE F 1 17 ? -4.806  -7.899  -5.492  1.00 35.20  ?  85  PHE F CZ  1 
ATOM   1309 N N   . ILE F 1 18 ? -2.889  -4.406  -1.384  1.00 24.11  ?  86  ILE F N   1 
ATOM   1310 C CA  . ILE F 1 18 ? -3.311  -5.119  -0.182  1.00 21.22  ?  86  ILE F CA  1 
ATOM   1311 C C   . ILE F 1 18 ? -4.439  -4.369  0.517   1.00 19.64  ?  86  ILE F C   1 
ATOM   1312 O O   . ILE F 1 18 ? -5.378  -4.978  1.042   1.00 19.71  ?  86  ILE F O   1 
ATOM   1313 C CB  . ILE F 1 18 ? -2.106  -5.345  0.752   1.00 26.20  ?  86  ILE F CB  1 
ATOM   1314 C CG1 . ILE F 1 18 ? -1.169  -6.401  0.164   1.00 23.66  ?  86  ILE F CG1 1 
ATOM   1315 C CG2 . ILE F 1 18 ? -2.563  -5.757  2.145   1.00 23.97  ?  86  ILE F CG2 1 
ATOM   1316 C CD1 . ILE F 1 18 ? 0.096   -6.612  0.963   1.00 27.14  ?  86  ILE F CD1 1 
ATOM   1317 N N   . ALA F 1 19 ? -4.371  -3.034  0.523   1.00 23.15  ?  87  ALA F N   1 
ATOM   1318 C CA  . ALA F 1 19 ? -5.433  -2.239  1.136   1.00 21.80  ?  87  ALA F CA  1 
ATOM   1319 C C   . ALA F 1 19 ? -6.768  -2.477  0.441   1.00 25.08  ?  87  ALA F C   1 
ATOM   1320 O O   . ALA F 1 19 ? -7.790  -2.706  1.098   1.00 23.41  ?  87  ALA F O   1 
ATOM   1321 C CB  . ALA F 1 19 ? -5.063  -0.756  1.103   1.00 16.22  ?  87  ALA F CB  1 
ATOM   1322 N N   . PHE F 1 20 ? -6.779  -2.427  -0.894  1.00 23.23  ?  88  PHE F N   1 
ATOM   1323 C CA  . PHE F 1 20 ? -8.006  -2.718  -1.627  1.00 27.67  ?  88  PHE F CA  1 
ATOM   1324 C C   . PHE F 1 20 ? -8.396  -4.184  -1.508  1.00 19.90  ?  88  PHE F C   1 
ATOM   1325 O O   . PHE F 1 20 ? -9.587  -4.513  -1.554  1.00 16.56  ?  88  PHE F O   1 
ATOM   1326 C CB  . PHE F 1 20 ? -7.850  -2.324  -3.098  1.00 22.39  ?  88  PHE F CB  1 
ATOM   1327 C CG  . PHE F 1 20 ? -7.960  -0.845  -3.344  1.00 26.51  ?  88  PHE F CG  1 
ATOM   1328 C CD1 . PHE F 1 20 ? -9.188  -0.264  -3.611  1.00 26.90  ?  88  PHE F CD1 1 
ATOM   1329 C CD2 . PHE F 1 20 ? -6.835  -0.036  -3.311  1.00 16.43  ?  88  PHE F CD2 1 
ATOM   1330 C CE1 . PHE F 1 20 ? -9.294  1.095   -3.838  1.00 16.13  ?  88  PHE F CE1 1 
ATOM   1331 C CE2 . PHE F 1 20 ? -6.935  1.324   -3.538  1.00 21.92  ?  88  PHE F CE2 1 
ATOM   1332 C CZ  . PHE F 1 20 ? -8.166  1.890   -3.802  1.00 22.26  ?  88  PHE F CZ  1 
ATOM   1333 N N   . TRP F 1 21 ? -7.414  -5.077  -1.353  1.00 18.27  ?  89  TRP F N   1 
ATOM   1334 C CA  . TRP F 1 21 ? -7.722  -6.490  -1.165  1.00 19.20  ?  89  TRP F CA  1 
ATOM   1335 C C   . TRP F 1 21 ? -8.426  -6.731  0.163   1.00 23.45  ?  89  TRP F C   1 
ATOM   1336 O O   . TRP F 1 21 ? -9.362  -7.536  0.240   1.00 20.06  ?  89  TRP F O   1 
ATOM   1337 C CB  . TRP F 1 21 ? -6.442  -7.321  -1.254  1.00 18.33  ?  89  TRP F CB  1 
ATOM   1338 C CG  . TRP F 1 21 ? -6.619  -8.753  -0.846  1.00 19.78  ?  89  TRP F CG  1 
ATOM   1339 C CD1 . TRP F 1 21 ? -6.064  -9.374  0.236   1.00 17.42  ?  89  TRP F CD1 1 
ATOM   1340 C CD2 . TRP F 1 21 ? -7.415  -9.742  -1.510  1.00 20.39  ?  89  TRP F CD2 1 
ATOM   1341 N NE1 . TRP F 1 21 ? -6.460  -10.688 0.282   1.00 26.81  ?  89  TRP F NE1 1 
ATOM   1342 C CE2 . TRP F 1 21 ? -7.290  -10.939 -0.778  1.00 26.39  ?  89  TRP F CE2 1 
ATOM   1343 C CE3 . TRP F 1 21 ? -8.220  -9.730  -2.653  1.00 22.54  ?  89  TRP F CE3 1 
ATOM   1344 C CZ2 . TRP F 1 21 ? -7.940  -12.113 -1.152  1.00 28.62  ?  89  TRP F CZ2 1 
ATOM   1345 C CZ3 . TRP F 1 21 ? -8.863  -10.897 -3.023  1.00 23.27  ?  89  TRP F CZ3 1 
ATOM   1346 C CH2 . TRP F 1 21 ? -8.721  -12.070 -2.274  1.00 24.62  ?  89  TRP F CH2 1 
ATOM   1347 N N   . VAL F 1 22 ? -7.994  -6.037  1.219   1.00 19.45  ?  90  VAL F N   1 
ATOM   1348 C CA  . VAL F 1 22 ? -8.598  -6.225  2.534   1.00 18.50  ?  90  VAL F CA  1 
ATOM   1349 C C   . VAL F 1 22 ? -10.010 -5.652  2.564   1.00 18.95  ?  90  VAL F C   1 
ATOM   1350 O O   . VAL F 1 22 ? -10.931 -6.268  3.115   1.00 24.04  ?  90  VAL F O   1 
ATOM   1351 C CB  . VAL F 1 22 ? -7.703  -5.602  3.620   1.00 17.14  ?  90  VAL F CB  1 
ATOM   1352 C CG1 . VAL F 1 22 ? -8.468  -5.444  4.922   1.00 14.91  ?  90  VAL F CG1 1 
ATOM   1353 C CG2 . VAL F 1 22 ? -6.459  -6.455  3.832   1.00 9.38   ?  90  VAL F CG2 1 
ATOM   1354 N N   . VAL F 1 23 ? -10.206 -4.470  1.972   1.00 22.37  ?  91  VAL F N   1 
ATOM   1355 C CA  . VAL F 1 23 ? -11.537 -3.866  1.943   1.00 17.08  ?  91  VAL F CA  1 
ATOM   1356 C C   . VAL F 1 23 ? -12.497 -4.732  1.137   1.00 20.76  ?  91  VAL F C   1 
ATOM   1357 O O   . VAL F 1 23 ? -13.667 -4.896  1.505   1.00 22.67  ?  91  VAL F O   1 
ATOM   1358 C CB  . VAL F 1 23 ? -11.463 -2.432  1.389   1.00 22.09  ?  91  VAL F CB  1 
ATOM   1359 C CG1 . VAL F 1 23 ? -12.855 -1.824  1.297   1.00 18.35  ?  91  VAL F CG1 1 
ATOM   1360 C CG2 . VAL F 1 23 ? -10.563 -1.572  2.265   1.00 19.94  ?  91  VAL F CG2 1 
ATOM   1361 N N   . TYR F 1 24 ? -12.019 -5.307  0.030   1.00 25.09  ?  92  TYR F N   1 
ATOM   1362 C CA  . TYR F 1 24 ? -12.855 -6.205  -0.761  1.00 18.17  ?  92  TYR F CA  1 
ATOM   1363 C C   . TYR F 1 24 ? -13.281 -7.420  0.055   1.00 25.73  ?  92  TYR F C   1 
ATOM   1364 O O   . TYR F 1 24 ? -14.449 -7.824  0.022   1.00 29.04  ?  92  TYR F O   1 
ATOM   1365 C CB  . TYR F 1 24 ? -12.115 -6.640  -2.025  1.00 19.72  ?  92  TYR F CB  1 
ATOM   1366 C CG  . TYR F 1 24 ? -12.819 -7.742  -2.783  1.00 23.71  ?  92  TYR F CG  1 
ATOM   1367 C CD1 . TYR F 1 24 ? -13.942 -7.471  -3.555  1.00 30.83  ?  92  TYR F CD1 1 
ATOM   1368 C CD2 . TYR F 1 24 ? -12.364 -9.054  -2.727  1.00 23.78  ?  92  TYR F CD2 1 
ATOM   1369 C CE1 . TYR F 1 24 ? -14.591 -8.474  -4.246  1.00 29.09  ?  92  TYR F CE1 1 
ATOM   1370 C CE2 . TYR F 1 24 ? -13.007 -10.062 -3.415  1.00 33.01  ?  92  TYR F CE2 1 
ATOM   1371 C CZ  . TYR F 1 24 ? -14.121 -9.768  -4.174  1.00 38.28  ?  92  TYR F CZ  1 
ATOM   1372 O OH  . TYR F 1 24 ? -14.766 -10.768 -4.863  1.00 38.39  ?  92  TYR F OH  1 
ATOM   1373 N N   . LEU F 1 25 ? -12.345 -8.018  0.797   1.00 26.46  ?  93  LEU F N   1 
ATOM   1374 C CA  . LEU F 1 25 ? -12.690 -9.149  1.654   1.00 21.06  ?  93  LEU F CA  1 
ATOM   1375 C C   . LEU F 1 25 ? -13.663 -8.732  2.747   1.00 31.96  ?  93  LEU F C   1 
ATOM   1376 O O   . LEU F 1 25 ? -14.567 -9.495  3.110   1.00 32.45  ?  93  LEU F O   1 
ATOM   1377 C CB  . LEU F 1 25 ? -11.427 -9.753  2.268   1.00 24.35  ?  93  LEU F CB  1 
ATOM   1378 C CG  . LEU F 1 25 ? -10.495 -10.521 1.330   1.00 28.19  ?  93  LEU F CG  1 
ATOM   1379 C CD1 . LEU F 1 25 ? -9.335  -11.118 2.112   1.00 21.96  ?  93  LEU F CD1 1 
ATOM   1380 C CD2 . LEU F 1 25 ? -11.262 -11.605 0.586   1.00 24.01  ?  93  LEU F CD2 1 
ATOM   1381 N N   . LEU F 1 26 ? -13.496 -7.520  3.283   1.00 24.97  ?  94  LEU F N   1 
ATOM   1382 C CA  . LEU F 1 26 ? -14.404 -7.026  4.312   1.00 29.38  ?  94  LEU F CA  1 
ATOM   1383 C C   . LEU F 1 26 ? -15.833 -6.927  3.794   1.00 32.74  ?  94  LEU F C   1 
ATOM   1384 O O   . LEU F 1 26 ? -16.788 -7.228  4.519   1.00 42.22  ?  94  LEU F O   1 
ATOM   1385 C CB  . LEU F 1 26 ? -13.926 -5.664  4.816   1.00 27.01  ?  94  LEU F CB  1 
ATOM   1386 C CG  . LEU F 1 26 ? -14.763 -5.005  5.914   1.00 32.95  ?  94  LEU F CG  1 
ATOM   1387 C CD1 . LEU F 1 26 ? -14.626 -5.768  7.224   1.00 31.16  ?  94  LEU F CD1 1 
ATOM   1388 C CD2 . LEU F 1 26 ? -14.362 -3.550  6.087   1.00 33.32  ?  94  LEU F CD2 1 
ATOM   1389 N N   . ARG F 1 27 ? -15.998 -6.507  2.538   1.00 24.86  ?  95  ARG F N   1 
ATOM   1390 C CA  . ARG F 1 27 ? -17.334 -6.348  1.973   1.00 26.98  ?  95  ARG F CA  1 
ATOM   1391 C C   . ARG F 1 27 ? -17.966 -7.689  1.621   1.00 34.60  ?  95  ARG F C   1 
ATOM   1392 O O   . ARG F 1 27 ? -19.187 -7.843  1.737   1.00 45.20  ?  95  ARG F O   1 
ATOM   1393 C CB  . ARG F 1 27 ? -17.274 -5.450  0.737   1.00 23.98  ?  95  ARG F CB  1 
ATOM   1394 C CG  . ARG F 1 27 ? -16.752 -4.049  1.013   1.00 24.41  ?  95  ARG F CG  1 
ATOM   1395 C CD  . ARG F 1 27 ? -16.284 -3.370  -0.264  1.00 43.05  ?  95  ARG F CD  1 
ATOM   1396 N NE  . ARG F 1 27 ? -17.349 -3.273  -1.258  1.00 53.67  ?  95  ARG F NE  1 
ATOM   1397 C CZ  . ARG F 1 27 ? -18.120 -2.204  -1.421  1.00 56.06  ?  95  ARG F CZ  1 
ATOM   1398 N NH1 . ARG F 1 27 ? -17.945 -1.135  -0.657  1.00 62.36  ?  95  ARG F NH1 1 
ATOM   1399 N NH2 . ARG F 1 27 ? -19.065 -2.201  -2.352  1.00 51.70  ?  95  ARG F NH2 1 
ATOM   1400 N N   . ARG F 1 28 ? -17.163 -8.665  1.195   1.00 33.99  ?  96  ARG F N   1 
ATOM   1401 C CA  . ARG F 1 28 ? -17.683 -9.956  0.758   1.00 39.40  ?  96  ARG F CA  1 
ATOM   1402 C C   . ARG F 1 28 ? -17.867 -10.938 1.910   1.00 37.62  ?  96  ARG F C   1 
ATOM   1403 O O   . ARG F 1 28 ? -18.819 -11.724 1.900   1.00 42.34  ?  96  ARG F O   1 
ATOM   1404 C CB  . ARG F 1 28 ? -16.751 -10.568 -0.293  1.00 36.37  ?  96  ARG F CB  1 
ATOM   1405 C CG  . ARG F 1 28 ? -16.583 -9.723  -1.548  1.00 42.67  ?  96  ARG F CG  1 
ATOM   1406 C CD  . ARG F 1 28 ? -17.750 -9.889  -2.510  1.00 48.06  ?  96  ARG F CD  1 
ATOM   1407 N NE  . ARG F 1 28 ? -17.713 -11.173 -3.205  1.00 50.50  ?  96  ARG F NE  1 
ATOM   1408 C CZ  . ARG F 1 28 ? -18.507 -12.202 -2.925  1.00 59.77  ?  96  ARG F CZ  1 
ATOM   1409 N NH1 . ARG F 1 28 ? -19.411 -12.100 -1.962  1.00 71.92  ?  96  ARG F NH1 1 
ATOM   1410 N NH2 . ARG F 1 28 ? -18.399 -13.331 -3.613  1.00 57.75  ?  96  ARG F NH2 1 
ATOM   1411 N N   . LEU F 1 29 ? -16.980 -10.915 2.899   1.00 40.85  ?  97  LEU F N   1 
ATOM   1412 C CA  . LEU F 1 29 ? -17.014 -11.904 3.974   1.00 38.81  ?  97  LEU F CA  1 
ATOM   1413 C C   . LEU F 1 29 ? -17.840 -11.445 5.174   1.00 56.32  ?  97  LEU F C   1 
ATOM   1414 O O   . LEU F 1 29 ? -18.406 -12.267 5.893   1.00 51.36  ?  97  LEU F O   1 
ATOM   1415 C CB  . LEU F 1 29 ? -15.592 -12.245 4.424   1.00 35.58  ?  97  LEU F CB  1 
ATOM   1416 C CG  . LEU F 1 29 ? -14.658 -12.805 3.348   1.00 27.36  ?  97  LEU F CG  1 
ATOM   1417 C CD1 . LEU F 1 29 ? -13.333 -13.240 3.958   1.00 31.83  ?  97  LEU F CD1 1 
ATOM   1418 C CD2 . LEU F 1 29 ? -15.320 -13.959 2.614   1.00 29.67  ?  97  LEU F CD2 1 
HETATM 1419 N N   . SCH F 1 30 ? -17.907 -10.135 5.389   1.00 54.70  ?  98  SCH F N   1 
HETATM 1420 C CA  . SCH F 1 30 ? -18.648 -9.598  6.501   1.00 48.27  ?  98  SCH F CA  1 
HETATM 1421 C CB  . SCH F 1 30 ? -17.777 -8.703  7.385   1.00 52.52  ?  98  SCH F CB  1 
HETATM 1422 S SG  . SCH F 1 30 ? -16.080 -9.164  7.400   1.00 64.34  ?  98  SCH F SG  1 
HETATM 1423 S SD  . SCH F 1 30 ? -15.696 -10.252 9.161   1.00 78.21  ?  98  SCH F SD  1 
HETATM 1424 C CE  . SCH F 1 30 ? -16.167 -11.896 8.796   1.00 62.86  ?  98  SCH F CE  1 
HETATM 1425 C C   . SCH F 1 30 ? -19.873 -8.788  6.083   1.00 67.25  ?  98  SCH F C   1 
HETATM 1426 O O   . SCH F 1 30 ? -20.611 -8.094  6.790   1.00 78.24  ?  98  SCH F O   1 
HETATM 1427 O OXT . SCH F 1 30 ? -20.173 -8.859  4.759   1.00 73.45  ?  98  SCH F OXT 1 
HETATM 1428 C C1  A OLB G 2 .  ? -11.889 -17.695 6.169   0.55 34.31  ?  101 OLB B C1  1 
HETATM 1429 C C2  A OLB G 2 .  ? -10.928 -17.735 5.021   0.55 33.50  ?  101 OLB B C2  1 
HETATM 1430 C C3  A OLB G 2 .  ? -9.978  -18.916 5.089   0.55 37.10  ?  101 OLB B C3  1 
HETATM 1431 C C4  A OLB G 2 .  ? -8.936  -18.803 6.179   0.55 38.07  ?  101 OLB B C4  1 
HETATM 1432 C C5  A OLB G 2 .  ? -8.015  -19.999 6.223   0.55 40.27  ?  101 OLB B C5  1 
HETATM 1433 O O19 A OLB G 2 .  ? -11.855 -18.418 7.121   0.55 42.48  ?  101 OLB B O19 1 
HETATM 1434 O O20 A OLB G 2 .  ? -12.825 -16.767 5.994   0.55 32.05  ?  101 OLB B O20 1 
HETATM 1435 C C21 A OLB G 2 .  ? -13.789 -16.598 7.071   0.55 28.80  ?  101 OLB B C21 1 
HETATM 1436 C C22 A OLB G 2 .  ? -15.074 -16.025 6.519   0.55 32.03  ?  101 OLB B C22 1 
HETATM 1437 O O23 A OLB G 2 .  ? -15.624 -16.941 5.576   0.55 48.08  ?  101 OLB B O23 1 
HETATM 1438 C C24 A OLB G 2 .  ? -16.094 -15.796 7.616   0.55 30.13  ?  101 OLB B C24 1 
HETATM 1439 O O25 A OLB G 2 .  ? -17.314 -15.288 7.083   0.55 28.72  ?  101 OLB B O25 1 
HETATM 1440 C C6  A OLB G 2 .  ? -6.877  -19.914 7.212   0.55 43.76  ?  101 OLB B C6  1 
HETATM 1441 C C7  A OLB G 2 .  ? -5.975  -21.125 7.159   0.55 49.75  ?  101 OLB B C7  1 
HETATM 1442 C C8  A OLB G 2 .  ? -4.720  -20.963 8.004   0.55 51.79  ?  101 OLB B C8  1 
HETATM 1443 C C9  A OLB G 2 .  ? -3.763  -22.095 7.799   0.55 54.91  ?  101 OLB B C9  1 
HETATM 1444 C C10 A OLB G 2 .  ? -2.608  -21.985 7.161   0.55 61.40  ?  101 OLB B C10 1 
HETATM 1445 C C11 A OLB G 2 .  ? -1.707  -23.130 6.816   0.55 61.67  ?  101 OLB B C11 1 
HETATM 1446 C C12 A OLB G 2 .  ? -0.237  -22.804 7.018   0.55 58.41  ?  101 OLB B C12 1 
HETATM 1447 C C13 A OLB G 2 .  ? 0.661   -23.892 6.473   0.55 52.97  ?  101 OLB B C13 1 
HETATM 1448 C C14 A OLB G 2 .  ? 2.132   -23.545 6.472   0.55 54.91  ?  101 OLB B C14 1 
HETATM 1449 C C15 A OLB G 2 .  ? 3.010   -24.556 5.767   0.55 53.34  ?  101 OLB B C15 1 
HETATM 1450 C C16 A OLB G 2 .  ? 4.464   -24.152 5.656   0.55 47.81  ?  101 OLB B C16 1 
HETATM 1451 C C17 A OLB G 2 .  ? 5.328   -25.085 4.868   0.55 47.04  ?  101 OLB B C17 1 
HETATM 1452 C C18 A OLB G 2 .  ? 6.740   -24.626 4.694   0.55 39.38  ?  101 OLB B C18 1 
HETATM 1453 C C1  B OLB H 2 .  ? -1.977  20.904  -5.779  0.45 36.41  ?  101 OLB D C1  1 
HETATM 1454 C C2  B OLB H 2 .  ? -1.093  21.107  -6.972  0.45 38.49  ?  101 OLB D C2  1 
HETATM 1455 C C3  B OLB H 2 .  ? 0.336   21.235  -6.471  0.45 39.39  ?  101 OLB D C3  1 
HETATM 1456 C C4  B OLB H 2 .  ? 1.434   21.208  -7.519  0.45 47.04  ?  101 OLB D C4  1 
HETATM 1457 C C5  B OLB H 2 .  ? 2.801   21.409  -6.883  0.45 47.82  ?  101 OLB D C5  1 
HETATM 1458 O O19 B OLB H 2 .  ? -1.561  20.836  -4.661  0.45 45.11  ?  101 OLB D O19 1 
HETATM 1459 O O20 B OLB H 2 .  ? -3.277  20.815  -6.061  0.45 29.95  ?  101 OLB D O20 1 
HETATM 1460 C C21 B OLB H 2 .  ? -3.824  21.153  -7.372  0.45 34.67  ?  101 OLB D C21 1 
HETATM 1461 C C22 B OLB H 2 .  ? -5.328  21.022  -7.292  0.45 31.36  ?  101 OLB D C22 1 
HETATM 1462 O O23 B OLB H 2 .  ? -5.795  21.728  -6.146  0.45 35.02  ?  101 OLB D O23 1 
HETATM 1463 C C24 B OLB H 2 .  ? -6.033  21.578  -8.515  0.45 42.44  ?  101 OLB D C24 1 
HETATM 1464 O O25 B OLB H 2 .  ? -7.445  21.448  -8.376  0.45 47.82  ?  101 OLB D O25 1 
HETATM 1465 C C6  B OLB H 2 .  ? 4.044   21.361  -7.750  0.45 53.24  ?  101 OLB D C6  1 
HETATM 1466 C C7  B OLB H 2 .  ? 5.300   21.617  -6.937  0.45 54.57  ?  101 OLB D C7  1 
HETATM 1467 C C8  B OLB H 2 .  ? 6.579   21.597  -7.763  0.45 53.08  ?  101 OLB D C8  1 
HETATM 1468 C C9  B OLB H 2 .  ? 7.786   21.873  -6.923  0.45 59.36  ?  101 OLB D C9  1 
HETATM 1469 C C10 B OLB H 2 .  ? 9.042   21.838  -7.344  0.45 61.63  ?  101 OLB D C10 1 
HETATM 1470 C C11 B OLB H 2 .  ? 10.208  22.090  -6.440  0.45 60.22  ?  101 OLB D C11 1 
HETATM 1471 C C12 B OLB H 2 .  ? 11.550  21.665  -7.017  0.45 55.52  ?  101 OLB D C12 1 
HETATM 1472 C C13 B OLB H 2 .  ? 12.597  21.542  -5.932  0.45 52.81  ?  101 OLB D C13 1 
HETATM 1473 C C14 B OLB H 2 .  ? 13.957  21.059  -6.387  0.45 49.54  ?  101 OLB D C14 1 
HETATM 1474 C C15 B OLB H 2 .  ? 14.825  20.602  -5.234  0.45 42.28  ?  101 OLB D C15 1 
HETATM 1475 C C16 B OLB H 2 .  ? 16.161  20.005  -5.608  0.45 40.56  ?  101 OLB D C16 1 
HETATM 1476 C C17 B OLB H 2 .  ? 16.948  19.551  -4.422  0.45 38.14  ?  101 OLB D C17 1 
HETATM 1477 C C18 B OLB H 2 .  ? 18.296  19.001  -4.761  0.45 37.14  ?  101 OLB D C18 1 
HETATM 1478 O O   . HOH I 3 .  ? -21.894 -16.840 19.590  1.00 30.50  ?  201 HOH B O   1 
HETATM 1479 O O   . HOH J 3 .  ? -17.111 -5.128  -3.449  1.00 45.71  ?  101 HOH F O   1 
# 
loop_
_pdbx_poly_seq_scheme.asym_id 
_pdbx_poly_seq_scheme.entity_id 
_pdbx_poly_seq_scheme.seq_id 
_pdbx_poly_seq_scheme.mon_id 
_pdbx_poly_seq_scheme.ndb_seq_num 
_pdbx_poly_seq_scheme.pdb_seq_num 
_pdbx_poly_seq_scheme.auth_seq_num 
_pdbx_poly_seq_scheme.pdb_mon_id 
_pdbx_poly_seq_scheme.auth_mon_id 
_pdbx_poly_seq_scheme.pdb_strand_id 
_pdbx_poly_seq_scheme.pdb_ins_code 
_pdbx_poly_seq_scheme.hetero 
A 1 1  GLU 1  69 ?  ?   ?   A . n 
A 1 2  PRO 2  70 70 PRO PRO A . n 
A 1 3  GLU 3  71 71 GLU GLU A . n 
A 1 4  LEU 4  72 72 LEU LEU A . n 
A 1 5  THR 5  73 73 THR THR A . n 
A 1 6  VAL 6  74 74 VAL VAL A . n 
A 1 7  ALA 7  75 75 ALA ALA A . n 
A 1 8  LEU 8  76 76 LEU LEU A . n 
A 1 9  ILE 9  77 77 ILE ILE A . n 
A 1 10 LEU 10 78 78 LEU LEU A . n 
A 1 11 GLY 11 79 79 GLY GLY A . n 
A 1 12 ILE 12 80 80 ILE ILE A . n 
A 1 13 PHE 13 81 81 PHE PHE A . n 
A 1 14 LEU 14 82 82 LEU LEU A . n 
A 1 15 GLY 15 83 83 GLY GLY A . n 
A 1 16 THR 16 84 84 THR THR A . n 
A 1 17 PHE 17 85 85 PHE PHE A . n 
A 1 18 ILE 18 86 86 ILE ILE A . n 
A 1 19 ALA 19 87 87 ALA ALA A . n 
A 1 20 PHE 20 88 88 PHE PHE A . n 
A 1 21 TRP 21 89 89 TRP TRP A . n 
A 1 22 VAL 22 90 90 VAL VAL A . n 
A 1 23 VAL 23 91 91 VAL VAL A . n 
A 1 24 TYR 24 92 92 TYR TYR A . n 
A 1 25 LEU 25 93 93 LEU LEU A . n 
A 1 26 LEU 26 94 94 LEU LEU A . n 
A 1 27 ARG 27 95 95 ARG ARG A . n 
A 1 28 ARG 28 96 96 ARG ARG A . n 
A 1 29 LEU 29 97 97 LEU LEU A . n 
A 1 30 SCH 30 98 98 SCH SCH A . n 
B 1 1  GLU 1  69 ?  ?   ?   B . n 
B 1 2  PRO 2  70 70 PRO PRO B . n 
B 1 3  GLU 3  71 71 GLU GLU B . n 
B 1 4  LEU 4  72 72 LEU LEU B . n 
B 1 5  THR 5  73 73 THR THR B . n 
B 1 6  VAL 6  74 74 VAL VAL B . n 
B 1 7  ALA 7  75 75 ALA ALA B . n 
B 1 8  LEU 8  76 76 LEU LEU B . n 
B 1 9  ILE 9  77 77 ILE ILE B . n 
B 1 10 LEU 10 78 78 LEU LEU B . n 
B 1 11 GLY 11 79 79 GLY GLY B . n 
B 1 12 ILE 12 80 80 ILE ILE B . n 
B 1 13 PHE 13 81 81 PHE PHE B . n 
B 1 14 LEU 14 82 82 LEU LEU B . n 
B 1 15 GLY 15 83 83 GLY GLY B . n 
B 1 16 THR 16 84 84 THR THR B . n 
B 1 17 PHE 17 85 85 PHE PHE B . n 
B 1 18 ILE 18 86 86 ILE ILE B . n 
B 1 19 ALA 19 87 87 ALA ALA B . n 
B 1 20 PHE 20 88 88 PHE PHE B . n 
B 1 21 TRP 21 89 89 TRP TRP B . n 
B 1 22 VAL 22 90 90 VAL VAL B . n 
B 1 23 VAL 23 91 91 VAL VAL B . n 
B 1 24 TYR 24 92 92 TYR TYR B . n 
B 1 25 LEU 25 93 93 LEU LEU B . n 
B 1 26 LEU 26 94 94 LEU LEU B . n 
B 1 27 ARG 27 95 95 ARG ARG B . n 
B 1 28 ARG 28 96 96 ARG ARG B . n 
B 1 29 LEU 29 97 97 LEU LEU B . n 
B 1 30 SCH 30 98 98 SCH SCH B . n 
C 1 1  GLU 1  69 ?  ?   ?   C . n 
C 1 2  PRO 2  70 70 PRO PRO C . n 
C 1 3  GLU 3  71 71 GLU GLU C . n 
C 1 4  LEU 4  72 72 LEU LEU C . n 
C 1 5  THR 5  73 73 THR THR C . n 
C 1 6  VAL 6  74 74 VAL VAL C . n 
C 1 7  ALA 7  75 75 ALA ALA C . n 
C 1 8  LEU 8  76 76 LEU LEU C . n 
C 1 9  ILE 9  77 77 ILE ILE C . n 
C 1 10 LEU 10 78 78 LEU LEU C . n 
C 1 11 GLY 11 79 79 GLY GLY C . n 
C 1 12 ILE 12 80 80 ILE ILE C . n 
C 1 13 PHE 13 81 81 PHE PHE C . n 
C 1 14 LEU 14 82 82 LEU LEU C . n 
C 1 15 GLY 15 83 83 GLY GLY C . n 
C 1 16 THR 16 84 84 THR THR C . n 
C 1 17 PHE 17 85 85 PHE PHE C . n 
C 1 18 ILE 18 86 86 ILE ILE C . n 
C 1 19 ALA 19 87 87 ALA ALA C . n 
C 1 20 PHE 20 88 88 PHE PHE C . n 
C 1 21 TRP 21 89 89 TRP TRP C . n 
C 1 22 VAL 22 90 90 VAL VAL C . n 
C 1 23 VAL 23 91 91 VAL VAL C . n 
C 1 24 TYR 24 92 92 TYR TYR C . n 
C 1 25 LEU 25 93 93 LEU LEU C . n 
C 1 26 LEU 26 94 94 LEU LEU C . n 
C 1 27 ARG 27 95 95 ARG ARG C . n 
C 1 28 ARG 28 96 96 ARG ARG C . n 
C 1 29 LEU 29 97 97 LEU LEU C . n 
C 1 30 SCH 30 98 98 SCH SCH C . n 
D 1 1  GLU 1  69 69 GLU GLU D . n 
D 1 2  PRO 2  70 70 PRO PRO D . n 
D 1 3  GLU 3  71 71 GLU GLU D . n 
D 1 4  LEU 4  72 72 LEU LEU D . n 
D 1 5  THR 5  73 73 THR THR D . n 
D 1 6  VAL 6  74 74 VAL VAL D . n 
D 1 7  ALA 7  75 75 ALA ALA D . n 
D 1 8  LEU 8  76 76 LEU LEU D . n 
D 1 9  ILE 9  77 77 ILE ILE D . n 
D 1 10 LEU 10 78 78 LEU LEU D . n 
D 1 11 GLY 11 79 79 GLY GLY D . n 
D 1 12 ILE 12 80 80 ILE ILE D . n 
D 1 13 PHE 13 81 81 PHE PHE D . n 
D 1 14 LEU 14 82 82 LEU LEU D . n 
D 1 15 GLY 15 83 83 GLY GLY D . n 
D 1 16 THR 16 84 84 THR THR D . n 
D 1 17 PHE 17 85 85 PHE PHE D . n 
D 1 18 ILE 18 86 86 ILE ILE D . n 
D 1 19 ALA 19 87 87 ALA ALA D . n 
D 1 20 PHE 20 88 88 PHE PHE D . n 
D 1 21 TRP 21 89 89 TRP TRP D . n 
D 1 22 VAL 22 90 90 VAL VAL D . n 
D 1 23 VAL 23 91 91 VAL VAL D . n 
D 1 24 TYR 24 92 92 TYR TYR D . n 
D 1 25 LEU 25 93 93 LEU LEU D . n 
D 1 26 LEU 26 94 94 LEU LEU D . n 
D 1 27 ARG 27 95 95 ARG ARG D . n 
D 1 28 ARG 28 96 96 ARG ARG D . n 
D 1 29 LEU 29 97 97 LEU LEU D . n 
D 1 30 SCH 30 98 98 SCH SCH D . n 
E 1 1  GLU 1  69 ?  ?   ?   E . n 
E 1 2  PRO 2  70 70 PRO PRO E . n 
E 1 3  GLU 3  71 71 GLU GLU E . n 
E 1 4  LEU 4  72 72 LEU LEU E . n 
E 1 5  THR 5  73 73 THR THR E . n 
E 1 6  VAL 6  74 74 VAL VAL E . n 
E 1 7  ALA 7  75 75 ALA ALA E . n 
E 1 8  LEU 8  76 76 LEU LEU E . n 
E 1 9  ILE 9  77 77 ILE ILE E . n 
E 1 10 LEU 10 78 78 LEU LEU E . n 
E 1 11 GLY 11 79 79 GLY GLY E . n 
E 1 12 ILE 12 80 80 ILE ILE E . n 
E 1 13 PHE 13 81 81 PHE PHE E . n 
E 1 14 LEU 14 82 82 LEU LEU E . n 
E 1 15 GLY 15 83 83 GLY GLY E . n 
E 1 16 THR 16 84 84 THR THR E . n 
E 1 17 PHE 17 85 85 PHE PHE E . n 
E 1 18 ILE 18 86 86 ILE ILE E . n 
E 1 19 ALA 19 87 87 ALA ALA E . n 
E 1 20 PHE 20 88 88 PHE PHE E . n 
E 1 21 TRP 21 89 89 TRP TRP E . n 
E 1 22 VAL 22 90 90 VAL VAL E . n 
E 1 23 VAL 23 91 91 VAL VAL E . n 
E 1 24 TYR 24 92 92 TYR TYR E . n 
E 1 25 LEU 25 93 93 LEU LEU E . n 
E 1 26 LEU 26 94 94 LEU LEU E . n 
E 1 27 ARG 27 95 95 ARG ARG E . n 
E 1 28 ARG 28 96 96 ARG ARG E . n 
E 1 29 LEU 29 97 97 LEU LEU E . n 
E 1 30 SCH 30 98 98 SCH SCH E . n 
F 1 1  GLU 1  69 ?  ?   ?   F . n 
F 1 2  PRO 2  70 ?  ?   ?   F . n 
F 1 3  GLU 3  71 ?  ?   ?   F . n 
F 1 4  LEU 4  72 72 LEU LEU F . n 
F 1 5  THR 5  73 73 THR THR F . n 
F 1 6  VAL 6  74 74 VAL VAL F . n 
F 1 7  ALA 7  75 75 ALA ALA F . n 
F 1 8  LEU 8  76 76 LEU LEU F . n 
F 1 9  ILE 9  77 77 ILE ILE F . n 
F 1 10 LEU 10 78 78 LEU LEU F . n 
F 1 11 GLY 11 79 79 GLY GLY F . n 
F 1 12 ILE 12 80 80 ILE ILE F . n 
F 1 13 PHE 13 81 81 PHE PHE F . n 
F 1 14 LEU 14 82 82 LEU LEU F . n 
F 1 15 GLY 15 83 83 GLY GLY F . n 
F 1 16 THR 16 84 84 THR THR F . n 
F 1 17 PHE 17 85 85 PHE PHE F . n 
F 1 18 ILE 18 86 86 ILE ILE F . n 
F 1 19 ALA 19 87 87 ALA ALA F . n 
F 1 20 PHE 20 88 88 PHE PHE F . n 
F 1 21 TRP 21 89 89 TRP TRP F . n 
F 1 22 VAL 22 90 90 VAL VAL F . n 
F 1 23 VAL 23 91 91 VAL VAL F . n 
F 1 24 TYR 24 92 92 TYR TYR F . n 
F 1 25 LEU 25 93 93 LEU LEU F . n 
F 1 26 LEU 26 94 94 LEU LEU F . n 
F 1 27 ARG 27 95 95 ARG ARG F . n 
F 1 28 ARG 28 96 96 ARG ARG F . n 
F 1 29 LEU 29 97 97 LEU LEU F . n 
F 1 30 SCH 30 98 98 SCH SCH F . n 
# 
loop_
_pdbx_nonpoly_scheme.asym_id 
_pdbx_nonpoly_scheme.entity_id 
_pdbx_nonpoly_scheme.mon_id 
_pdbx_nonpoly_scheme.ndb_seq_num 
_pdbx_nonpoly_scheme.pdb_seq_num 
_pdbx_nonpoly_scheme.auth_seq_num 
_pdbx_nonpoly_scheme.pdb_mon_id 
_pdbx_nonpoly_scheme.auth_mon_id 
_pdbx_nonpoly_scheme.pdb_strand_id 
_pdbx_nonpoly_scheme.pdb_ins_code 
G 2 OLB 1 101 1 OLB OLB B . 
H 2 OLB 1 101 1 OLB OLB D . 
I 3 HOH 1 201 2 HOH HOH B . 
J 3 HOH 1 101 3 HOH HOH F . 
# 
loop_
_pdbx_struct_assembly.id 
_pdbx_struct_assembly.details 
_pdbx_struct_assembly.method_details 
_pdbx_struct_assembly.oligomeric_details 
_pdbx_struct_assembly.oligomeric_count 
1 author_and_software_defined_assembly PISA dimeric 2 
2 author_and_software_defined_assembly PISA dimeric 2 
3 author_and_software_defined_assembly PISA dimeric 2 
# 
loop_
_pdbx_struct_assembly_gen.assembly_id 
_pdbx_struct_assembly_gen.oper_expression 
_pdbx_struct_assembly_gen.asym_id_list 
1 1 A,B,G,I 
2 1 C,D,H   
3 1 E,F,J   
# 
loop_
_pdbx_struct_assembly_prop.biol_id 
_pdbx_struct_assembly_prop.type 
_pdbx_struct_assembly_prop.value 
_pdbx_struct_assembly_prop.details 
1 'ABSA (A^2)' 1120 ? 
1 MORE         -14  ? 
1 'SSA (A^2)'  5340 ? 
2 'ABSA (A^2)' 1170 ? 
2 MORE         -15  ? 
2 'SSA (A^2)'  5330 ? 
3 'ABSA (A^2)' 940  ? 
3 MORE         -13  ? 
3 'SSA (A^2)'  5070 ? 
# 
_pdbx_struct_oper_list.id                   1 
_pdbx_struct_oper_list.type                 'identity operation' 
_pdbx_struct_oper_list.name                 1_555 
_pdbx_struct_oper_list.symmetry_operation   x,y,z 
_pdbx_struct_oper_list.matrix[1][1]         1.0000000000 
_pdbx_struct_oper_list.matrix[1][2]         0.0000000000 
_pdbx_struct_oper_list.matrix[1][3]         0.0000000000 
_pdbx_struct_oper_list.vector[1]            0.0000000000 
_pdbx_struct_oper_list.matrix[2][1]         0.0000000000 
_pdbx_struct_oper_list.matrix[2][2]         1.0000000000 
_pdbx_struct_oper_list.matrix[2][3]         0.0000000000 
_pdbx_struct_oper_list.vector[2]            0.0000000000 
_pdbx_struct_oper_list.matrix[3][1]         0.0000000000 
_pdbx_struct_oper_list.matrix[3][2]         0.0000000000 
_pdbx_struct_oper_list.matrix[3][3]         1.0000000000 
_pdbx_struct_oper_list.vector[3]            0.0000000000 
# 
loop_
_pdbx_audit_revision_history.ordinal 
_pdbx_audit_revision_history.data_content_type 
_pdbx_audit_revision_history.major_revision 
_pdbx_audit_revision_history.minor_revision 
_pdbx_audit_revision_history.revision_date 
1 'Structure model' 1 0 2021-03-31 
2 'Structure model' 2 0 2021-06-16 
3 'Structure model' 2 1 2023-10-18 
# 
_pdbx_audit_revision_details.ordinal             1 
_pdbx_audit_revision_details.revision_ordinal    1 
_pdbx_audit_revision_details.data_content_type   'Structure model' 
_pdbx_audit_revision_details.provider            repository 
_pdbx_audit_revision_details.type                'Initial release' 
_pdbx_audit_revision_details.description         ? 
_pdbx_audit_revision_details.details             ? 
# 
loop_
_pdbx_audit_revision_group.ordinal 
_pdbx_audit_revision_group.revision_ordinal 
_pdbx_audit_revision_group.data_content_type 
_pdbx_audit_revision_group.group 
1 2 'Structure model' 'Atomic model'           
2 2 'Structure model' 'Data collection'        
3 2 'Structure model' 'Derived calculations'   
4 2 'Structure model' 'Structure summary'      
5 3 'Structure model' 'Data collection'        
6 3 'Structure model' 'Database references'    
7 3 'Structure model' 'Refinement description' 
# 
loop_
_pdbx_audit_revision_category.ordinal 
_pdbx_audit_revision_category.revision_ordinal 
_pdbx_audit_revision_category.data_content_type 
_pdbx_audit_revision_category.category 
1  2 'Structure model' atom_site                     
2  2 'Structure model' entity                        
3  2 'Structure model' pdbx_nonpoly_scheme           
4  2 'Structure model' pdbx_struct_assembly_gen      
5  2 'Structure model' pdbx_struct_assembly_prop     
6  2 'Structure model' struct_asym                   
7  2 'Structure model' struct_site_gen               
8  3 'Structure model' chem_comp_atom                
9  3 'Structure model' chem_comp_bond                
10 3 'Structure model' database_2                    
11 3 'Structure model' pdbx_initial_refinement_model 
# 
loop_
_pdbx_audit_revision_item.ordinal 
_pdbx_audit_revision_item.revision_ordinal 
_pdbx_audit_revision_item.data_content_type 
_pdbx_audit_revision_item.item 
1  2 'Structure model' '_atom_site.B_iso_or_equiv'              
2  2 'Structure model' '_atom_site.Cartn_x'                     
3  2 'Structure model' '_atom_site.Cartn_y'                     
4  2 'Structure model' '_atom_site.Cartn_z'                     
5  2 'Structure model' '_atom_site.auth_asym_id'                
6  2 'Structure model' '_atom_site.auth_atom_id'                
7  2 'Structure model' '_atom_site.label_alt_id'                
8  2 'Structure model' '_atom_site.label_asym_id'               
9  2 'Structure model' '_atom_site.label_atom_id'               
10 2 'Structure model' '_atom_site.occupancy'                   
11 2 'Structure model' '_atom_site.type_symbol'                 
12 2 'Structure model' '_entity.pdbx_number_of_molecules'       
13 2 'Structure model' '_pdbx_struct_assembly_gen.asym_id_list' 
14 2 'Structure model' '_pdbx_struct_assembly_prop.value'       
15 2 'Structure model' '_struct_site_gen.label_asym_id'         
16 3 'Structure model' '_database_2.pdbx_DOI'                   
17 3 'Structure model' '_database_2.pdbx_database_accession'    
# 
loop_
_software.citation_id 
_software.classification 
_software.compiler_name 
_software.compiler_version 
_software.contact_author 
_software.contact_author_email 
_software.date 
_software.description 
_software.dependencies 
_software.hardware 
_software.language 
_software.location 
_software.mods 
_software.name 
_software.os 
_software.os_version 
_software.type 
_software.version 
_software.pdbx_ordinal 
? 'data scaling'    ? ? ? ? ? ? ? ? ? ? ? Aimless     ? ? ? 0.7.4                          1 
? refinement        ? ? ? ? ? ? ? ? ? ? ? PHENIX      ? ? ? 1.16_3549                      2 
? 'data extraction' ? ? ? ? ? ? ? ? ? ? ? PDB_EXTRACT ? ? ? 3.25                           3 
? 'data reduction'  ? ? ? ? ? ? ? ? ? ? ? XDS         ? ? ? 'Jan 26, 2018  BUILT=20180319' 4 
? phasing           ? ? ? ? ? ? ? ? ? ? ? PHASER      ? ? ? 2.8.2                          5 
# 
_pdbx_entry_details.entry_id                 6W9Z 
_pdbx_entry_details.has_ligand_of_interest   N 
_pdbx_entry_details.compound_details         ? 
_pdbx_entry_details.source_details           ? 
_pdbx_entry_details.nonpolymer_details       ? 
_pdbx_entry_details.sequence_details         ? 
# 
loop_
_pdbx_unobs_or_zero_occ_residues.id 
_pdbx_unobs_or_zero_occ_residues.PDB_model_num 
_pdbx_unobs_or_zero_occ_residues.polymer_flag 
_pdbx_unobs_or_zero_occ_residues.occupancy_flag 
_pdbx_unobs_or_zero_occ_residues.auth_asym_id 
_pdbx_unobs_or_zero_occ_residues.auth_comp_id 
_pdbx_unobs_or_zero_occ_residues.auth_seq_id 
_pdbx_unobs_or_zero_occ_residues.PDB_ins_code 
_pdbx_unobs_or_zero_occ_residues.label_asym_id 
_pdbx_unobs_or_zero_occ_residues.label_comp_id 
_pdbx_unobs_or_zero_occ_residues.label_seq_id 
1 1 Y 1 A GLU 69 ? A GLU 1 
2 1 Y 1 B GLU 69 ? B GLU 1 
3 1 Y 1 C GLU 69 ? C GLU 1 
4 1 Y 1 E GLU 69 ? E GLU 1 
5 1 Y 1 F GLU 69 ? F GLU 1 
6 1 Y 1 F PRO 70 ? F PRO 2 
7 1 Y 1 F GLU 71 ? F GLU 3 
# 
loop_
_chem_comp_atom.comp_id 
_chem_comp_atom.atom_id 
_chem_comp_atom.type_symbol 
_chem_comp_atom.pdbx_aromatic_flag 
_chem_comp_atom.pdbx_stereo_config 
_chem_comp_atom.pdbx_ordinal 
ALA N    N N N 1   
ALA CA   C N S 2   
ALA C    C N N 3   
ALA O    O N N 4   
ALA CB   C N N 5   
ALA OXT  O N N 6   
ALA H    H N N 7   
ALA H2   H N N 8   
ALA HA   H N N 9   
ALA HB1  H N N 10  
ALA HB2  H N N 11  
ALA HB3  H N N 12  
ALA HXT  H N N 13  
ARG N    N N N 14  
ARG CA   C N S 15  
ARG C    C N N 16  
ARG O    O N N 17  
ARG CB   C N N 18  
ARG CG   C N N 19  
ARG CD   C N N 20  
ARG NE   N N N 21  
ARG CZ   C N N 22  
ARG NH1  N N N 23  
ARG NH2  N N N 24  
ARG OXT  O N N 25  
ARG H    H N N 26  
ARG H2   H N N 27  
ARG HA   H N N 28  
ARG HB2  H N N 29  
ARG HB3  H N N 30  
ARG HG2  H N N 31  
ARG HG3  H N N 32  
ARG HD2  H N N 33  
ARG HD3  H N N 34  
ARG HE   H N N 35  
ARG HH11 H N N 36  
ARG HH12 H N N 37  
ARG HH21 H N N 38  
ARG HH22 H N N 39  
ARG HXT  H N N 40  
GLU N    N N N 41  
GLU CA   C N S 42  
GLU C    C N N 43  
GLU O    O N N 44  
GLU CB   C N N 45  
GLU CG   C N N 46  
GLU CD   C N N 47  
GLU OE1  O N N 48  
GLU OE2  O N N 49  
GLU OXT  O N N 50  
GLU H    H N N 51  
GLU H2   H N N 52  
GLU HA   H N N 53  
GLU HB2  H N N 54  
GLU HB3  H N N 55  
GLU HG2  H N N 56  
GLU HG3  H N N 57  
GLU HE2  H N N 58  
GLU HXT  H N N 59  
GLY N    N N N 60  
GLY CA   C N N 61  
GLY C    C N N 62  
GLY O    O N N 63  
GLY OXT  O N N 64  
GLY H    H N N 65  
GLY H2   H N N 66  
GLY HA2  H N N 67  
GLY HA3  H N N 68  
GLY HXT  H N N 69  
HOH O    O N N 70  
HOH H1   H N N 71  
HOH H2   H N N 72  
ILE N    N N N 73  
ILE CA   C N S 74  
ILE C    C N N 75  
ILE O    O N N 76  
ILE CB   C N S 77  
ILE CG1  C N N 78  
ILE CG2  C N N 79  
ILE CD1  C N N 80  
ILE OXT  O N N 81  
ILE H    H N N 82  
ILE H2   H N N 83  
ILE HA   H N N 84  
ILE HB   H N N 85  
ILE HG12 H N N 86  
ILE HG13 H N N 87  
ILE HG21 H N N 88  
ILE HG22 H N N 89  
ILE HG23 H N N 90  
ILE HD11 H N N 91  
ILE HD12 H N N 92  
ILE HD13 H N N 93  
ILE HXT  H N N 94  
LEU N    N N N 95  
LEU CA   C N S 96  
LEU C    C N N 97  
LEU O    O N N 98  
LEU CB   C N N 99  
LEU CG   C N N 100 
LEU CD1  C N N 101 
LEU CD2  C N N 102 
LEU OXT  O N N 103 
LEU H    H N N 104 
LEU H2   H N N 105 
LEU HA   H N N 106 
LEU HB2  H N N 107 
LEU HB3  H N N 108 
LEU HG   H N N 109 
LEU HD11 H N N 110 
LEU HD12 H N N 111 
LEU HD13 H N N 112 
LEU HD21 H N N 113 
LEU HD22 H N N 114 
LEU HD23 H N N 115 
LEU HXT  H N N 116 
OLB C1   C N N 117 
OLB C2   C N N 118 
OLB C3   C N N 119 
OLB C4   C N N 120 
OLB C5   C N N 121 
OLB O19  O N N 122 
OLB O20  O N N 123 
OLB C21  C N N 124 
OLB C22  C N S 125 
OLB O23  O N N 126 
OLB C24  C N N 127 
OLB O25  O N N 128 
OLB C6   C N N 129 
OLB C7   C N N 130 
OLB C8   C N N 131 
OLB C9   C N N 132 
OLB C10  C N N 133 
OLB C11  C N N 134 
OLB H2   H N N 135 
OLB H2A  H N N 136 
OLB H3   H N N 137 
OLB H3A  H N N 138 
OLB H4   H N N 139 
OLB H4A  H N N 140 
OLB H5   H N N 141 
OLB H5A  H N N 142 
OLB H21  H N N 143 
OLB H21A H N N 144 
OLB H22  H N N 145 
OLB HO23 H N N 146 
OLB H24  H N N 147 
OLB H24A H N N 148 
OLB HO25 H N N 149 
OLB H16  H N N 150 
OLB H17  H N N 151 
OLB H18  H N N 152 
OLB H19  H N N 153 
OLB H20  H N N 154 
OLB H211 H N N 155 
OLB H221 H N N 156 
OLB H23  H N N 157 
OLB H241 H N N 158 
OLB H25  H N N 159 
OLB C12  C N N 160 
OLB H26  H N N 161 
OLB C13  C N N 162 
OLB H27  H N N 163 
OLB C14  C N N 164 
OLB H28  H N N 165 
OLB H29  H N N 166 
OLB H30  H N N 167 
OLB H31  H N N 168 
OLB C15  C N N 169 
OLB C16  C N N 170 
OLB H32  H N N 171 
OLB H33  H N N 172 
OLB H34  H N N 173 
OLB H35  H N N 174 
OLB C17  C N N 175 
OLB C18  C N N 176 
OLB H36  H N N 177 
OLB H37  H N N 178 
OLB H38  H N N 179 
OLB H39  H N N 180 
OLB H40  H N N 181 
PHE N    N N N 182 
PHE CA   C N S 183 
PHE C    C N N 184 
PHE O    O N N 185 
PHE CB   C N N 186 
PHE CG   C Y N 187 
PHE CD1  C Y N 188 
PHE CD2  C Y N 189 
PHE CE1  C Y N 190 
PHE CE2  C Y N 191 
PHE CZ   C Y N 192 
PHE OXT  O N N 193 
PHE H    H N N 194 
PHE H2   H N N 195 
PHE HA   H N N 196 
PHE HB2  H N N 197 
PHE HB3  H N N 198 
PHE HD1  H N N 199 
PHE HD2  H N N 200 
PHE HE1  H N N 201 
PHE HE2  H N N 202 
PHE HZ   H N N 203 
PHE HXT  H N N 204 
PRO N    N N N 205 
PRO CA   C N S 206 
PRO C    C N N 207 
PRO O    O N N 208 
PRO CB   C N N 209 
PRO CG   C N N 210 
PRO CD   C N N 211 
PRO OXT  O N N 212 
PRO H    H N N 213 
PRO HA   H N N 214 
PRO HB2  H N N 215 
PRO HB3  H N N 216 
PRO HG2  H N N 217 
PRO HG3  H N N 218 
PRO HD2  H N N 219 
PRO HD3  H N N 220 
PRO HXT  H N N 221 
SCH N    N N N 222 
SCH CA   C N R 223 
SCH CB   C N N 224 
SCH SG   S N N 225 
SCH SD   S N N 226 
SCH CE   C N N 227 
SCH C    C N N 228 
SCH O    O N N 229 
SCH OXT  O N N 230 
SCH H    H N N 231 
SCH H2   H N N 232 
SCH HA   H N N 233 
SCH HB2  H N N 234 
SCH HB3  H N N 235 
SCH HE1  H N N 236 
SCH HE2  H N N 237 
SCH HE3  H N N 238 
SCH HXT  H N N 239 
THR N    N N N 240 
THR CA   C N S 241 
THR C    C N N 242 
THR O    O N N 243 
THR CB   C N R 244 
THR OG1  O N N 245 
THR CG2  C N N 246 
THR OXT  O N N 247 
THR H    H N N 248 
THR H2   H N N 249 
THR HA   H N N 250 
THR HB   H N N 251 
THR HG1  H N N 252 
THR HG21 H N N 253 
THR HG22 H N N 254 
THR HG23 H N N 255 
THR HXT  H N N 256 
TRP N    N N N 257 
TRP CA   C N S 258 
TRP C    C N N 259 
TRP O    O N N 260 
TRP CB   C N N 261 
TRP CG   C Y N 262 
TRP CD1  C Y N 263 
TRP CD2  C Y N 264 
TRP NE1  N Y N 265 
TRP CE2  C Y N 266 
TRP CE3  C Y N 267 
TRP CZ2  C Y N 268 
TRP CZ3  C Y N 269 
TRP CH2  C Y N 270 
TRP OXT  O N N 271 
TRP H    H N N 272 
TRP H2   H N N 273 
TRP HA   H N N 274 
TRP HB2  H N N 275 
TRP HB3  H N N 276 
TRP HD1  H N N 277 
TRP HE1  H N N 278 
TRP HE3  H N N 279 
TRP HZ2  H N N 280 
TRP HZ3  H N N 281 
TRP HH2  H N N 282 
TRP HXT  H N N 283 
TYR N    N N N 284 
TYR CA   C N S 285 
TYR C    C N N 286 
TYR O    O N N 287 
TYR CB   C N N 288 
TYR CG   C Y N 289 
TYR CD1  C Y N 290 
TYR CD2  C Y N 291 
TYR CE1  C Y N 292 
TYR CE2  C Y N 293 
TYR CZ   C Y N 294 
TYR OH   O N N 295 
TYR OXT  O N N 296 
TYR H    H N N 297 
TYR H2   H N N 298 
TYR HA   H N N 299 
TYR HB2  H N N 300 
TYR HB3  H N N 301 
TYR HD1  H N N 302 
TYR HD2  H N N 303 
TYR HE1  H N N 304 
TYR HE2  H N N 305 
TYR HH   H N N 306 
TYR HXT  H N N 307 
VAL N    N N N 308 
VAL CA   C N S 309 
VAL C    C N N 310 
VAL O    O N N 311 
VAL CB   C N N 312 
VAL CG1  C N N 313 
VAL CG2  C N N 314 
VAL OXT  O N N 315 
VAL H    H N N 316 
VAL H2   H N N 317 
VAL HA   H N N 318 
VAL HB   H N N 319 
VAL HG11 H N N 320 
VAL HG12 H N N 321 
VAL HG13 H N N 322 
VAL HG21 H N N 323 
VAL HG22 H N N 324 
VAL HG23 H N N 325 
VAL HXT  H N N 326 
# 
loop_
_chem_comp_bond.comp_id 
_chem_comp_bond.atom_id_1 
_chem_comp_bond.atom_id_2 
_chem_comp_bond.value_order 
_chem_comp_bond.pdbx_aromatic_flag 
_chem_comp_bond.pdbx_stereo_config 
_chem_comp_bond.pdbx_ordinal 
ALA N   CA   sing N N 1   
ALA N   H    sing N N 2   
ALA N   H2   sing N N 3   
ALA CA  C    sing N N 4   
ALA CA  CB   sing N N 5   
ALA CA  HA   sing N N 6   
ALA C   O    doub N N 7   
ALA C   OXT  sing N N 8   
ALA CB  HB1  sing N N 9   
ALA CB  HB2  sing N N 10  
ALA CB  HB3  sing N N 11  
ALA OXT HXT  sing N N 12  
ARG N   CA   sing N N 13  
ARG N   H    sing N N 14  
ARG N   H2   sing N N 15  
ARG CA  C    sing N N 16  
ARG CA  CB   sing N N 17  
ARG CA  HA   sing N N 18  
ARG C   O    doub N N 19  
ARG C   OXT  sing N N 20  
ARG CB  CG   sing N N 21  
ARG CB  HB2  sing N N 22  
ARG CB  HB3  sing N N 23  
ARG CG  CD   sing N N 24  
ARG CG  HG2  sing N N 25  
ARG CG  HG3  sing N N 26  
ARG CD  NE   sing N N 27  
ARG CD  HD2  sing N N 28  
ARG CD  HD3  sing N N 29  
ARG NE  CZ   sing N N 30  
ARG NE  HE   sing N N 31  
ARG CZ  NH1  sing N N 32  
ARG CZ  NH2  doub N N 33  
ARG NH1 HH11 sing N N 34  
ARG NH1 HH12 sing N N 35  
ARG NH2 HH21 sing N N 36  
ARG NH2 HH22 sing N N 37  
ARG OXT HXT  sing N N 38  
GLU N   CA   sing N N 39  
GLU N   H    sing N N 40  
GLU N   H2   sing N N 41  
GLU CA  C    sing N N 42  
GLU CA  CB   sing N N 43  
GLU CA  HA   sing N N 44  
GLU C   O    doub N N 45  
GLU C   OXT  sing N N 46  
GLU CB  CG   sing N N 47  
GLU CB  HB2  sing N N 48  
GLU CB  HB3  sing N N 49  
GLU CG  CD   sing N N 50  
GLU CG  HG2  sing N N 51  
GLU CG  HG3  sing N N 52  
GLU CD  OE1  doub N N 53  
GLU CD  OE2  sing N N 54  
GLU OE2 HE2  sing N N 55  
GLU OXT HXT  sing N N 56  
GLY N   CA   sing N N 57  
GLY N   H    sing N N 58  
GLY N   H2   sing N N 59  
GLY CA  C    sing N N 60  
GLY CA  HA2  sing N N 61  
GLY CA  HA3  sing N N 62  
GLY C   O    doub N N 63  
GLY C   OXT  sing N N 64  
GLY OXT HXT  sing N N 65  
HOH O   H1   sing N N 66  
HOH O   H2   sing N N 67  
ILE N   CA   sing N N 68  
ILE N   H    sing N N 69  
ILE N   H2   sing N N 70  
ILE CA  C    sing N N 71  
ILE CA  CB   sing N N 72  
ILE CA  HA   sing N N 73  
ILE C   O    doub N N 74  
ILE C   OXT  sing N N 75  
ILE CB  CG1  sing N N 76  
ILE CB  CG2  sing N N 77  
ILE CB  HB   sing N N 78  
ILE CG1 CD1  sing N N 79  
ILE CG1 HG12 sing N N 80  
ILE CG1 HG13 sing N N 81  
ILE CG2 HG21 sing N N 82  
ILE CG2 HG22 sing N N 83  
ILE CG2 HG23 sing N N 84  
ILE CD1 HD11 sing N N 85  
ILE CD1 HD12 sing N N 86  
ILE CD1 HD13 sing N N 87  
ILE OXT HXT  sing N N 88  
LEU N   CA   sing N N 89  
LEU N   H    sing N N 90  
LEU N   H2   sing N N 91  
LEU CA  C    sing N N 92  
LEU CA  CB   sing N N 93  
LEU CA  HA   sing N N 94  
LEU C   O    doub N N 95  
LEU C   OXT  sing N N 96  
LEU CB  CG   sing N N 97  
LEU CB  HB2  sing N N 98  
LEU CB  HB3  sing N N 99  
LEU CG  CD1  sing N N 100 
LEU CG  CD2  sing N N 101 
LEU CG  HG   sing N N 102 
LEU CD1 HD11 sing N N 103 
LEU CD1 HD12 sing N N 104 
LEU CD1 HD13 sing N N 105 
LEU CD2 HD21 sing N N 106 
LEU CD2 HD22 sing N N 107 
LEU CD2 HD23 sing N N 108 
LEU OXT HXT  sing N N 109 
OLB C1  O19  doub N N 110 
OLB C1  O20  sing N N 111 
OLB C2  C1   sing N N 112 
OLB C3  C2   sing N N 113 
OLB C4  C3   sing N N 114 
OLB C5  C4   sing N N 115 
OLB C5  C6   sing N N 116 
OLB O20 C21  sing N N 117 
OLB C21 C22  sing N N 118 
OLB C22 C24  sing N N 119 
OLB O23 C22  sing N N 120 
OLB C24 O25  sing N N 121 
OLB C6  C7   sing N N 122 
OLB C7  C8   sing N N 123 
OLB C8  C9   sing N N 124 
OLB C9  C10  doub N Z 125 
OLB C10 C11  sing N N 126 
OLB C2  H2   sing N N 127 
OLB C2  H2A  sing N N 128 
OLB C3  H3   sing N N 129 
OLB C3  H3A  sing N N 130 
OLB C4  H4   sing N N 131 
OLB C4  H4A  sing N N 132 
OLB C5  H5   sing N N 133 
OLB C5  H5A  sing N N 134 
OLB C21 H21  sing N N 135 
OLB C21 H21A sing N N 136 
OLB C22 H22  sing N N 137 
OLB O23 HO23 sing N N 138 
OLB C24 H24  sing N N 139 
OLB C24 H24A sing N N 140 
OLB O25 HO25 sing N N 141 
OLB C6  H16  sing N N 142 
OLB C6  H17  sing N N 143 
OLB C7  H18  sing N N 144 
OLB C7  H19  sing N N 145 
OLB C8  H20  sing N N 146 
OLB C8  H211 sing N N 147 
OLB C9  H221 sing N N 148 
OLB C10 H23  sing N N 149 
OLB C11 H241 sing N N 150 
OLB C11 H25  sing N N 151 
OLB C11 C12  sing N N 152 
OLB C12 H26  sing N N 153 
OLB C12 C13  sing N N 154 
OLB C12 H27  sing N N 155 
OLB C13 C14  sing N N 156 
OLB C13 H28  sing N N 157 
OLB C13 H29  sing N N 158 
OLB C14 H30  sing N N 159 
OLB C14 H31  sing N N 160 
OLB C14 C15  sing N N 161 
OLB C15 C16  sing N N 162 
OLB C15 H32  sing N N 163 
OLB C15 H33  sing N N 164 
OLB C16 H34  sing N N 165 
OLB C16 H35  sing N N 166 
OLB C16 C17  sing N N 167 
OLB C17 C18  sing N N 168 
OLB C17 H36  sing N N 169 
OLB C17 H37  sing N N 170 
OLB C18 H38  sing N N 171 
OLB C18 H39  sing N N 172 
OLB C18 H40  sing N N 173 
PHE N   CA   sing N N 174 
PHE N   H    sing N N 175 
PHE N   H2   sing N N 176 
PHE CA  C    sing N N 177 
PHE CA  CB   sing N N 178 
PHE CA  HA   sing N N 179 
PHE C   O    doub N N 180 
PHE C   OXT  sing N N 181 
PHE CB  CG   sing N N 182 
PHE CB  HB2  sing N N 183 
PHE CB  HB3  sing N N 184 
PHE CG  CD1  doub Y N 185 
PHE CG  CD2  sing Y N 186 
PHE CD1 CE1  sing Y N 187 
PHE CD1 HD1  sing N N 188 
PHE CD2 CE2  doub Y N 189 
PHE CD2 HD2  sing N N 190 
PHE CE1 CZ   doub Y N 191 
PHE CE1 HE1  sing N N 192 
PHE CE2 CZ   sing Y N 193 
PHE CE2 HE2  sing N N 194 
PHE CZ  HZ   sing N N 195 
PHE OXT HXT  sing N N 196 
PRO N   CA   sing N N 197 
PRO N   CD   sing N N 198 
PRO N   H    sing N N 199 
PRO CA  C    sing N N 200 
PRO CA  CB   sing N N 201 
PRO CA  HA   sing N N 202 
PRO C   O    doub N N 203 
PRO C   OXT  sing N N 204 
PRO CB  CG   sing N N 205 
PRO CB  HB2  sing N N 206 
PRO CB  HB3  sing N N 207 
PRO CG  CD   sing N N 208 
PRO CG  HG2  sing N N 209 
PRO CG  HG3  sing N N 210 
PRO CD  HD2  sing N N 211 
PRO CD  HD3  sing N N 212 
PRO OXT HXT  sing N N 213 
SCH N   CA   sing N N 214 
SCH N   H    sing N N 215 
SCH N   H2   sing N N 216 
SCH CA  CB   sing N N 217 
SCH CA  C    sing N N 218 
SCH CA  HA   sing N N 219 
SCH CB  SG   sing N N 220 
SCH CB  HB2  sing N N 221 
SCH CB  HB3  sing N N 222 
SCH SG  SD   sing N N 223 
SCH SD  CE   sing N N 224 
SCH CE  HE1  sing N N 225 
SCH CE  HE2  sing N N 226 
SCH CE  HE3  sing N N 227 
SCH C   O    doub N N 228 
SCH C   OXT  sing N N 229 
SCH OXT HXT  sing N N 230 
THR N   CA   sing N N 231 
THR N   H    sing N N 232 
THR N   H2   sing N N 233 
THR CA  C    sing N N 234 
THR CA  CB   sing N N 235 
THR CA  HA   sing N N 236 
THR C   O    doub N N 237 
THR C   OXT  sing N N 238 
THR CB  OG1  sing N N 239 
THR CB  CG2  sing N N 240 
THR CB  HB   sing N N 241 
THR OG1 HG1  sing N N 242 
THR CG2 HG21 sing N N 243 
THR CG2 HG22 sing N N 244 
THR CG2 HG23 sing N N 245 
THR OXT HXT  sing N N 246 
TRP N   CA   sing N N 247 
TRP N   H    sing N N 248 
TRP N   H2   sing N N 249 
TRP CA  C    sing N N 250 
TRP CA  CB   sing N N 251 
TRP CA  HA   sing N N 252 
TRP C   O    doub N N 253 
TRP C   OXT  sing N N 254 
TRP CB  CG   sing N N 255 
TRP CB  HB2  sing N N 256 
TRP CB  HB3  sing N N 257 
TRP CG  CD1  doub Y N 258 
TRP CG  CD2  sing Y N 259 
TRP CD1 NE1  sing Y N 260 
TRP CD1 HD1  sing N N 261 
TRP CD2 CE2  doub Y N 262 
TRP CD2 CE3  sing Y N 263 
TRP NE1 CE2  sing Y N 264 
TRP NE1 HE1  sing N N 265 
TRP CE2 CZ2  sing Y N 266 
TRP CE3 CZ3  doub Y N 267 
TRP CE3 HE3  sing N N 268 
TRP CZ2 CH2  doub Y N 269 
TRP CZ2 HZ2  sing N N 270 
TRP CZ3 CH2  sing Y N 271 
TRP CZ3 HZ3  sing N N 272 
TRP CH2 HH2  sing N N 273 
TRP OXT HXT  sing N N 274 
TYR N   CA   sing N N 275 
TYR N   H    sing N N 276 
TYR N   H2   sing N N 277 
TYR CA  C    sing N N 278 
TYR CA  CB   sing N N 279 
TYR CA  HA   sing N N 280 
TYR C   O    doub N N 281 
TYR C   OXT  sing N N 282 
TYR CB  CG   sing N N 283 
TYR CB  HB2  sing N N 284 
TYR CB  HB3  sing N N 285 
TYR CG  CD1  doub Y N 286 
TYR CG  CD2  sing Y N 287 
TYR CD1 CE1  sing Y N 288 
TYR CD1 HD1  sing N N 289 
TYR CD2 CE2  doub Y N 290 
TYR CD2 HD2  sing N N 291 
TYR CE1 CZ   doub Y N 292 
TYR CE1 HE1  sing N N 293 
TYR CE2 CZ   sing Y N 294 
TYR CE2 HE2  sing N N 295 
TYR CZ  OH   sing N N 296 
TYR OH  HH   sing N N 297 
TYR OXT HXT  sing N N 298 
VAL N   CA   sing N N 299 
VAL N   H    sing N N 300 
VAL N   H2   sing N N 301 
VAL CA  C    sing N N 302 
VAL CA  CB   sing N N 303 
VAL CA  HA   sing N N 304 
VAL C   O    doub N N 305 
VAL C   OXT  sing N N 306 
VAL CB  CG1  sing N N 307 
VAL CB  CG2  sing N N 308 
VAL CB  HB   sing N N 309 
VAL CG1 HG11 sing N N 310 
VAL CG1 HG12 sing N N 311 
VAL CG1 HG13 sing N N 312 
VAL CG2 HG21 sing N N 313 
VAL CG2 HG22 sing N N 314 
VAL CG2 HG23 sing N N 315 
VAL OXT HXT  sing N N 316 
# 
_pdbx_audit_support.funding_organization   'National Health and Medical Research Council (NHMRC, Australia)' 
_pdbx_audit_support.country                Australia 
_pdbx_audit_support.grant_number           APP1158249 
_pdbx_audit_support.ordinal                1 
# 
loop_
_pdbx_entity_nonpoly.entity_id 
_pdbx_entity_nonpoly.name 
_pdbx_entity_nonpoly.comp_id 
2 '(2S)-2,3-dihydroxypropyl (9Z)-octadec-9-enoate' OLB 
3 water                                            HOH 
# 
_pdbx_initial_refinement_model.id               1 
_pdbx_initial_refinement_model.entity_id_list   ? 
_pdbx_initial_refinement_model.type             'experimental model' 
_pdbx_initial_refinement_model.source_name      PDB 
_pdbx_initial_refinement_model.accession_code   5EH6 
_pdbx_initial_refinement_model.details          ? 
# 
loop_
_pdbx_struct_assembly_auth_evidence.id 
_pdbx_struct_assembly_auth_evidence.assembly_id 
_pdbx_struct_assembly_auth_evidence.experimental_support 
_pdbx_struct_assembly_auth_evidence.details 
1 1 'assay for oligomerization'  'deep sequencing - ToxCAT - beta-Lactamase assay for oligomerisation in E.coli membrane' 
2 1 'native gel electrophoresis' 'Heat stable oligomers by SDS-PAGE.'                                                     
# 
